data_3VGV
#
_entry.id   3VGV
#
_cell.length_a   112.165
_cell.length_b   92.017
_cell.length_c   113.613
_cell.angle_alpha   90.00
_cell.angle_beta   94.72
_cell.angle_gamma   90.00
#
_symmetry.space_group_name_H-M   'P 1 21 1'
#
loop_
_entity.id
_entity.type
_entity.pdbx_description
1 polymer 'Nucleoside diphosphate kinase'
2 water water
#
_entity_poly.entity_id   1
_entity_poly.type   'polypeptide(L)'
_entity_poly.pdbx_seq_one_letter_code
;MATERTLSIIKPDAVAKNVIGEIESRFEKAGLKIVAAKMLQLSQEQAEGFYAEHKERPFFGDLVGFMTSGPVVVQVLEGE
NAIAANRDLMGATNPKEAEAGTIRADYAQSIDANAVHGSDSPESAAREIAYFFAESEICSR
;
_entity_poly.pdbx_strand_id   A,B,C,D,E,F,G,H,I,J,K,L,M,N,O,P
#
# COMPACT_ATOMS: atom_id res chain seq x y z
N ALA A 2 -22.19 -11.71 17.50
CA ALA A 2 -21.50 -12.17 18.75
C ALA A 2 -20.34 -11.24 19.11
N THR A 3 -19.92 -11.29 20.37
CA THR A 3 -18.74 -10.56 20.83
C THR A 3 -17.49 -11.31 20.42
N GLU A 4 -16.86 -10.86 19.33
CA GLU A 4 -15.58 -11.40 18.91
C GLU A 4 -14.42 -10.45 19.15
N ARG A 5 -13.20 -11.00 19.04
CA ARG A 5 -11.98 -10.24 19.12
C ARG A 5 -11.32 -10.26 17.78
N THR A 6 -10.48 -9.27 17.52
CA THR A 6 -9.71 -9.22 16.30
C THR A 6 -8.33 -8.57 16.56
N LEU A 7 -7.35 -8.88 15.70
CA LEU A 7 -6.05 -8.19 15.75
C LEU A 7 -6.04 -6.93 14.88
N SER A 8 -5.54 -5.83 15.46
CA SER A 8 -5.40 -4.56 14.76
C SER A 8 -3.96 -4.12 14.84
N ILE A 9 -3.41 -3.60 13.77
CA ILE A 9 -2.09 -2.98 13.86
C ILE A 9 -2.13 -1.60 13.25
N ILE A 10 -1.50 -0.64 13.91
CA ILE A 10 -1.34 0.65 13.31
C ILE A 10 0.09 0.62 12.78
N LYS A 11 0.21 0.62 11.47
CA LYS A 11 1.46 0.40 10.74
C LYS A 11 2.34 1.63 10.77
N PRO A 12 3.66 1.45 10.53
CA PRO A 12 4.65 2.54 10.69
C PRO A 12 4.27 3.92 10.09
N ASP A 13 3.75 3.93 8.86
CA ASP A 13 3.36 5.21 8.25
C ASP A 13 2.41 6.03 9.16
N ALA A 14 1.43 5.39 9.80
CA ALA A 14 0.46 6.15 10.57
C ALA A 14 1.07 6.58 11.89
N VAL A 15 1.78 5.66 12.50
CA VAL A 15 2.47 5.96 13.73
C VAL A 15 3.47 7.06 13.48
N ALA A 16 4.15 7.06 12.33
CA ALA A 16 5.15 8.10 12.06
C ALA A 16 4.55 9.52 12.01
N LYS A 17 3.34 9.63 11.48
CA LYS A 17 2.68 10.95 11.51
C LYS A 17 1.77 11.29 12.74
N ASN A 18 1.97 10.58 13.85
CA ASN A 18 1.26 10.83 15.10
C ASN A 18 -0.26 10.92 14.99
N VAL A 19 -0.87 9.94 14.33
CA VAL A 19 -2.33 9.93 14.22
C VAL A 19 -2.92 8.75 14.93
N ILE A 20 -2.15 8.18 15.82
CA ILE A 20 -2.59 7.09 16.68
C ILE A 20 -3.92 7.44 17.38
N GLY A 21 -4.01 8.65 17.93
CA GLY A 21 -5.25 9.10 18.53
C GLY A 21 -6.45 8.99 17.61
N GLU A 22 -6.31 9.59 16.43
CA GLU A 22 -7.44 9.72 15.52
C GLU A 22 -7.98 8.37 15.05
N ILE A 23 -7.09 7.43 14.77
CA ILE A 23 -7.49 6.08 14.36
C ILE A 23 -8.10 5.34 15.53
N GLU A 24 -7.40 5.27 16.67
CA GLU A 24 -8.01 4.76 17.93
C GLU A 24 -9.42 5.32 18.20
N SER A 25 -9.59 6.63 18.13
CA SER A 25 -10.93 7.17 18.32
C SER A 25 -11.92 6.62 17.34
N ARG A 26 -11.44 6.23 16.15
CA ARG A 26 -12.31 5.64 15.16
C ARG A 26 -12.97 4.35 15.63
N PHE A 27 -12.16 3.46 16.23
CA PHE A 27 -12.65 2.19 16.72
C PHE A 27 -13.60 2.37 17.88
N GLU A 28 -13.18 3.17 18.85
CA GLU A 28 -13.95 3.41 20.06
C GLU A 28 -15.30 3.98 19.70
N LYS A 29 -15.35 4.88 18.72
CA LYS A 29 -16.61 5.53 18.40
C LYS A 29 -17.50 4.60 17.57
N ALA A 30 -16.86 3.70 16.84
CA ALA A 30 -17.57 2.67 16.09
C ALA A 30 -18.17 1.57 16.98
N GLY A 31 -17.81 1.54 18.25
CA GLY A 31 -18.36 0.57 19.17
C GLY A 31 -17.34 -0.47 19.57
N LEU A 32 -16.17 -0.42 18.95
CA LEU A 32 -15.09 -1.35 19.27
C LEU A 32 -14.34 -0.96 20.55
N LYS A 33 -13.60 -1.90 21.12
CA LYS A 33 -12.85 -1.60 22.37
C LYS A 33 -11.46 -2.15 22.32
N ILE A 34 -10.50 -1.32 22.74
CA ILE A 34 -9.10 -1.66 22.80
C ILE A 34 -8.88 -2.46 24.08
N VAL A 35 -8.80 -3.77 23.90
CA VAL A 35 -8.72 -4.66 25.04
C VAL A 35 -7.34 -5.20 25.31
N ALA A 36 -6.40 -4.86 24.43
CA ALA A 36 -4.99 -5.11 24.64
C ALA A 36 -4.19 -4.33 23.62
N ALA A 37 -3.04 -3.78 24.04
CA ALA A 37 -2.20 -2.99 23.13
C ALA A 37 -0.75 -2.94 23.58
N LYS A 38 0.15 -2.85 22.59
CA LYS A 38 1.55 -2.50 22.81
C LYS A 38 2.19 -1.91 21.54
N MET A 39 3.04 -0.91 21.76
CA MET A 39 3.83 -0.32 20.73
C MET A 39 5.08 -1.15 20.74
N LEU A 40 5.65 -1.36 19.56
CA LEU A 40 6.89 -2.06 19.47
C LEU A 40 7.44 -2.03 18.07
N GLN A 41 8.76 -2.19 17.97
CA GLN A 41 9.43 -2.23 16.71
C GLN A 41 9.59 -3.69 16.28
N LEU A 42 8.93 -4.09 15.21
CA LEU A 42 9.04 -5.48 14.79
C LEU A 42 10.40 -5.80 14.16
N SER A 43 11.01 -6.90 14.61
CA SER A 43 12.23 -7.44 14.01
C SER A 43 11.91 -8.17 12.70
N GLN A 44 12.95 -8.54 11.96
CA GLN A 44 12.74 -9.37 10.76
C GLN A 44 11.83 -10.60 10.98
N GLU A 45 12.22 -11.47 11.91
CA GLU A 45 11.57 -12.75 12.17
C GLU A 45 10.19 -12.51 12.65
N GLN A 46 10.05 -11.50 13.50
CA GLN A 46 8.77 -11.14 14.07
C GLN A 46 7.75 -10.84 12.95
N ALA A 47 8.13 -9.93 12.04
CA ALA A 47 7.33 -9.64 10.85
C ALA A 47 7.12 -10.89 9.97
N GLU A 48 8.19 -11.61 9.65
CA GLU A 48 8.08 -12.82 8.79
C GLU A 48 7.27 -13.89 9.49
N GLY A 49 7.53 -14.05 10.78
CA GLY A 49 6.78 -14.94 11.63
C GLY A 49 5.33 -14.61 11.53
N PHE A 50 4.98 -13.33 11.68
CA PHE A 50 3.56 -12.92 11.68
C PHE A 50 2.84 -13.10 10.36
N TYR A 51 3.55 -12.84 9.27
CA TYR A 51 2.97 -12.97 7.95
C TYR A 51 3.20 -14.37 7.38
N ALA A 52 2.70 -15.36 8.13
CA ALA A 52 3.06 -16.77 7.92
C ALA A 52 2.39 -17.37 6.69
N GLU A 53 1.09 -17.05 6.51
CA GLU A 53 0.34 -17.45 5.30
C GLU A 53 0.73 -16.71 4.00
N HIS A 54 1.96 -16.18 3.89
CA HIS A 54 2.44 -15.54 2.64
C HIS A 54 3.85 -16.00 2.28
N PHE A 59 6.63 -9.63 -3.44
CA PHE A 59 5.82 -8.67 -2.69
C PHE A 59 5.99 -8.86 -1.17
N PHE A 60 6.01 -10.11 -0.75
CA PHE A 60 6.33 -10.52 0.62
C PHE A 60 7.49 -9.68 1.12
N GLY A 61 8.64 -9.80 0.49
CA GLY A 61 9.81 -9.04 0.90
C GLY A 61 9.56 -7.55 1.05
N ASP A 62 8.53 -7.06 0.35
CA ASP A 62 8.12 -5.65 0.39
C ASP A 62 7.29 -5.36 1.65
N LEU A 63 6.25 -6.18 1.86
CA LEU A 63 5.40 -6.17 3.07
C LEU A 63 6.21 -6.19 4.38
N VAL A 64 7.04 -7.22 4.50
CA VAL A 64 7.97 -7.37 5.60
C VAL A 64 8.83 -6.12 5.77
N GLY A 65 9.33 -5.59 4.67
CA GLY A 65 10.23 -4.44 4.68
C GLY A 65 9.59 -3.19 5.22
N PHE A 66 8.31 -2.99 4.87
CA PHE A 66 7.55 -1.84 5.34
C PHE A 66 7.13 -2.04 6.79
N MET A 67 6.48 -3.18 7.09
CA MET A 67 6.12 -3.55 8.46
C MET A 67 7.24 -3.55 9.51
N THR A 68 8.48 -3.34 9.10
CA THR A 68 9.62 -3.25 10.04
C THR A 68 10.39 -1.94 9.92
N SER A 69 9.88 -1.05 9.07
CA SER A 69 10.57 0.19 8.79
C SER A 69 10.48 1.16 9.95
N GLY A 70 9.71 0.81 11.00
CA GLY A 70 9.49 1.72 12.15
C GLY A 70 8.43 1.23 13.14
N PRO A 71 8.24 1.96 14.27
CA PRO A 71 7.43 1.40 15.32
C PRO A 71 5.98 1.27 14.89
N VAL A 72 5.26 0.35 15.53
CA VAL A 72 3.89 0.11 15.16
C VAL A 72 3.11 -0.06 16.46
N VAL A 73 1.77 -0.03 16.42
CA VAL A 73 0.98 -0.40 17.61
C VAL A 73 0.15 -1.66 17.31
N VAL A 74 0.48 -2.77 17.97
CA VAL A 74 -0.32 -3.98 17.76
C VAL A 74 -1.34 -4.06 18.89
N GLN A 75 -2.53 -4.56 18.59
CA GLN A 75 -3.59 -4.52 19.57
C GLN A 75 -4.78 -5.42 19.21
N VAL A 76 -5.61 -5.69 20.21
CA VAL A 76 -6.83 -6.49 20.06
C VAL A 76 -8.04 -5.59 20.26
N LEU A 77 -8.97 -5.67 19.31
CA LEU A 77 -10.21 -4.93 19.39
C LEU A 77 -11.29 -5.93 19.67
N GLU A 78 -12.19 -5.58 20.58
CA GLU A 78 -13.30 -6.43 20.97
C GLU A 78 -14.61 -5.69 20.78
N GLY A 79 -15.68 -6.48 20.55
CA GLY A 79 -17.04 -5.97 20.47
C GLY A 79 -17.80 -6.67 19.37
N GLU A 80 -19.11 -6.41 19.29
CA GLU A 80 -20.06 -7.09 18.40
C GLU A 80 -19.61 -7.10 16.93
N ASN A 81 -19.42 -8.30 16.39
CA ASN A 81 -18.97 -8.44 15.02
C ASN A 81 -17.61 -7.77 14.74
N ALA A 82 -16.80 -7.57 15.78
CA ALA A 82 -15.55 -6.79 15.68
C ALA A 82 -14.69 -7.05 14.43
N ILE A 83 -14.66 -8.31 13.98
CA ILE A 83 -13.74 -8.73 12.90
C ILE A 83 -14.03 -8.05 11.56
N ALA A 84 -15.30 -8.13 11.16
CA ALA A 84 -15.78 -7.46 9.98
C ALA A 84 -16.00 -5.95 10.20
N ALA A 85 -16.39 -5.52 11.41
CA ALA A 85 -16.54 -4.11 11.66
C ALA A 85 -15.20 -3.41 11.52
N ASN A 86 -14.14 -4.08 11.94
CA ASN A 86 -12.82 -3.55 11.79
C ASN A 86 -12.51 -3.42 10.30
N ARG A 87 -13.12 -4.29 9.50
CA ARG A 87 -12.90 -4.30 8.07
C ARG A 87 -13.66 -3.19 7.34
N ASP A 88 -14.95 -3.11 7.61
CA ASP A 88 -15.82 -2.09 7.06
C ASP A 88 -15.26 -0.72 7.43
N LEU A 89 -14.58 -0.65 8.57
CA LEU A 89 -14.03 0.57 9.10
C LEU A 89 -12.75 0.96 8.39
N MET A 90 -11.87 -0.02 8.20
CA MET A 90 -10.57 0.23 7.62
C MET A 90 -10.74 0.63 6.19
N GLY A 91 -11.74 0.04 5.55
CA GLY A 91 -12.01 0.24 4.11
C GLY A 91 -11.16 -0.70 3.28
N ALA A 92 -11.25 -0.56 1.95
CA ALA A 92 -10.53 -1.43 1.04
C ALA A 92 -9.05 -1.38 1.35
N THR A 93 -8.36 -2.51 1.18
CA THR A 93 -6.91 -2.64 1.48
C THR A 93 -6.07 -1.61 0.74
N ASN A 94 -6.54 -1.25 -0.47
CA ASN A 94 -5.92 -0.18 -1.24
C ASN A 94 -6.71 1.11 -1.03
N PRO A 95 -6.03 2.15 -0.52
CA PRO A 95 -6.60 3.48 -0.28
C PRO A 95 -7.05 4.22 -1.56
N LYS A 96 -6.32 3.99 -2.67
CA LYS A 96 -6.77 4.48 -3.98
C LYS A 96 -8.11 3.83 -4.41
N GLU A 97 -8.80 3.15 -3.49
CA GLU A 97 -10.13 2.65 -3.83
C GLU A 97 -11.07 2.57 -2.65
N ALA A 98 -10.53 2.84 -1.46
CA ALA A 98 -11.28 2.78 -0.23
C ALA A 98 -12.27 3.91 -0.25
N GLU A 99 -13.50 3.65 0.22
CA GLU A 99 -14.52 4.68 0.20
C GLU A 99 -14.09 5.85 1.10
N ALA A 100 -14.54 7.05 0.77
CA ALA A 100 -14.27 8.21 1.62
C ALA A 100 -14.77 7.99 3.05
N GLY A 101 -13.89 8.26 4.03
CA GLY A 101 -14.24 8.18 5.44
C GLY A 101 -13.57 7.00 6.11
N THR A 102 -13.38 5.92 5.38
CA THR A 102 -12.68 4.76 5.90
C THR A 102 -11.25 5.12 6.29
N ILE A 103 -10.72 4.44 7.31
CA ILE A 103 -9.40 4.75 7.86
C ILE A 103 -8.36 4.85 6.77
N ARG A 104 -8.43 3.92 5.84
CA ARG A 104 -7.39 3.77 4.85
C ARG A 104 -7.37 4.90 3.84
N ALA A 105 -8.52 5.27 3.31
CA ALA A 105 -8.65 6.43 2.40
C ALA A 105 -8.16 7.74 3.03
N ASP A 106 -8.49 7.91 4.31
CA ASP A 106 -8.24 9.13 5.03
C ASP A 106 -6.81 9.26 5.48
N TYR A 107 -6.12 8.15 5.76
CA TYR A 107 -4.76 8.18 6.30
C TYR A 107 -3.73 7.58 5.36
N ALA A 108 -4.18 6.77 4.43
CA ALA A 108 -3.24 6.00 3.64
C ALA A 108 -2.95 6.60 2.27
N GLN A 109 -1.67 6.50 1.92
CA GLN A 109 -1.13 6.86 0.61
C GLN A 109 -1.34 5.74 -0.44
N SER A 110 -0.71 4.60 -0.17
CA SER A 110 -0.63 3.47 -1.10
C SER A 110 -1.12 2.19 -0.42
N ILE A 111 -1.23 1.11 -1.19
CA ILE A 111 -1.56 -0.21 -0.66
C ILE A 111 -0.34 -0.82 0.09
N ASP A 112 0.84 -0.24 -0.18
CA ASP A 112 2.06 -0.63 0.48
C ASP A 112 2.15 0.02 1.87
N ALA A 113 1.66 1.25 2.00
CA ALA A 113 1.53 1.89 3.30
C ALA A 113 0.06 2.26 3.60
N ASN A 114 -0.74 1.29 4.05
CA ASN A 114 -2.16 1.53 4.20
C ASN A 114 -2.65 1.78 5.62
N ALA A 115 -1.78 2.38 6.44
CA ALA A 115 -2.12 2.85 7.78
C ALA A 115 -2.50 1.76 8.78
N VAL A 116 -3.49 0.93 8.46
CA VAL A 116 -3.94 -0.14 9.36
C VAL A 116 -3.87 -1.60 8.81
N HIS A 117 -4.07 -2.54 9.73
CA HIS A 117 -4.18 -3.95 9.45
C HIS A 117 -5.34 -4.51 10.28
N GLY A 118 -5.89 -5.65 9.87
CA GLY A 118 -7.01 -6.25 10.57
C GLY A 118 -7.28 -7.70 10.22
N SER A 119 -7.18 -8.58 11.22
CA SER A 119 -7.59 -9.96 11.10
C SER A 119 -8.63 -10.12 10.03
N ASP A 120 -8.31 -10.85 8.97
CA ASP A 120 -9.19 -10.99 7.82
C ASP A 120 -10.30 -12.07 7.95
N SER A 121 -10.34 -12.77 9.10
CA SER A 121 -11.30 -13.87 9.33
C SER A 121 -11.23 -14.39 10.77
N PRO A 122 -12.28 -15.12 11.23
CA PRO A 122 -12.23 -15.70 12.56
C PRO A 122 -11.01 -16.56 12.82
N GLU A 123 -10.71 -17.42 11.85
CA GLU A 123 -9.55 -18.31 11.94
C GLU A 123 -8.23 -17.55 11.90
N SER A 124 -8.22 -16.41 11.20
CA SER A 124 -7.02 -15.61 11.07
C SER A 124 -6.85 -14.73 12.30
N ALA A 125 -7.97 -14.37 12.92
CA ALA A 125 -7.98 -13.57 14.14
C ALA A 125 -7.31 -14.32 15.28
N ALA A 126 -7.86 -15.48 15.62
CA ALA A 126 -7.32 -16.29 16.71
C ALA A 126 -5.82 -16.48 16.54
N ARG A 127 -5.42 -16.84 15.31
CA ARG A 127 -4.01 -17.06 15.03
C ARG A 127 -3.27 -15.77 15.35
N GLU A 128 -3.70 -14.67 14.72
CA GLU A 128 -3.04 -13.37 14.83
C GLU A 128 -2.93 -12.79 16.23
N ILE A 129 -4.05 -12.75 16.96
CA ILE A 129 -4.10 -12.40 18.38
C ILE A 129 -3.09 -13.20 19.20
N ALA A 130 -3.19 -14.53 19.13
CA ALA A 130 -2.33 -15.41 19.91
C ALA A 130 -0.83 -15.23 19.63
N TYR A 131 -0.51 -14.68 18.47
CA TYR A 131 0.88 -14.59 18.06
C TYR A 131 1.61 -13.45 18.73
N PHE A 132 0.86 -12.41 19.09
CA PHE A 132 1.41 -11.18 19.66
C PHE A 132 1.08 -11.04 21.13
N PHE A 133 0.00 -11.68 21.54
CA PHE A 133 -0.46 -11.52 22.88
C PHE A 133 -0.68 -12.83 23.61
N ALA A 134 -0.32 -12.82 24.89
CA ALA A 134 -0.73 -13.84 25.83
C ALA A 134 -2.15 -13.53 26.22
N GLU A 135 -2.93 -14.57 26.48
CA GLU A 135 -4.27 -14.33 27.00
C GLU A 135 -4.30 -13.38 28.20
N SER A 136 -3.37 -13.52 29.12
CA SER A 136 -3.35 -12.73 30.31
C SER A 136 -3.03 -11.24 30.05
N GLU A 137 -2.66 -10.86 28.80
CA GLU A 137 -2.44 -9.46 28.45
C GLU A 137 -3.66 -8.79 27.78
N ILE A 138 -4.72 -9.58 27.59
CA ILE A 138 -6.02 -9.16 27.08
C ILE A 138 -7.06 -9.13 28.24
N CYS A 139 -7.51 -7.94 28.62
CA CYS A 139 -8.44 -7.77 29.76
C CYS A 139 -9.76 -7.24 29.25
N SER A 140 -10.69 -8.14 28.91
CA SER A 140 -12.03 -7.76 28.43
C SER A 140 -12.81 -6.84 29.40
N ARG A 141 -13.84 -6.18 28.88
CA ARG A 141 -14.71 -5.27 29.64
C ARG A 141 -15.99 -4.83 28.90
N ALA B 2 15.23 21.63 25.21
CA ALA B 2 15.33 20.42 24.31
C ALA B 2 14.27 19.35 24.60
N THR B 3 14.38 18.25 23.86
CA THR B 3 13.42 17.15 23.91
C THR B 3 13.60 16.32 25.18
N GLU B 4 12.52 15.65 25.58
CA GLU B 4 12.55 14.84 26.75
C GLU B 4 11.43 13.82 26.70
N ARG B 5 11.44 12.90 27.68
CA ARG B 5 10.51 11.79 27.79
C ARG B 5 9.92 11.91 29.14
N THR B 6 8.62 11.61 29.27
CA THR B 6 7.87 11.63 30.53
C THR B 6 6.87 10.47 30.54
N LEU B 7 6.49 9.99 31.73
CA LEU B 7 5.53 8.89 31.82
C LEU B 7 4.14 9.44 31.88
N SER B 8 3.20 8.80 31.21
CA SER B 8 1.81 9.23 31.14
C SER B 8 1.00 7.97 31.35
N ILE B 9 -0.01 8.00 32.21
CA ILE B 9 -0.85 6.82 32.32
C ILE B 9 -2.27 7.26 31.98
N ILE B 10 -2.96 6.50 31.15
CA ILE B 10 -4.39 6.73 30.93
C ILE B 10 -5.02 5.79 31.93
N LYS B 11 -5.78 6.33 32.87
CA LYS B 11 -6.23 5.56 34.03
C LYS B 11 -7.49 4.71 33.74
N PRO B 12 -7.90 3.87 34.71
CA PRO B 12 -9.00 2.95 34.42
C PRO B 12 -10.24 3.65 33.98
N ASP B 13 -10.55 4.77 34.60
CA ASP B 13 -11.80 5.43 34.34
C ASP B 13 -11.84 5.89 32.86
N ALA B 14 -10.77 6.57 32.43
CA ALA B 14 -10.61 7.00 31.01
C ALA B 14 -10.66 5.78 30.07
N VAL B 15 -9.85 4.77 30.37
CA VAL B 15 -9.92 3.50 29.60
C VAL B 15 -11.35 2.93 29.45
N ALA B 16 -12.09 2.88 30.55
CA ALA B 16 -13.43 2.36 30.57
C ALA B 16 -14.46 3.24 29.83
N LYS B 17 -14.23 4.58 29.77
CA LYS B 17 -15.10 5.47 28.97
C LYS B 17 -14.82 5.30 27.45
N ASN B 18 -13.84 4.48 27.09
CA ASN B 18 -13.36 4.36 25.70
C ASN B 18 -12.99 5.65 25.06
N VAL B 19 -12.10 6.41 25.69
CA VAL B 19 -11.69 7.73 25.21
C VAL B 19 -10.17 7.83 25.03
N ILE B 20 -9.55 6.66 24.90
CA ILE B 20 -8.12 6.57 24.67
C ILE B 20 -7.68 7.36 23.43
N GLY B 21 -8.41 7.22 22.35
CA GLY B 21 -8.10 7.96 21.14
C GLY B 21 -8.08 9.47 21.33
N GLU B 22 -9.10 10.03 21.95
CA GLU B 22 -9.21 11.47 22.11
C GLU B 22 -8.05 12.04 22.98
N ILE B 23 -7.79 11.33 24.07
CA ILE B 23 -6.74 11.75 24.98
C ILE B 23 -5.43 11.65 24.28
N GLU B 24 -5.27 10.58 23.54
CA GLU B 24 -4.03 10.32 22.83
C GLU B 24 -3.84 11.41 21.76
N SER B 25 -4.94 11.91 21.22
CA SER B 25 -4.89 12.97 20.21
C SER B 25 -4.52 14.32 20.84
N ARG B 26 -4.97 14.58 22.05
CA ARG B 26 -4.49 15.79 22.71
C ARG B 26 -2.97 15.79 22.80
N PHE B 27 -2.35 14.66 23.15
CA PHE B 27 -0.90 14.58 23.24
C PHE B 27 -0.26 14.81 21.91
N GLU B 28 -0.68 14.03 20.93
CA GLU B 28 -0.09 14.09 19.59
C GLU B 28 -0.24 15.51 19.02
N LYS B 29 -1.41 16.10 19.19
CA LYS B 29 -1.68 17.35 18.54
C LYS B 29 -1.01 18.45 19.29
N ALA B 30 -0.43 18.13 20.44
CA ALA B 30 0.34 19.16 21.15
C ALA B 30 1.80 19.08 20.73
N GLY B 31 2.12 18.17 19.82
CA GLY B 31 3.51 17.97 19.40
C GLY B 31 4.28 16.83 20.05
N LEU B 32 3.69 16.21 21.10
CA LEU B 32 4.30 15.04 21.79
C LEU B 32 4.03 13.75 20.98
N LYS B 33 4.92 12.77 21.05
CA LYS B 33 4.79 11.54 20.27
C LYS B 33 4.87 10.41 21.24
N ILE B 34 4.00 9.41 21.04
CA ILE B 34 3.94 8.19 21.87
C ILE B 34 5.08 7.30 21.37
N VAL B 35 6.17 7.20 22.14
CA VAL B 35 7.33 6.41 21.73
C VAL B 35 7.38 5.05 22.43
N ALA B 36 6.41 4.77 23.30
CA ALA B 36 6.34 3.52 24.04
C ALA B 36 5.03 3.48 24.82
N ALA B 37 4.34 2.35 24.72
CA ALA B 37 2.99 2.21 25.21
C ALA B 37 2.62 0.75 25.39
N LYS B 38 1.71 0.50 26.31
CA LYS B 38 1.13 -0.81 26.50
C LYS B 38 -0.04 -0.76 27.48
N MET B 39 -1.04 -1.59 27.19
CA MET B 39 -2.18 -1.70 28.02
C MET B 39 -1.94 -2.84 28.99
N LEU B 40 -2.42 -2.69 30.23
CA LEU B 40 -2.24 -3.72 31.24
C LEU B 40 -3.10 -3.46 32.45
N GLN B 41 -3.13 -4.43 33.37
CA GLN B 41 -3.74 -4.14 34.63
C GLN B 41 -2.73 -4.33 35.73
N LEU B 42 -2.48 -3.26 36.48
CA LEU B 42 -1.53 -3.28 37.57
C LEU B 42 -2.03 -4.24 38.65
N SER B 43 -1.09 -4.64 39.50
CA SER B 43 -1.40 -5.44 40.67
C SER B 43 -1.27 -4.62 41.96
N GLN B 44 -1.84 -5.11 43.06
CA GLN B 44 -1.75 -4.46 44.36
C GLN B 44 -0.30 -4.01 44.60
N GLU B 45 0.63 -4.90 44.26
CA GLU B 45 2.04 -4.69 44.47
C GLU B 45 2.63 -3.68 43.48
N GLN B 46 2.29 -3.87 42.20
CA GLN B 46 2.72 -2.96 41.15
C GLN B 46 2.28 -1.50 41.38
N ALA B 47 1.03 -1.33 41.78
CA ALA B 47 0.51 -0.02 42.08
C ALA B 47 1.27 0.59 43.24
N GLU B 48 1.49 -0.21 44.30
CA GLU B 48 2.18 0.24 45.51
C GLU B 48 3.64 0.60 45.26
N GLY B 49 4.32 -0.16 44.42
CA GLY B 49 5.70 0.13 44.07
C GLY B 49 5.74 1.51 43.46
N PHE B 50 5.05 1.64 42.33
CA PHE B 50 4.97 2.93 41.59
C PHE B 50 4.59 4.16 42.45
N TYR B 51 3.63 4.01 43.35
CA TYR B 51 3.16 5.13 44.14
C TYR B 51 3.77 5.15 45.51
N ALA B 52 4.84 4.38 45.72
CA ALA B 52 5.57 4.33 47.02
C ALA B 52 5.72 5.70 47.72
N GLU B 53 5.88 6.75 46.94
CA GLU B 53 6.05 8.11 47.37
C GLU B 53 4.92 8.51 48.34
N HIS B 54 3.73 7.94 48.16
CA HIS B 54 2.57 8.32 48.95
C HIS B 54 2.23 7.26 49.99
N LYS B 55 3.19 6.38 50.28
CA LYS B 55 2.92 5.18 51.07
C LYS B 55 2.27 5.42 52.44
N GLU B 56 2.27 6.63 52.94
CA GLU B 56 1.71 6.81 54.25
C GLU B 56 0.71 7.94 54.29
N ARG B 57 0.20 8.32 53.11
CA ARG B 57 -0.81 9.38 52.99
C ARG B 57 -2.21 8.74 53.01
N PRO B 58 -3.22 9.51 53.42
CA PRO B 58 -4.57 8.98 53.64
C PRO B 58 -5.27 8.39 52.41
N PHE B 59 -4.85 8.79 51.23
CA PHE B 59 -5.48 8.34 49.97
C PHE B 59 -4.71 7.22 49.30
N PHE B 60 -3.58 6.82 49.87
CA PHE B 60 -2.76 5.78 49.28
C PHE B 60 -3.59 4.51 49.05
N GLY B 61 -4.21 3.98 50.13
CA GLY B 61 -5.07 2.78 50.07
C GLY B 61 -6.13 2.86 48.99
N ASP B 62 -6.80 4.02 48.91
CA ASP B 62 -7.85 4.25 47.93
C ASP B 62 -7.29 4.42 46.53
N LEU B 63 -6.11 5.01 46.42
CA LEU B 63 -5.50 5.19 45.13
C LEU B 63 -5.11 3.83 44.56
N VAL B 64 -4.33 3.07 45.33
CA VAL B 64 -3.93 1.77 44.89
C VAL B 64 -5.17 1.03 44.36
N GLY B 65 -6.25 1.02 45.17
CA GLY B 65 -7.50 0.32 44.82
C GLY B 65 -7.96 0.65 43.40
N PHE B 66 -7.91 1.93 43.07
CA PHE B 66 -8.45 2.43 41.81
C PHE B 66 -7.50 2.16 40.63
N MET B 67 -6.19 2.28 40.87
CA MET B 67 -5.27 2.15 39.80
C MET B 67 -5.11 0.70 39.43
N THR B 68 -5.73 -0.14 40.22
CA THR B 68 -5.66 -1.56 40.03
C THR B 68 -7.03 -2.15 39.67
N SER B 69 -8.08 -1.33 39.81
CA SER B 69 -9.45 -1.76 39.59
C SER B 69 -9.79 -2.17 38.16
N GLY B 70 -8.90 -1.81 37.20
CA GLY B 70 -9.14 -2.03 35.75
C GLY B 70 -7.92 -1.72 34.94
N PRO B 71 -7.91 -2.01 33.63
CA PRO B 71 -6.73 -1.85 32.84
C PRO B 71 -6.39 -0.37 32.61
N VAL B 72 -5.12 -0.05 32.33
CA VAL B 72 -4.72 1.33 32.01
C VAL B 72 -3.79 1.29 30.79
N VAL B 73 -3.55 2.41 30.13
CA VAL B 73 -2.49 2.44 29.10
C VAL B 73 -1.25 3.19 29.60
N VAL B 74 -0.27 2.47 30.11
CA VAL B 74 0.95 3.08 30.57
C VAL B 74 1.73 3.41 29.30
N GLN B 75 2.32 4.59 29.24
CA GLN B 75 2.99 5.00 28.01
C GLN B 75 4.04 6.11 28.25
N VAL B 76 4.98 6.23 27.31
CA VAL B 76 6.05 7.22 27.38
C VAL B 76 5.80 8.23 26.27
N LEU B 77 5.54 9.47 26.69
CA LEU B 77 5.41 10.59 25.75
C LEU B 77 6.73 11.33 25.55
N GLU B 78 7.10 11.54 24.29
CA GLU B 78 8.37 12.23 23.95
C GLU B 78 8.15 13.47 23.06
N GLY B 79 8.87 14.54 23.37
CA GLY B 79 8.79 15.75 22.56
C GLY B 79 9.52 16.88 23.19
N GLU B 80 9.35 18.09 22.65
CA GLU B 80 10.02 19.28 23.15
C GLU B 80 9.50 19.64 24.50
N ASN B 81 10.36 19.68 25.51
CA ASN B 81 9.92 20.10 26.85
C ASN B 81 8.69 19.33 27.32
N ALA B 82 8.71 18.01 27.14
CA ALA B 82 7.55 17.12 27.36
C ALA B 82 7.00 17.08 28.79
N ILE B 83 7.89 17.05 29.77
CA ILE B 83 7.44 16.94 31.14
C ILE B 83 6.48 18.07 31.49
N ALA B 84 6.89 19.30 31.19
CA ALA B 84 6.10 20.50 31.50
C ALA B 84 4.89 20.48 30.60
N ALA B 85 5.09 20.09 29.32
CA ALA B 85 3.99 20.06 28.32
C ALA B 85 2.81 19.19 28.77
N ASN B 86 3.12 17.94 29.13
CA ASN B 86 2.14 16.95 29.54
C ASN B 86 1.41 17.43 30.76
N ARG B 87 2.10 18.11 31.66
CA ARG B 87 1.39 18.72 32.78
C ARG B 87 0.36 19.78 32.39
N ASP B 88 0.72 20.61 31.41
CA ASP B 88 -0.18 21.60 30.84
C ASP B 88 -1.39 20.95 30.22
N LEU B 89 -1.19 19.96 29.35
CA LEU B 89 -2.32 19.19 28.83
C LEU B 89 -3.25 18.61 29.93
N MET B 90 -2.66 17.93 30.93
CA MET B 90 -3.41 17.28 31.99
C MET B 90 -4.29 18.23 32.84
N GLY B 91 -3.68 19.31 33.34
CA GLY B 91 -4.37 20.20 34.24
C GLY B 91 -4.14 19.70 35.65
N ALA B 92 -4.59 20.52 36.59
CA ALA B 92 -4.63 20.19 38.01
C ALA B 92 -5.02 18.73 38.27
N THR B 93 -4.34 18.14 39.26
CA THR B 93 -4.64 16.83 39.77
C THR B 93 -6.11 16.75 40.13
N ASN B 94 -6.62 17.80 40.76
CA ASN B 94 -8.00 17.79 41.09
C ASN B 94 -8.79 18.38 39.93
N PRO B 95 -9.72 17.61 39.36
CA PRO B 95 -10.51 18.05 38.23
C PRO B 95 -11.36 19.33 38.42
N LYS B 96 -11.82 19.61 39.64
CA LYS B 96 -12.66 20.80 39.90
C LYS B 96 -11.80 22.07 39.96
N GLU B 97 -10.55 21.96 39.57
CA GLU B 97 -9.65 23.09 39.59
C GLU B 97 -8.90 23.24 38.27
N ALA B 98 -9.10 22.28 37.38
CA ALA B 98 -8.44 22.27 36.09
C ALA B 98 -9.15 23.19 35.12
N GLU B 99 -8.41 24.11 34.53
CA GLU B 99 -8.99 25.02 33.52
C GLU B 99 -9.69 24.22 32.42
N ALA B 100 -10.81 24.74 31.94
CA ALA B 100 -11.50 24.11 30.84
C ALA B 100 -10.54 23.71 29.74
N GLY B 101 -10.75 22.52 29.18
CA GLY B 101 -9.98 22.12 28.00
C GLY B 101 -8.83 21.20 28.34
N THR B 102 -8.55 21.06 29.66
CA THR B 102 -7.56 20.12 30.14
C THR B 102 -8.18 18.70 30.23
N ILE B 103 -7.34 17.69 29.96
CA ILE B 103 -7.77 16.28 29.98
C ILE B 103 -8.53 15.99 31.29
N ARG B 104 -7.96 16.39 32.41
CA ARG B 104 -8.58 16.20 33.73
C ARG B 104 -9.88 16.95 33.92
N ALA B 105 -10.04 18.09 33.25
CA ALA B 105 -11.30 18.84 33.36
C ALA B 105 -12.36 18.35 32.39
N ASP B 106 -11.95 17.88 31.22
CA ASP B 106 -12.90 17.40 30.23
C ASP B 106 -13.30 15.94 30.49
N TYR B 107 -12.45 15.12 31.08
CA TYR B 107 -12.73 13.69 31.12
C TYR B 107 -12.95 13.12 32.48
N ALA B 108 -12.77 13.95 33.52
CA ALA B 108 -12.96 13.49 34.91
C ALA B 108 -13.80 14.44 35.77
N GLN B 109 -14.35 13.90 36.86
CA GLN B 109 -15.22 14.68 37.75
C GLN B 109 -14.58 14.77 39.13
N SER B 110 -14.08 13.62 39.62
CA SER B 110 -13.54 13.50 40.97
C SER B 110 -12.01 13.24 40.93
N ILE B 111 -11.30 13.67 41.96
CA ILE B 111 -9.84 13.48 42.04
C ILE B 111 -9.40 11.99 42.16
N ASP B 112 -10.36 11.13 42.48
CA ASP B 112 -10.16 9.69 42.52
C ASP B 112 -9.98 9.17 41.13
N ALA B 113 -10.92 9.53 40.28
CA ALA B 113 -10.91 9.03 38.94
C ALA B 113 -10.53 10.14 38.01
N ASN B 114 -9.28 10.58 38.04
CA ASN B 114 -8.86 11.70 37.19
C ASN B 114 -8.17 11.37 35.87
N ALA B 115 -8.71 10.39 35.15
CA ALA B 115 -8.39 10.21 33.73
C ALA B 115 -6.90 9.88 33.42
N VAL B 116 -5.98 10.76 33.82
CA VAL B 116 -4.59 10.61 33.43
C VAL B 116 -3.60 10.88 34.58
N HIS B 117 -2.40 10.33 34.41
CA HIS B 117 -1.26 10.57 35.22
C HIS B 117 -0.13 11.04 34.32
N GLY B 118 0.70 11.93 34.84
CA GLY B 118 1.95 12.29 34.15
C GLY B 118 2.98 12.68 35.17
N SER B 119 4.26 12.47 34.86
CA SER B 119 5.35 12.86 35.80
C SER B 119 5.43 14.34 36.02
N ASP B 120 5.88 14.74 37.21
CA ASP B 120 5.92 16.16 37.60
C ASP B 120 7.33 16.83 37.62
N SER B 121 8.35 16.07 37.26
CA SER B 121 9.69 16.57 37.25
C SER B 121 10.63 15.68 36.44
N PRO B 122 11.79 16.18 36.03
CA PRO B 122 12.74 15.26 35.37
C PRO B 122 13.12 14.05 36.20
N GLU B 123 13.26 14.23 37.51
CA GLU B 123 13.68 13.15 38.37
C GLU B 123 12.62 12.04 38.49
N SER B 124 11.35 12.43 38.64
CA SER B 124 10.32 11.42 38.72
C SER B 124 10.04 10.88 37.33
N ALA B 125 10.32 11.67 36.28
CA ALA B 125 10.06 11.23 34.88
C ALA B 125 10.97 10.04 34.53
N ALA B 126 12.22 10.12 34.97
CA ALA B 126 13.20 9.06 34.74
C ALA B 126 12.83 7.83 35.59
N ARG B 127 12.57 8.07 36.87
CA ARG B 127 12.14 6.99 37.77
C ARG B 127 10.92 6.29 37.21
N GLU B 128 9.88 7.03 36.80
CA GLU B 128 8.59 6.42 36.49
C GLU B 128 8.66 5.63 35.17
N ILE B 129 9.33 6.21 34.19
CA ILE B 129 9.58 5.52 32.93
C ILE B 129 10.30 4.20 33.15
N ALA B 130 11.24 4.16 34.09
CA ALA B 130 12.00 2.94 34.31
C ALA B 130 11.11 1.89 34.97
N TYR B 131 10.21 2.38 35.82
CA TYR B 131 9.36 1.50 36.55
C TYR B 131 8.62 0.61 35.56
N PHE B 132 8.13 1.19 34.45
CA PHE B 132 7.16 0.49 33.63
C PHE B 132 7.79 0.08 32.32
N PHE B 133 8.91 0.70 31.94
CA PHE B 133 9.54 0.34 30.65
C PHE B 133 11.02 0.01 30.70
N ALA B 134 11.44 -0.86 29.83
CA ALA B 134 12.86 -1.17 29.68
C ALA B 134 13.39 -0.37 28.48
N GLU B 135 14.57 0.19 28.57
CA GLU B 135 15.04 1.04 27.49
C GLU B 135 14.78 0.48 26.08
N SER B 136 15.01 -0.82 25.89
CA SER B 136 14.80 -1.50 24.60
C SER B 136 13.33 -1.53 24.20
N GLU B 137 12.42 -1.35 25.15
CA GLU B 137 10.99 -1.22 24.87
C GLU B 137 10.65 0.12 24.23
N ILE B 138 11.40 1.16 24.56
CA ILE B 138 11.14 2.50 24.04
C ILE B 138 11.76 2.70 22.66
N CYS B 139 10.95 3.13 21.71
CA CYS B 139 11.39 3.24 20.33
C CYS B 139 11.34 4.70 19.99
N SER B 140 12.37 5.39 20.43
CA SER B 140 12.52 6.81 20.14
C SER B 140 12.44 7.03 18.62
N ARG B 141 11.75 8.08 18.20
CA ARG B 141 11.55 8.35 16.78
C ARG B 141 11.34 9.84 16.61
N ALA C 2 4.60 -37.31 19.50
CA ALA C 2 6.03 -36.92 19.32
C ALA C 2 6.41 -35.67 20.18
N THR C 3 7.10 -34.71 19.57
CA THR C 3 7.42 -33.48 20.25
C THR C 3 6.16 -32.68 20.60
N GLU C 4 6.10 -32.20 21.84
CA GLU C 4 4.91 -31.56 22.36
C GLU C 4 5.38 -30.34 23.12
N ARG C 5 4.45 -29.44 23.44
CA ARG C 5 4.78 -28.30 24.29
C ARG C 5 3.81 -28.33 25.42
N THR C 6 4.33 -28.32 26.65
CA THR C 6 3.54 -28.22 27.89
C THR C 6 3.96 -26.96 28.69
N LEU C 7 3.09 -26.55 29.61
CA LEU C 7 3.38 -25.42 30.47
C LEU C 7 3.94 -25.89 31.80
N SER C 8 4.96 -25.19 32.29
CA SER C 8 5.55 -25.52 33.57
C SER C 8 5.63 -24.24 34.44
N ILE C 9 5.40 -24.36 35.75
CA ILE C 9 5.55 -23.22 36.63
C ILE C 9 6.30 -23.65 37.88
N ILE C 10 7.41 -22.98 38.17
CA ILE C 10 8.10 -23.18 39.42
C ILE C 10 7.46 -22.18 40.42
N LYS C 11 6.80 -22.69 41.45
CA LYS C 11 5.90 -21.88 42.26
C LYS C 11 6.59 -20.98 43.29
N PRO C 12 5.84 -20.06 43.93
CA PRO C 12 6.51 -19.14 44.82
C PRO C 12 7.31 -19.85 45.94
N ASP C 13 6.91 -21.05 46.34
CA ASP C 13 7.60 -21.72 47.41
C ASP C 13 8.96 -22.17 46.96
N ALA C 14 9.05 -22.77 45.75
CA ALA C 14 10.32 -23.27 45.25
C ALA C 14 11.21 -22.12 44.82
N VAL C 15 10.65 -21.01 44.37
CA VAL C 15 11.54 -19.94 43.96
C VAL C 15 12.09 -19.32 45.24
N ALA C 16 11.29 -19.35 46.31
CA ALA C 16 11.78 -18.73 47.53
C ALA C 16 12.92 -19.56 48.09
N LYS C 17 12.96 -20.86 47.77
CA LYS C 17 14.04 -21.74 48.28
C LYS C 17 15.25 -21.69 47.37
N ASN C 18 15.13 -20.96 46.26
CA ASN C 18 16.27 -20.74 45.37
C ASN C 18 16.74 -22.06 44.81
N VAL C 19 15.78 -22.85 44.35
CA VAL C 19 16.07 -24.16 43.79
C VAL C 19 15.71 -24.24 42.30
N ILE C 20 15.43 -23.09 41.69
CA ILE C 20 15.05 -22.99 40.32
C ILE C 20 16.00 -23.81 39.50
N GLY C 21 17.30 -23.57 39.72
CA GLY C 21 18.38 -24.32 39.05
C GLY C 21 18.18 -25.83 39.13
N GLU C 22 18.06 -26.33 40.38
CA GLU C 22 17.85 -27.77 40.65
C GLU C 22 16.65 -28.34 39.86
N ILE C 23 15.49 -27.74 40.08
CA ILE C 23 14.34 -28.14 39.32
C ILE C 23 14.65 -28.11 37.83
N GLU C 24 15.06 -26.96 37.29
CA GLU C 24 15.20 -26.88 35.83
C GLU C 24 16.11 -27.94 35.31
N SER C 25 17.17 -28.26 36.05
CA SER C 25 18.10 -29.31 35.64
C SER C 25 17.36 -30.62 35.43
N ARG C 26 16.40 -30.92 36.29
CA ARG C 26 15.60 -32.12 36.12
C ARG C 26 14.90 -32.27 34.76
N PHE C 27 14.40 -31.16 34.24
CA PHE C 27 13.68 -31.16 32.99
C PHE C 27 14.66 -31.38 31.88
N GLU C 28 15.70 -30.56 31.84
CA GLU C 28 16.75 -30.69 30.81
C GLU C 28 17.37 -32.10 30.74
N LYS C 29 17.69 -32.68 31.92
CA LYS C 29 18.27 -34.00 32.04
C LYS C 29 17.32 -35.05 31.50
N ALA C 30 16.01 -34.83 31.68
CA ALA C 30 15.00 -35.71 31.11
C ALA C 30 14.89 -35.54 29.57
N GLY C 31 15.46 -34.47 29.03
CA GLY C 31 15.38 -34.22 27.58
C GLY C 31 14.32 -33.21 27.17
N LEU C 32 13.65 -32.66 28.18
CA LEU C 32 12.75 -31.54 27.94
C LEU C 32 13.59 -30.24 27.76
N LYS C 33 13.34 -29.53 26.67
CA LYS C 33 14.00 -28.28 26.37
C LYS C 33 13.14 -27.08 26.82
N ILE C 34 13.77 -26.11 27.50
CA ILE C 34 13.10 -24.88 27.95
C ILE C 34 13.05 -23.92 26.76
N VAL C 35 11.88 -23.72 26.15
CA VAL C 35 11.78 -22.82 24.97
C VAL C 35 11.15 -21.43 25.26
N ALA C 36 10.76 -21.22 26.52
CA ALA C 36 10.13 -19.97 26.93
C ALA C 36 10.00 -19.98 28.42
N ALA C 37 10.40 -18.86 29.02
CA ALA C 37 10.42 -18.72 30.47
C ALA C 37 10.35 -17.27 30.81
N LYS C 38 9.70 -16.93 31.91
CA LYS C 38 9.83 -15.59 32.43
C LYS C 38 9.48 -15.56 33.89
N MET C 39 10.11 -14.67 34.64
CA MET C 39 9.79 -14.63 36.04
C MET C 39 8.84 -13.45 36.31
N LEU C 40 7.87 -13.71 37.17
CA LEU C 40 6.92 -12.66 37.49
C LEU C 40 6.09 -12.94 38.71
N GLN C 41 5.53 -11.88 39.27
CA GLN C 41 4.59 -12.04 40.35
C GLN C 41 3.16 -11.84 39.84
N LEU C 42 2.41 -12.93 39.72
CA LEU C 42 1.04 -12.93 39.27
C LEU C 42 0.19 -12.04 40.15
N SER C 43 -0.71 -11.32 39.51
CA SER C 43 -1.69 -10.53 40.26
C SER C 43 -2.89 -11.39 40.54
N GLN C 44 -3.84 -10.81 41.24
CA GLN C 44 -5.10 -11.46 41.55
C GLN C 44 -5.81 -11.94 40.28
N GLU C 45 -5.96 -11.02 39.33
CA GLU C 45 -6.70 -11.27 38.10
C GLU C 45 -5.99 -12.36 37.27
N GLN C 46 -4.67 -12.30 37.16
CA GLN C 46 -3.89 -13.36 36.49
C GLN C 46 -4.15 -14.77 37.05
N ALA C 47 -3.90 -14.96 38.37
CA ALA C 47 -4.09 -16.23 39.03
C ALA C 47 -5.53 -16.74 38.94
N GLU C 48 -6.51 -15.89 39.25
CA GLU C 48 -7.92 -16.23 39.05
C GLU C 48 -8.22 -16.56 37.59
N GLY C 49 -7.57 -15.88 36.66
CA GLY C 49 -7.84 -16.10 35.26
C GLY C 49 -7.36 -17.49 34.85
N PHE C 50 -6.11 -17.77 35.24
CA PHE C 50 -5.44 -19.01 34.94
C PHE C 50 -6.21 -20.18 35.53
N TYR C 51 -6.57 -20.07 36.80
CA TYR C 51 -7.28 -21.14 37.52
C TYR C 51 -8.79 -21.04 37.43
N ALA C 52 -9.29 -20.42 36.35
CA ALA C 52 -10.72 -20.15 36.14
C ALA C 52 -11.55 -21.38 36.48
N GLU C 53 -11.08 -22.54 36.05
CA GLU C 53 -11.81 -23.77 36.19
C GLU C 53 -12.10 -24.13 37.62
N HIS C 54 -11.36 -23.60 38.57
CA HIS C 54 -11.58 -24.03 39.94
C HIS C 54 -12.19 -22.91 40.76
N LYS C 55 -12.71 -21.90 40.05
CA LYS C 55 -13.30 -20.71 40.68
C LYS C 55 -14.46 -21.01 41.64
N GLU C 56 -15.02 -22.22 41.56
CA GLU C 56 -16.12 -22.65 42.43
C GLU C 56 -15.64 -23.64 43.53
N ARG C 57 -14.35 -23.99 43.49
CA ARG C 57 -13.83 -24.93 44.47
C ARG C 57 -13.50 -24.27 45.81
N PRO C 58 -13.54 -25.04 46.89
CA PRO C 58 -13.42 -24.43 48.21
C PRO C 58 -12.01 -23.89 48.46
N PHE C 59 -11.04 -24.36 47.66
CA PHE C 59 -9.64 -23.98 47.80
C PHE C 59 -9.22 -22.90 46.80
N PHE C 60 -10.17 -22.36 46.06
CA PHE C 60 -9.83 -21.39 45.05
C PHE C 60 -9.21 -20.16 45.71
N GLY C 61 -9.84 -19.68 46.78
CA GLY C 61 -9.27 -18.65 47.62
C GLY C 61 -7.79 -18.85 47.94
N ASP C 62 -7.48 -19.94 48.65
CA ASP C 62 -6.13 -20.21 49.09
C ASP C 62 -5.18 -20.45 47.95
N LEU C 63 -5.64 -21.14 46.89
CA LEU C 63 -4.86 -21.34 45.67
C LEU C 63 -4.40 -20.02 45.06
N VAL C 64 -5.34 -19.11 44.82
CA VAL C 64 -5.03 -17.85 44.21
C VAL C 64 -4.06 -17.16 45.14
N GLY C 65 -4.34 -17.28 46.43
CA GLY C 65 -3.60 -16.54 47.45
C GLY C 65 -2.17 -16.99 47.60
N PHE C 66 -1.96 -18.28 47.37
CA PHE C 66 -0.63 -18.86 47.32
C PHE C 66 0.13 -18.53 46.02
N MET C 67 -0.50 -18.75 44.88
CA MET C 67 0.16 -18.59 43.57
C MET C 67 0.36 -17.13 43.32
N THR C 68 0.12 -16.31 44.34
CA THR C 68 0.19 -14.90 44.15
C THR C 68 1.13 -14.36 45.26
N SER C 69 1.51 -15.23 46.18
CA SER C 69 2.21 -14.77 47.37
C SER C 69 3.65 -14.37 47.05
N GLY C 70 4.19 -14.73 45.89
CA GLY C 70 5.57 -14.38 45.57
C GLY C 70 5.88 -14.65 44.11
N PRO C 71 7.08 -14.29 43.63
CA PRO C 71 7.38 -14.51 42.19
C PRO C 71 7.49 -15.97 41.74
N VAL C 72 7.01 -16.26 40.55
CA VAL C 72 7.10 -17.60 39.98
C VAL C 72 7.84 -17.53 38.63
N VAL C 73 8.09 -18.68 38.04
CA VAL C 73 8.70 -18.72 36.74
C VAL C 73 7.73 -19.48 35.85
N VAL C 74 7.08 -18.84 34.89
CA VAL C 74 6.20 -19.62 34.02
C VAL C 74 7.00 -19.95 32.79
N GLN C 75 6.79 -21.17 32.30
CA GLN C 75 7.60 -21.65 31.22
C GLN C 75 6.96 -22.68 30.35
N VAL C 76 7.53 -22.78 29.15
CA VAL C 76 7.12 -23.72 28.15
C VAL C 76 8.25 -24.73 27.94
N LEU C 77 7.95 -26.01 28.23
CA LEU C 77 8.87 -27.13 28.04
C LEU C 77 8.48 -27.85 26.77
N GLU C 78 9.47 -28.15 25.94
CA GLU C 78 9.22 -28.85 24.69
C GLU C 78 10.06 -30.13 24.67
N GLY C 79 9.54 -31.20 24.04
CA GLY C 79 10.35 -32.41 23.80
C GLY C 79 9.46 -33.59 23.50
N GLU C 80 10.04 -34.80 23.47
CA GLU C 80 9.25 -36.00 23.16
C GLU C 80 8.34 -36.33 24.33
N ASN C 81 7.05 -36.44 24.02
CA ASN C 81 6.01 -36.65 25.03
C ASN C 81 6.11 -35.74 26.26
N ALA C 82 6.40 -34.46 25.98
CA ALA C 82 6.62 -33.42 26.97
C ALA C 82 5.51 -33.34 28.01
N ILE C 83 4.26 -33.43 27.59
CA ILE C 83 3.14 -33.22 28.50
C ILE C 83 3.13 -34.32 29.54
N ALA C 84 3.32 -35.56 29.11
CA ALA C 84 3.27 -36.67 30.05
C ALA C 84 4.64 -36.85 30.76
N ALA C 85 5.73 -36.60 30.04
CA ALA C 85 7.05 -36.62 30.66
C ALA C 85 7.07 -35.66 31.83
N ASN C 86 6.71 -34.40 31.61
CA ASN C 86 6.65 -33.41 32.67
C ASN C 86 5.90 -33.93 33.87
N ARG C 87 4.77 -34.59 33.59
CA ARG C 87 3.92 -35.15 34.64
C ARG C 87 4.67 -36.22 35.40
N ASP C 88 5.49 -36.98 34.68
CA ASP C 88 6.31 -38.05 35.29
C ASP C 88 7.40 -37.51 36.20
N LEU C 89 8.07 -36.44 35.79
CA LEU C 89 9.05 -35.74 36.66
C LEU C 89 8.44 -35.09 37.90
N MET C 90 7.36 -34.35 37.74
CA MET C 90 6.69 -33.68 38.85
C MET C 90 6.22 -34.69 39.88
N GLY C 91 5.64 -35.80 39.41
CA GLY C 91 5.00 -36.80 40.27
C GLY C 91 3.56 -36.45 40.66
N ALA C 92 3.05 -37.07 41.72
CA ALA C 92 1.65 -36.83 42.12
C ALA C 92 1.49 -35.38 42.56
N THR C 93 0.31 -34.82 42.38
CA THR C 93 0.01 -33.43 42.77
C THR C 93 0.20 -33.28 44.26
N ASN C 94 -0.19 -34.32 44.98
CA ASN C 94 0.02 -34.31 46.42
C ASN C 94 1.35 -34.93 46.88
N PRO C 95 2.20 -34.15 47.57
CA PRO C 95 3.55 -34.57 47.92
C PRO C 95 3.65 -35.92 48.68
N LYS C 96 2.79 -36.13 49.67
CA LYS C 96 2.81 -37.39 50.44
C LYS C 96 2.73 -38.59 49.52
N GLU C 97 2.05 -38.43 48.38
CA GLU C 97 1.73 -39.54 47.50
C GLU C 97 2.66 -39.58 46.29
N ALA C 98 3.64 -38.67 46.25
CA ALA C 98 4.64 -38.63 45.17
C ALA C 98 5.76 -39.62 45.42
N GLU C 99 6.16 -40.29 44.35
CA GLU C 99 7.25 -41.25 44.39
C GLU C 99 8.56 -40.53 44.59
N ALA C 100 9.45 -41.11 45.40
CA ALA C 100 10.75 -40.50 45.68
C ALA C 100 11.49 -40.19 44.40
N GLY C 101 12.04 -38.98 44.31
CA GLY C 101 12.86 -38.66 43.15
C GLY C 101 12.17 -37.76 42.18
N THR C 102 10.85 -37.62 42.32
CA THR C 102 10.06 -36.63 41.57
C THR C 102 10.08 -35.25 42.24
N ILE C 103 9.99 -34.20 41.43
CA ILE C 103 10.14 -32.82 41.91
C ILE C 103 9.28 -32.57 43.13
N ARG C 104 8.05 -33.09 43.12
CA ARG C 104 7.08 -32.80 44.17
C ARG C 104 7.40 -33.57 45.42
N ALA C 105 8.02 -34.71 45.23
CA ALA C 105 8.42 -35.52 46.39
C ALA C 105 9.65 -34.93 47.07
N ASP C 106 10.58 -34.42 46.26
CA ASP C 106 11.85 -33.86 46.72
C ASP C 106 11.73 -32.43 47.20
N TYR C 107 10.85 -31.64 46.55
CA TYR C 107 10.77 -30.23 46.89
C TYR C 107 9.55 -29.75 47.66
N ALA C 108 8.41 -30.41 47.48
CA ALA C 108 7.16 -29.86 48.00
C ALA C 108 7.18 -29.95 49.52
N GLN C 109 6.40 -29.11 50.19
CA GLN C 109 6.20 -29.23 51.64
C GLN C 109 4.79 -29.73 51.93
N SER C 110 3.84 -28.82 51.76
CA SER C 110 2.44 -29.09 51.95
C SER C 110 1.75 -29.50 50.62
N ILE C 111 0.44 -29.66 50.69
CA ILE C 111 -0.36 -30.08 49.55
C ILE C 111 -0.42 -28.97 48.52
N ASP C 112 -0.48 -27.73 49.02
CA ASP C 112 -0.70 -26.58 48.17
C ASP C 112 0.62 -26.01 47.76
N ALA C 113 1.61 -26.17 48.63
CA ALA C 113 3.00 -25.86 48.28
C ALA C 113 3.74 -27.07 47.66
N ASN C 114 3.42 -27.42 46.42
CA ASN C 114 4.17 -28.46 45.73
C ASN C 114 5.22 -28.03 44.68
N ALA C 115 5.84 -26.89 44.88
CA ALA C 115 6.97 -26.49 44.02
C ALA C 115 6.70 -26.31 42.55
N VAL C 116 5.91 -27.19 41.93
CA VAL C 116 5.67 -27.11 40.47
C VAL C 116 4.24 -27.31 39.96
N HIS C 117 4.02 -26.80 38.76
CA HIS C 117 2.80 -26.95 38.04
C HIS C 117 3.17 -27.44 36.67
N GLY C 118 2.36 -28.33 36.11
CA GLY C 118 2.49 -28.82 34.74
C GLY C 118 1.11 -29.10 34.16
N SER C 119 0.90 -28.73 32.90
CA SER C 119 -0.42 -28.95 32.27
C SER C 119 -0.81 -30.42 32.29
N ASP C 120 -2.05 -30.70 32.68
CA ASP C 120 -2.48 -32.10 32.77
C ASP C 120 -2.78 -32.81 31.45
N SER C 121 -3.18 -32.08 30.40
CA SER C 121 -3.51 -32.70 29.11
C SER C 121 -3.12 -31.86 27.87
N PRO C 122 -3.23 -32.44 26.65
CA PRO C 122 -2.90 -31.62 25.49
C PRO C 122 -3.83 -30.44 25.41
N GLU C 123 -5.07 -30.67 25.83
CA GLU C 123 -6.07 -29.66 25.78
C GLU C 123 -5.68 -28.50 26.72
N SER C 124 -5.51 -28.81 28.01
CA SER C 124 -5.11 -27.81 29.00
C SER C 124 -3.72 -27.17 28.66
N ALA C 125 -2.78 -28.00 28.24
CA ALA C 125 -1.50 -27.58 27.72
C ALA C 125 -1.60 -26.40 26.77
N ALA C 126 -2.42 -26.51 25.73
CA ALA C 126 -2.46 -25.41 24.79
C ALA C 126 -3.11 -24.21 25.45
N ARG C 127 -4.01 -24.49 26.39
CA ARG C 127 -4.68 -23.37 26.98
C ARG C 127 -3.74 -22.62 27.88
N GLU C 128 -3.12 -23.32 28.81
CA GLU C 128 -2.20 -22.69 29.77
C GLU C 128 -1.00 -22.00 29.06
N ILE C 129 -0.40 -22.65 28.07
CA ILE C 129 0.69 -22.05 27.32
C ILE C 129 0.25 -20.70 26.76
N ALA C 130 -0.93 -20.68 26.16
CA ALA C 130 -1.45 -19.45 25.54
C ALA C 130 -1.83 -18.38 26.56
N TYR C 131 -2.19 -18.81 27.78
CA TYR C 131 -2.49 -17.87 28.83
C TYR C 131 -1.27 -16.97 29.14
N PHE C 132 -0.08 -17.54 29.12
CA PHE C 132 1.07 -16.83 29.65
C PHE C 132 2.05 -16.41 28.61
N PHE C 133 1.92 -16.89 27.37
CA PHE C 133 2.94 -16.67 26.36
C PHE C 133 2.32 -16.45 25.01
N ALA C 134 2.90 -15.53 24.25
CA ALA C 134 2.51 -15.34 22.86
C ALA C 134 3.35 -16.23 21.98
N GLU C 135 2.81 -16.67 20.86
CA GLU C 135 3.56 -17.55 19.93
C GLU C 135 4.93 -17.02 19.58
N SER C 136 5.08 -15.71 19.53
CA SER C 136 6.34 -15.09 19.17
C SER C 136 7.26 -15.04 20.38
N GLU C 137 6.70 -15.19 21.59
CA GLU C 137 7.55 -15.20 22.78
C GLU C 137 8.20 -16.58 22.94
N ILE C 138 7.79 -17.56 22.14
CA ILE C 138 8.28 -18.94 22.28
C ILE C 138 9.37 -19.24 21.26
N CYS C 139 10.56 -19.62 21.74
CA CYS C 139 11.76 -19.70 20.91
C CYS C 139 12.12 -21.14 20.65
N SER C 140 11.36 -21.81 19.78
CA SER C 140 11.47 -23.24 19.58
C SER C 140 12.86 -23.64 19.06
N ARG C 141 13.29 -24.85 19.43
CA ARG C 141 14.64 -25.29 19.12
C ARG C 141 14.70 -26.70 18.50
N ALA D 2 24.92 -3.96 51.86
CA ALA D 2 25.84 -4.07 50.66
C ALA D 2 25.30 -5.03 49.58
N THR D 3 23.97 -5.26 49.57
CA THR D 3 23.33 -6.09 48.52
C THR D 3 23.24 -5.26 47.24
N GLU D 4 23.31 -5.91 46.08
CA GLU D 4 23.37 -5.25 44.79
C GLU D 4 22.52 -6.00 43.75
N ARG D 5 22.46 -5.48 42.53
CA ARG D 5 21.81 -6.17 41.41
C ARG D 5 22.72 -6.09 40.24
N THR D 6 22.85 -7.18 39.51
CA THR D 6 23.68 -7.19 38.32
C THR D 6 22.97 -7.95 37.22
N LEU D 7 23.19 -7.56 35.98
CA LEU D 7 22.63 -8.33 34.86
C LEU D 7 23.43 -9.62 34.61
N SER D 8 22.72 -10.75 34.46
CA SER D 8 23.33 -12.04 34.11
C SER D 8 22.68 -12.54 32.82
N ILE D 9 23.48 -12.87 31.82
CA ILE D 9 22.92 -13.41 30.62
C ILE D 9 23.46 -14.82 30.41
N ILE D 10 22.57 -15.76 30.14
CA ILE D 10 22.99 -17.08 29.72
C ILE D 10 23.04 -17.13 28.19
N LYS D 11 24.22 -17.26 27.60
CA LYS D 11 24.36 -17.02 26.16
C LYS D 11 23.82 -18.19 25.31
N PRO D 12 23.60 -17.97 23.99
CA PRO D 12 22.97 -19.02 23.18
C PRO D 12 23.66 -20.39 23.32
N ASP D 13 25.00 -20.42 23.30
CA ASP D 13 25.77 -21.67 23.43
C ASP D 13 25.34 -22.54 24.62
N ALA D 14 25.31 -21.96 25.80
CA ALA D 14 24.95 -22.73 26.97
C ALA D 14 23.45 -23.05 26.95
N VAL D 15 22.64 -22.21 26.33
CA VAL D 15 21.22 -22.50 26.23
C VAL D 15 21.02 -23.74 25.40
N ALA D 16 21.80 -23.85 24.31
CA ALA D 16 21.75 -25.01 23.40
C ALA D 16 22.24 -26.31 24.05
N LYS D 17 23.32 -26.24 24.82
CA LYS D 17 23.74 -27.36 25.66
C LYS D 17 22.68 -27.83 26.69
N ASN D 18 21.59 -27.07 26.83
CA ASN D 18 20.57 -27.30 27.86
C ASN D 18 21.13 -27.41 29.25
N VAL D 19 21.97 -26.45 29.61
CA VAL D 19 22.55 -26.42 30.95
C VAL D 19 22.07 -25.23 31.77
N ILE D 20 20.91 -24.69 31.39
CA ILE D 20 20.32 -23.58 32.13
C ILE D 20 20.16 -23.94 33.60
N GLY D 21 19.57 -25.10 33.91
CA GLY D 21 19.49 -25.58 35.28
C GLY D 21 20.84 -25.53 35.98
N GLU D 22 21.87 -26.12 35.37
CA GLU D 22 23.19 -26.29 36.02
C GLU D 22 23.85 -24.95 36.34
N ILE D 23 23.87 -24.06 35.34
CA ILE D 23 24.45 -22.72 35.51
C ILE D 23 23.68 -21.96 36.55
N GLU D 24 22.37 -22.04 36.42
CA GLU D 24 21.49 -21.30 37.29
C GLU D 24 21.78 -21.72 38.72
N SER D 25 21.98 -23.02 38.91
CA SER D 25 22.27 -23.54 40.26
C SER D 25 23.58 -22.98 40.89
N ARG D 26 24.55 -22.66 40.06
CA ARG D 26 25.74 -22.08 40.58
C ARG D 26 25.38 -20.78 41.27
N PHE D 27 24.51 -19.99 40.63
CA PHE D 27 24.15 -18.70 41.16
C PHE D 27 23.44 -18.88 42.48
N GLU D 28 22.51 -19.81 42.53
CA GLU D 28 21.75 -19.98 43.75
C GLU D 28 22.65 -20.53 44.85
N LYS D 29 23.34 -21.62 44.62
CA LYS D 29 24.21 -22.16 45.65
C LYS D 29 25.28 -21.12 46.09
N ALA D 30 25.64 -20.20 45.19
CA ALA D 30 26.60 -19.15 45.58
C ALA D 30 25.99 -18.04 46.45
N GLY D 31 24.70 -18.12 46.75
CA GLY D 31 24.02 -17.11 47.58
C GLY D 31 23.28 -16.01 46.82
N LEU D 32 23.53 -15.89 45.51
CA LEU D 32 22.76 -15.00 44.63
C LEU D 32 21.27 -15.47 44.43
N LYS D 33 20.41 -14.55 43.98
CA LYS D 33 18.98 -14.81 43.76
C LYS D 33 18.56 -14.35 42.37
N ILE D 34 17.82 -15.18 41.65
CA ILE D 34 17.23 -14.83 40.37
C ILE D 34 15.93 -14.08 40.70
N VAL D 35 16.01 -12.74 40.62
CA VAL D 35 14.93 -11.87 40.98
C VAL D 35 14.31 -11.28 39.72
N ALA D 36 14.68 -11.80 38.57
CA ALA D 36 14.08 -11.37 37.32
C ALA D 36 14.75 -12.15 36.22
N ALA D 37 13.95 -12.64 35.24
CA ALA D 37 14.50 -13.40 34.13
C ALA D 37 13.51 -13.54 33.05
N LYS D 38 13.97 -13.66 31.82
CA LYS D 38 13.08 -14.01 30.71
C LYS D 38 13.91 -14.60 29.59
N MET D 39 13.32 -15.50 28.82
CA MET D 39 14.02 -16.14 27.72
C MET D 39 13.73 -15.38 26.46
N LEU D 40 14.77 -15.06 25.74
CA LEU D 40 14.65 -14.16 24.62
C LEU D 40 15.49 -14.60 23.46
N GLN D 41 15.10 -14.13 22.28
CA GLN D 41 15.83 -14.31 21.04
C GLN D 41 16.10 -12.90 20.51
N LEU D 42 17.23 -12.33 20.90
CA LEU D 42 17.53 -10.94 20.57
C LEU D 42 17.48 -10.67 19.05
N SER D 43 16.88 -9.53 18.68
CA SER D 43 16.97 -9.02 17.31
C SER D 43 18.32 -8.34 17.17
N GLN D 44 18.76 -8.13 15.93
CA GLN D 44 20.02 -7.44 15.71
C GLN D 44 20.12 -6.11 16.50
N GLU D 45 19.03 -5.37 16.57
CA GLU D 45 19.02 -4.07 17.23
C GLU D 45 19.11 -4.14 18.76
N GLN D 46 18.41 -5.09 19.37
CA GLN D 46 18.52 -5.26 20.82
C GLN D 46 19.96 -5.56 21.16
N ALA D 47 20.56 -6.56 20.50
CA ALA D 47 21.93 -6.93 20.79
C ALA D 47 22.85 -5.77 20.48
N GLU D 48 22.55 -5.02 19.42
CA GLU D 48 23.37 -3.87 19.05
C GLU D 48 23.26 -2.72 20.09
N GLY D 49 22.03 -2.42 20.48
CA GLY D 49 21.79 -1.39 21.46
C GLY D 49 22.39 -1.75 22.79
N PHE D 50 22.43 -3.03 23.10
CA PHE D 50 22.99 -3.48 24.34
C PHE D 50 24.52 -3.40 24.31
N TYR D 51 25.08 -3.62 23.12
CA TYR D 51 26.54 -3.69 22.95
C TYR D 51 27.07 -2.42 22.30
N ALA D 52 26.31 -1.32 22.41
CA ALA D 52 26.72 -0.06 21.77
C ALA D 52 27.90 0.61 22.48
N GLU D 53 28.19 0.17 23.71
CA GLU D 53 29.38 0.60 24.49
C GLU D 53 30.63 0.54 23.61
N HIS D 54 30.58 -0.22 22.52
CA HIS D 54 31.66 -0.32 21.55
C HIS D 54 31.23 -0.96 20.23
N LYS D 55 30.83 -0.15 19.26
CA LYS D 55 30.46 -0.65 17.93
C LYS D 55 31.56 -0.52 16.88
N PHE D 59 35.30 -6.48 17.23
CA PHE D 59 34.60 -7.72 17.57
C PHE D 59 33.05 -7.58 17.60
N PHE D 60 32.58 -6.32 17.50
CA PHE D 60 31.14 -5.97 17.44
C PHE D 60 30.33 -6.84 16.47
N GLY D 61 30.64 -6.77 15.18
CA GLY D 61 29.86 -7.47 14.16
C GLY D 61 29.61 -8.94 14.46
N ASP D 62 30.67 -9.64 14.86
CA ASP D 62 30.62 -11.09 15.12
C ASP D 62 30.06 -11.39 16.54
N LEU D 63 30.21 -10.43 17.44
CA LEU D 63 29.48 -10.47 18.72
C LEU D 63 27.97 -10.42 18.50
N VAL D 64 27.50 -9.31 17.96
CA VAL D 64 26.10 -9.15 17.63
C VAL D 64 25.54 -10.36 16.88
N GLY D 65 26.35 -10.99 16.03
CA GLY D 65 25.90 -12.20 15.32
C GLY D 65 25.88 -13.46 16.18
N PHE D 66 26.67 -13.46 17.24
CA PHE D 66 26.60 -14.57 18.17
C PHE D 66 25.43 -14.45 19.11
N MET D 67 25.28 -13.27 19.73
CA MET D 67 24.26 -13.03 20.72
C MET D 67 22.85 -13.06 20.14
N THR D 68 22.75 -13.11 18.81
CA THR D 68 21.45 -13.21 18.14
C THR D 68 21.26 -14.57 17.50
N SER D 69 22.28 -15.43 17.58
CA SER D 69 22.28 -16.73 16.90
C SER D 69 21.40 -17.75 17.61
N GLY D 70 20.99 -17.43 18.84
CA GLY D 70 20.17 -18.35 19.62
C GLY D 70 19.44 -17.72 20.78
N PRO D 71 18.40 -18.41 21.27
CA PRO D 71 17.71 -17.85 22.45
C PRO D 71 18.70 -17.76 23.59
N VAL D 72 18.53 -16.73 24.43
CA VAL D 72 19.26 -16.57 25.70
C VAL D 72 18.30 -16.38 26.91
N VAL D 73 18.86 -16.31 28.10
CA VAL D 73 18.10 -16.03 29.28
C VAL D 73 18.74 -14.83 29.92
N VAL D 74 18.13 -13.67 29.73
CA VAL D 74 18.63 -12.47 30.33
C VAL D 74 18.01 -12.38 31.71
N GLN D 75 18.79 -11.98 32.70
CA GLN D 75 18.26 -11.94 34.05
C GLN D 75 18.99 -10.99 34.98
N VAL D 76 18.44 -10.86 36.19
CA VAL D 76 18.97 -10.03 37.22
C VAL D 76 19.23 -10.87 38.46
N LEU D 77 20.48 -10.87 38.93
CA LEU D 77 20.84 -11.50 40.17
C LEU D 77 21.03 -10.49 41.28
N GLU D 78 20.53 -10.81 42.46
CA GLU D 78 20.64 -9.90 43.56
C GLU D 78 21.16 -10.66 44.79
N GLY D 79 22.11 -10.01 45.49
CA GLY D 79 22.71 -10.55 46.72
C GLY D 79 23.88 -9.68 47.16
N GLU D 80 24.66 -10.18 48.12
CA GLU D 80 25.83 -9.47 48.65
C GLU D 80 26.91 -9.45 47.62
N ASN D 81 27.39 -8.26 47.31
CA ASN D 81 28.35 -8.01 46.23
C ASN D 81 27.99 -8.62 44.89
N ALA D 82 26.69 -8.82 44.68
CA ALA D 82 26.18 -9.46 43.44
C ALA D 82 27.09 -9.24 42.25
N ILE D 83 27.45 -7.99 42.00
CA ILE D 83 28.19 -7.65 40.79
C ILE D 83 29.53 -8.37 40.77
N ALA D 84 30.28 -8.19 41.85
CA ALA D 84 31.56 -8.86 42.06
C ALA D 84 31.37 -10.37 42.09
N ALA D 85 30.56 -10.84 43.04
CA ALA D 85 30.30 -12.27 43.20
C ALA D 85 30.01 -12.88 41.85
N ASN D 86 29.14 -12.24 41.11
CA ASN D 86 28.94 -12.73 39.76
C ASN D 86 30.24 -12.95 38.99
N ARG D 87 31.08 -11.93 38.98
CA ARG D 87 32.28 -11.88 38.16
C ARG D 87 33.27 -13.00 38.51
N ASP D 88 33.32 -13.35 39.80
CA ASP D 88 34.09 -14.50 40.25
C ASP D 88 33.49 -15.73 39.56
N LEU D 89 32.36 -16.20 40.10
CA LEU D 89 31.59 -17.30 39.54
C LEU D 89 31.76 -17.51 38.05
N MET D 90 31.65 -16.44 37.27
CA MET D 90 31.71 -16.58 35.84
C MET D 90 33.07 -17.09 35.44
N GLY D 91 34.10 -16.43 35.95
CA GLY D 91 35.48 -16.64 35.53
C GLY D 91 35.91 -15.73 34.40
N ALA D 92 37.23 -15.69 34.17
CA ALA D 92 37.86 -14.86 33.12
C ALA D 92 37.11 -14.97 31.81
N THR D 93 37.04 -13.86 31.06
CA THR D 93 36.31 -13.83 29.78
C THR D 93 36.84 -14.92 28.87
N ASN D 94 38.10 -15.24 29.05
CA ASN D 94 38.72 -16.28 28.28
C ASN D 94 38.61 -17.62 28.99
N PRO D 95 37.80 -18.53 28.42
CA PRO D 95 37.52 -19.87 29.00
C PRO D 95 38.78 -20.73 29.21
N LYS D 96 39.90 -20.30 28.62
CA LYS D 96 41.19 -20.96 28.76
C LYS D 96 41.98 -20.51 30.00
N GLU D 97 41.92 -19.20 30.31
CA GLU D 97 42.70 -18.63 31.43
C GLU D 97 41.83 -18.36 32.66
N ALA D 98 40.78 -19.19 32.82
CA ALA D 98 39.78 -19.01 33.88
C ALA D 98 39.91 -20.08 34.97
N GLU D 99 39.93 -19.67 36.25
CA GLU D 99 40.09 -20.62 37.37
C GLU D 99 39.24 -21.88 37.14
N ALA D 100 39.65 -22.98 37.74
CA ALA D 100 38.91 -24.25 37.61
C ALA D 100 37.59 -24.20 38.39
N GLY D 101 36.53 -24.67 37.74
CA GLY D 101 35.25 -24.72 38.43
C GLY D 101 34.35 -23.54 38.16
N THR D 102 34.94 -22.38 37.88
CA THR D 102 34.15 -21.23 37.46
C THR D 102 33.22 -21.65 36.32
N ILE D 103 32.10 -20.94 36.16
CA ILE D 103 31.11 -21.25 35.13
C ILE D 103 31.71 -21.32 33.73
N ARG D 104 32.41 -20.27 33.32
CA ARG D 104 33.03 -20.25 31.98
C ARG D 104 34.01 -21.41 31.73
N ALA D 105 34.76 -21.78 32.77
CA ALA D 105 35.71 -22.91 32.69
C ALA D 105 34.98 -24.22 32.43
N ASP D 106 33.79 -24.39 33.01
CA ASP D 106 33.09 -25.66 32.90
C ASP D 106 32.24 -25.72 31.66
N TYR D 107 31.70 -24.60 31.18
CA TYR D 107 30.65 -24.67 30.11
C TYR D 107 30.94 -23.90 28.84
N ALA D 108 32.14 -23.34 28.74
CA ALA D 108 32.50 -22.46 27.65
C ALA D 108 33.55 -23.13 26.79
N GLN D 109 33.45 -22.97 25.47
CA GLN D 109 34.37 -23.65 24.56
C GLN D 109 35.54 -22.72 24.22
N SER D 110 35.21 -21.49 23.84
CA SER D 110 36.15 -20.47 23.40
C SER D 110 35.65 -19.06 23.80
N ILE D 111 36.46 -18.03 23.57
CA ILE D 111 36.07 -16.63 23.84
C ILE D 111 34.65 -16.33 23.35
N ASP D 112 34.32 -16.71 22.12
CA ASP D 112 33.02 -16.37 21.55
C ASP D 112 31.88 -17.04 22.29
N ALA D 113 32.05 -18.33 22.54
CA ALA D 113 31.09 -19.10 23.31
C ALA D 113 31.51 -18.99 24.76
N ASN D 114 31.36 -17.79 25.28
CA ASN D 114 31.68 -17.43 26.63
C ASN D 114 30.63 -17.94 27.64
N ALA D 115 29.56 -18.58 27.13
CA ALA D 115 28.43 -19.13 27.94
C ALA D 115 27.57 -18.09 28.72
N VAL D 116 28.22 -17.21 29.47
CA VAL D 116 27.51 -16.20 30.24
C VAL D 116 28.02 -14.75 30.08
N HIS D 117 27.18 -13.83 30.55
CA HIS D 117 27.54 -12.45 30.61
C HIS D 117 27.25 -11.95 32.00
N GLY D 118 27.94 -10.90 32.39
CA GLY D 118 27.78 -10.28 33.69
C GLY D 118 28.25 -8.84 33.62
N SER D 119 27.56 -7.98 34.34
CA SER D 119 27.93 -6.58 34.43
C SER D 119 29.33 -6.42 35.00
N ASP D 120 30.16 -5.62 34.29
CA ASP D 120 31.54 -5.33 34.69
C ASP D 120 31.67 -4.32 35.83
N SER D 121 30.59 -3.63 36.19
CA SER D 121 30.70 -2.57 37.19
C SER D 121 29.34 -2.09 37.69
N PRO D 122 29.31 -1.38 38.83
CA PRO D 122 28.06 -0.78 39.33
C PRO D 122 27.34 0.14 38.33
N GLU D 123 28.10 0.88 37.55
CA GLU D 123 27.56 1.71 36.49
C GLU D 123 26.94 0.81 35.41
N SER D 124 27.76 -0.02 34.76
CA SER D 124 27.26 -0.88 33.70
C SER D 124 26.07 -1.75 34.16
N ALA D 125 26.14 -2.27 35.38
CA ALA D 125 25.02 -3.00 35.97
C ALA D 125 23.71 -2.24 35.79
N ALA D 126 23.69 -0.97 36.19
CA ALA D 126 22.45 -0.24 36.15
C ALA D 126 21.97 -0.05 34.72
N ARG D 127 22.90 0.33 33.83
CA ARG D 127 22.60 0.55 32.42
C ARG D 127 22.05 -0.73 31.76
N GLU D 128 22.68 -1.87 32.04
CA GLU D 128 22.27 -3.12 31.40
C GLU D 128 20.94 -3.65 31.97
N ILE D 129 20.79 -3.55 33.28
CA ILE D 129 19.55 -3.92 33.90
C ILE D 129 18.44 -3.03 33.33
N ALA D 130 18.63 -1.72 33.27
CA ALA D 130 17.53 -0.89 32.78
C ALA D 130 17.26 -1.23 31.35
N TYR D 131 18.24 -1.84 30.70
CA TYR D 131 18.13 -2.03 29.26
C TYR D 131 17.14 -3.10 28.91
N PHE D 132 17.15 -4.17 29.69
CA PHE D 132 16.36 -5.38 29.43
C PHE D 132 15.12 -5.51 30.31
N PHE D 133 15.16 -4.87 31.48
CA PHE D 133 14.05 -4.94 32.43
C PHE D 133 13.51 -3.62 32.90
N ALA D 134 12.25 -3.66 33.33
CA ALA D 134 11.57 -2.57 33.94
C ALA D 134 11.47 -2.94 35.43
N GLU D 135 11.51 -1.96 36.31
CA GLU D 135 11.48 -2.20 37.77
C GLU D 135 10.39 -3.11 38.20
N SER D 136 9.18 -2.90 37.67
CA SER D 136 8.06 -3.81 37.93
C SER D 136 8.32 -5.29 37.60
N GLU D 137 9.20 -5.56 36.64
CA GLU D 137 9.57 -6.92 36.29
C GLU D 137 10.56 -7.54 37.27
N ILE D 138 11.22 -6.71 38.05
CA ILE D 138 12.15 -7.19 39.08
C ILE D 138 11.46 -7.39 40.44
N CYS D 139 11.53 -8.60 40.98
CA CYS D 139 10.84 -8.90 42.23
C CYS D 139 11.80 -9.38 43.30
N SER D 140 12.40 -8.44 44.03
CA SER D 140 13.20 -8.80 45.19
C SER D 140 12.38 -9.65 46.16
N ARG D 141 13.02 -10.73 46.60
CA ARG D 141 12.46 -11.69 47.54
C ARG D 141 13.53 -12.02 48.61
N ALA E 2 -14.89 15.22 -10.59
CA ALA E 2 -14.35 16.61 -10.37
C ALA E 2 -14.98 17.19 -9.10
N THR E 3 -14.63 18.44 -8.78
CA THR E 3 -15.12 19.17 -7.61
C THR E 3 -16.63 19.29 -7.66
N GLU E 4 -17.31 18.92 -6.58
CA GLU E 4 -18.73 19.06 -6.53
C GLU E 4 -19.10 19.68 -5.20
N ARG E 5 -20.38 20.05 -5.08
CA ARG E 5 -20.94 20.62 -3.88
C ARG E 5 -22.18 19.87 -3.53
N THR E 6 -22.29 19.48 -2.27
CA THR E 6 -23.51 18.83 -1.79
C THR E 6 -24.02 19.47 -0.49
N LEU E 7 -25.31 19.30 -0.21
CA LEU E 7 -25.86 19.76 1.08
C LEU E 7 -25.69 18.73 2.22
N SER E 8 -25.26 19.21 3.39
CA SER E 8 -25.13 18.39 4.57
C SER E 8 -25.93 18.99 5.73
N ILE E 9 -26.56 18.14 6.54
CA ILE E 9 -27.24 18.60 7.72
C ILE E 9 -27.00 17.67 8.91
N ILE E 10 -26.45 18.22 9.97
CA ILE E 10 -26.32 17.54 11.23
C ILE E 10 -27.65 17.74 11.94
N LYS E 11 -28.44 16.69 12.07
CA LYS E 11 -29.84 16.83 12.53
C LYS E 11 -29.93 17.21 14.01
N PRO E 12 -31.16 17.37 14.55
CA PRO E 12 -31.32 17.80 15.95
C PRO E 12 -30.69 16.86 16.98
N ASP E 13 -30.81 15.55 16.71
CA ASP E 13 -30.23 14.47 17.55
C ASP E 13 -28.68 14.60 17.70
N ALA E 14 -27.96 14.82 16.60
CA ALA E 14 -26.51 14.98 16.62
C ALA E 14 -26.13 16.28 17.28
N VAL E 15 -26.71 17.39 16.86
CA VAL E 15 -26.43 18.62 17.60
C VAL E 15 -26.81 18.54 19.09
N ALA E 16 -27.81 17.73 19.45
CA ALA E 16 -28.16 17.58 20.87
C ALA E 16 -27.10 16.82 21.64
N LYS E 17 -26.39 15.90 20.97
CA LYS E 17 -25.37 15.13 21.67
C LYS E 17 -24.06 15.88 21.78
N ASN E 18 -24.05 17.13 21.30
CA ASN E 18 -22.83 17.97 21.22
C ASN E 18 -21.67 17.25 20.50
N VAL E 19 -21.99 16.71 19.33
CA VAL E 19 -21.02 16.03 18.51
C VAL E 19 -20.82 16.73 17.18
N ILE E 20 -21.25 17.99 17.07
CA ILE E 20 -21.04 18.73 15.84
C ILE E 20 -19.60 18.60 15.39
N GLY E 21 -18.65 18.91 16.26
CA GLY E 21 -17.25 18.87 15.93
C GLY E 21 -16.79 17.53 15.38
N GLU E 22 -17.23 16.44 16.02
CA GLU E 22 -16.75 15.12 15.69
C GLU E 22 -17.16 14.82 14.26
N ILE E 23 -18.42 15.16 13.95
CA ILE E 23 -18.98 14.95 12.60
C ILE E 23 -18.28 15.80 11.53
N GLU E 24 -18.07 17.06 11.86
CA GLU E 24 -17.37 17.99 10.98
C GLU E 24 -15.99 17.46 10.58
N SER E 25 -15.30 16.90 11.55
CA SER E 25 -13.97 16.36 11.28
C SER E 25 -14.05 15.21 10.31
N ARG E 26 -15.04 14.35 10.44
CA ARG E 26 -15.17 13.28 9.46
C ARG E 26 -15.13 13.83 8.03
N PHE E 27 -15.89 14.89 7.77
CA PHE E 27 -15.92 15.47 6.43
C PHE E 27 -14.56 16.03 6.08
N GLU E 28 -14.01 16.89 6.94
CA GLU E 28 -12.71 17.49 6.64
C GLU E 28 -11.60 16.41 6.50
N LYS E 29 -11.64 15.36 7.29
CA LYS E 29 -10.66 14.28 7.16
C LYS E 29 -10.74 13.64 5.78
N ALA E 30 -11.97 13.47 5.29
CA ALA E 30 -12.20 12.88 3.99
C ALA E 30 -11.90 13.83 2.80
N GLY E 31 -11.25 14.96 3.06
CA GLY E 31 -10.99 15.95 2.01
C GLY E 31 -12.12 16.91 1.60
N LEU E 32 -13.26 16.83 2.27
CA LEU E 32 -14.36 17.77 2.01
C LEU E 32 -14.24 19.03 2.85
N LYS E 33 -14.47 20.20 2.23
CA LYS E 33 -14.37 21.50 2.94
C LYS E 33 -15.75 22.07 3.18
N ILE E 34 -15.90 22.68 4.35
CA ILE E 34 -17.15 23.35 4.70
C ILE E 34 -17.07 24.78 4.12
N VAL E 35 -17.92 25.07 3.14
CA VAL E 35 -17.87 26.35 2.46
C VAL E 35 -19.10 27.19 2.78
N ALA E 36 -20.01 26.61 3.55
CA ALA E 36 -21.19 27.35 3.94
C ALA E 36 -21.77 26.62 5.12
N ALA E 37 -22.11 27.35 6.17
CA ALA E 37 -22.75 26.73 7.31
C ALA E 37 -23.56 27.77 8.04
N LYS E 38 -24.60 27.28 8.71
CA LYS E 38 -25.31 28.06 9.69
C LYS E 38 -26.13 27.13 10.53
N MET E 39 -26.29 27.50 11.79
CA MET E 39 -27.09 26.74 12.71
C MET E 39 -28.40 27.42 12.84
N LEU E 40 -29.48 26.65 12.95
CA LEU E 40 -30.79 27.21 13.12
C LEU E 40 -31.81 26.13 13.35
N GLN E 41 -33.02 26.52 13.74
CA GLN E 41 -34.08 25.56 13.96
C GLN E 41 -35.08 25.77 12.86
N LEU E 42 -35.28 24.71 12.08
CA LEU E 42 -36.23 24.73 10.98
C LEU E 42 -37.63 25.02 11.47
N SER E 43 -38.28 26.00 10.83
CA SER E 43 -39.71 26.24 11.01
C SER E 43 -40.51 25.12 10.37
N GLN E 44 -41.75 24.96 10.82
CA GLN E 44 -42.65 23.98 10.24
C GLN E 44 -42.72 24.16 8.72
N GLU E 45 -42.79 25.39 8.25
CA GLU E 45 -42.74 25.62 6.82
C GLU E 45 -41.37 25.34 6.13
N GLN E 46 -40.25 25.70 6.76
CA GLN E 46 -38.93 25.44 6.14
C GLN E 46 -38.72 23.94 5.96
N ALA E 47 -38.99 23.20 7.01
CA ALA E 47 -38.98 21.73 6.96
C ALA E 47 -39.73 21.19 5.74
N GLU E 48 -41.01 21.56 5.64
CA GLU E 48 -41.89 21.06 4.59
C GLU E 48 -41.35 21.39 3.21
N GLY E 49 -41.02 22.65 2.98
CA GLY E 49 -40.47 23.05 1.69
C GLY E 49 -39.26 22.22 1.31
N PHE E 50 -38.37 21.98 2.26
CA PHE E 50 -37.17 21.18 1.98
C PHE E 50 -37.56 19.77 1.63
N TYR E 51 -38.52 19.24 2.36
CA TYR E 51 -38.95 17.88 2.17
C TYR E 51 -40.23 17.75 1.33
N ALA E 52 -40.24 18.43 0.18
CA ALA E 52 -41.45 18.58 -0.63
C ALA E 52 -41.72 17.32 -1.43
N GLU E 53 -40.67 16.75 -2.01
CA GLU E 53 -40.83 15.52 -2.81
C GLU E 53 -41.62 14.42 -2.08
N HIS E 54 -41.56 14.41 -0.74
CA HIS E 54 -42.21 13.38 0.07
C HIS E 54 -43.52 13.85 0.69
N LYS E 55 -44.17 14.85 0.06
CA LYS E 55 -45.37 15.49 0.63
C LYS E 55 -46.42 14.47 1.00
N GLU E 56 -46.60 13.49 0.11
CA GLU E 56 -47.70 12.55 0.24
C GLU E 56 -47.32 11.26 0.99
N ARG E 57 -46.03 10.92 0.96
CA ARG E 57 -45.48 9.78 1.71
C ARG E 57 -45.94 9.76 3.17
N PRO E 58 -46.11 8.56 3.77
CA PRO E 58 -46.71 8.48 5.12
C PRO E 58 -45.76 8.81 6.27
N PHE E 59 -44.47 8.83 5.99
CA PHE E 59 -43.45 9.20 6.98
C PHE E 59 -43.15 10.71 6.99
N PHE E 60 -43.89 11.49 6.20
CA PHE E 60 -43.63 12.91 6.08
C PHE E 60 -44.00 13.63 7.38
N GLY E 61 -45.03 13.13 8.03
CA GLY E 61 -45.47 13.70 9.31
C GLY E 61 -44.38 13.69 10.38
N ASP E 62 -43.90 12.49 10.72
CA ASP E 62 -42.89 12.28 11.77
C ASP E 62 -41.55 12.93 11.44
N LEU E 63 -41.17 12.93 10.15
CA LEU E 63 -39.92 13.54 9.66
C LEU E 63 -39.86 15.02 10.02
N VAL E 64 -40.88 15.75 9.59
CA VAL E 64 -40.98 17.17 9.77
C VAL E 64 -40.96 17.47 11.25
N GLY E 65 -41.67 16.65 12.02
CA GLY E 65 -41.71 16.80 13.47
C GLY E 65 -40.36 16.62 14.13
N PHE E 66 -39.58 15.68 13.62
CA PHE E 66 -38.26 15.46 14.14
C PHE E 66 -37.31 16.62 13.75
N MET E 67 -37.24 16.89 12.44
CA MET E 67 -36.32 17.88 11.86
C MET E 67 -36.62 19.32 12.27
N THR E 68 -37.69 19.47 13.05
CA THR E 68 -38.15 20.77 13.50
C THR E 68 -38.23 20.80 15.03
N SER E 69 -37.67 19.78 15.67
CA SER E 69 -37.75 19.62 17.14
C SER E 69 -36.55 20.18 17.88
N GLY E 70 -35.56 20.62 17.13
CA GLY E 70 -34.37 21.22 17.73
C GLY E 70 -33.44 21.85 16.71
N PRO E 71 -32.42 22.57 17.20
CA PRO E 71 -31.53 23.21 16.24
C PRO E 71 -30.78 22.21 15.37
N VAL E 72 -30.41 22.64 14.17
CA VAL E 72 -29.61 21.82 13.26
C VAL E 72 -28.48 22.65 12.65
N VAL E 73 -27.58 21.98 11.95
CA VAL E 73 -26.58 22.68 11.21
C VAL E 73 -26.69 22.28 9.76
N VAL E 74 -27.22 23.19 8.95
CA VAL E 74 -27.28 22.97 7.51
C VAL E 74 -25.99 23.58 6.94
N GLN E 75 -25.36 22.89 6.00
CA GLN E 75 -24.08 23.34 5.48
C GLN E 75 -23.86 22.87 4.07
N VAL E 76 -22.77 23.33 3.50
CA VAL E 76 -22.46 22.96 2.14
C VAL E 76 -21.10 22.35 2.18
N LEU E 77 -21.00 21.10 1.73
CA LEU E 77 -19.71 20.46 1.66
C LEU E 77 -19.15 20.57 0.25
N GLU E 78 -17.87 20.90 0.11
CA GLU E 78 -17.23 20.96 -1.19
C GLU E 78 -15.96 20.11 -1.27
N GLY E 79 -15.82 19.31 -2.33
CA GLY E 79 -14.53 18.63 -2.56
C GLY E 79 -14.66 17.59 -3.64
N GLU E 80 -13.63 16.75 -3.79
CA GLU E 80 -13.65 15.77 -4.87
C GLU E 80 -14.81 14.80 -4.73
N ASN E 81 -15.67 14.73 -5.75
CA ASN E 81 -16.78 13.79 -5.79
C ASN E 81 -17.62 13.93 -4.50
N ALA E 82 -17.77 15.17 -4.04
CA ALA E 82 -18.42 15.44 -2.76
C ALA E 82 -19.79 14.75 -2.56
N ILE E 83 -20.68 14.87 -3.52
CA ILE E 83 -22.01 14.27 -3.36
C ILE E 83 -21.92 12.80 -2.95
N ALA E 84 -21.04 12.06 -3.63
CA ALA E 84 -20.91 10.62 -3.43
C ALA E 84 -20.10 10.26 -2.15
N ALA E 85 -18.97 10.97 -1.92
CA ALA E 85 -18.19 10.93 -0.66
C ALA E 85 -19.11 11.06 0.55
N ASN E 86 -19.86 12.14 0.60
CA ASN E 86 -20.76 12.40 1.70
C ASN E 86 -21.74 11.27 1.97
N ARG E 87 -22.26 10.62 0.92
CA ARG E 87 -23.11 9.43 1.12
C ARG E 87 -22.30 8.20 1.61
N ASP E 88 -21.07 8.02 1.11
CA ASP E 88 -20.15 7.01 1.67
C ASP E 88 -19.79 7.26 3.15
N LEU E 89 -19.51 8.51 3.51
CA LEU E 89 -19.18 8.89 4.87
C LEU E 89 -20.38 8.74 5.77
N MET E 90 -21.56 9.12 5.30
CA MET E 90 -22.74 9.04 6.12
C MET E 90 -23.16 7.61 6.44
N GLY E 91 -23.06 6.72 5.44
CA GLY E 91 -23.46 5.34 5.58
C GLY E 91 -24.90 5.14 5.19
N ALA E 92 -25.43 3.93 5.40
CA ALA E 92 -26.78 3.61 4.98
C ALA E 92 -27.72 4.50 5.74
N THR E 93 -28.84 4.81 5.11
CA THR E 93 -29.89 5.64 5.69
C THR E 93 -30.47 5.06 6.97
N ASN E 94 -30.62 3.74 7.03
CA ASN E 94 -31.03 3.03 8.25
C ASN E 94 -29.82 2.63 9.11
N PRO E 95 -29.71 3.23 10.31
CA PRO E 95 -28.58 3.10 11.24
C PRO E 95 -28.10 1.66 11.40
N LYS E 96 -29.02 0.75 11.68
CA LYS E 96 -28.63 -0.65 11.80
C LYS E 96 -28.40 -1.38 10.47
N GLU E 97 -28.38 -0.64 9.37
CA GLU E 97 -27.93 -1.20 8.10
C GLU E 97 -26.66 -0.54 7.60
N ALA E 98 -26.06 0.27 8.46
CA ALA E 98 -24.88 1.05 8.11
C ALA E 98 -23.62 0.32 8.51
N GLU E 99 -22.64 0.36 7.64
CA GLU E 99 -21.38 -0.30 7.92
C GLU E 99 -20.72 0.43 9.08
N ALA E 100 -20.28 -0.35 10.06
CA ALA E 100 -19.59 0.19 11.22
C ALA E 100 -18.59 1.26 10.76
N GLY E 101 -18.46 2.30 11.57
CA GLY E 101 -17.52 3.39 11.30
C GLY E 101 -18.04 4.45 10.33
N THR E 102 -19.35 4.46 10.07
CA THR E 102 -19.96 5.51 9.27
C THR E 102 -20.62 6.48 10.25
N ILE E 103 -20.87 7.72 9.85
CA ILE E 103 -21.45 8.70 10.77
C ILE E 103 -22.74 8.15 11.34
N ARG E 104 -23.52 7.55 10.47
CA ARG E 104 -24.83 7.02 10.82
C ARG E 104 -24.77 5.77 11.68
N ALA E 105 -23.82 4.89 11.41
CA ALA E 105 -23.62 3.74 12.27
C ALA E 105 -22.94 4.07 13.61
N ASP E 106 -22.43 5.29 13.72
CA ASP E 106 -21.65 5.68 14.87
C ASP E 106 -22.44 6.58 15.79
N TYR E 107 -23.29 7.43 15.21
CA TYR E 107 -24.00 8.41 16.03
C TYR E 107 -25.53 8.33 16.02
N ALA E 108 -26.10 7.41 15.22
CA ALA E 108 -27.56 7.40 15.01
C ALA E 108 -28.35 6.48 15.95
N GLN E 109 -29.54 6.96 16.33
CA GLN E 109 -30.50 6.25 17.23
C GLN E 109 -31.35 5.22 16.46
N SER E 110 -32.39 5.72 15.80
CA SER E 110 -33.28 4.94 14.99
C SER E 110 -33.22 5.51 13.59
N ILE E 111 -33.83 4.82 12.63
CA ILE E 111 -33.98 5.36 11.28
C ILE E 111 -34.60 6.77 11.28
N ASP E 112 -35.43 7.09 12.28
CA ASP E 112 -36.01 8.44 12.41
C ASP E 112 -34.98 9.49 12.84
N ALA E 113 -34.07 9.12 13.73
CA ALA E 113 -33.04 10.03 14.20
C ALA E 113 -31.67 9.58 13.74
N ASN E 114 -31.38 9.75 12.45
CA ASN E 114 -30.10 9.30 11.91
C ASN E 114 -29.00 10.36 11.81
N ALA E 115 -28.96 11.26 12.80
CA ALA E 115 -27.83 12.18 12.95
C ALA E 115 -27.63 13.14 11.79
N VAL E 116 -27.38 12.64 10.57
CA VAL E 116 -27.09 13.54 9.44
C VAL E 116 -27.96 13.33 8.20
N HIS E 117 -27.77 14.25 7.24
CA HIS E 117 -28.46 14.27 5.96
C HIS E 117 -27.49 14.57 4.83
N GLY E 118 -27.66 13.89 3.71
CA GLY E 118 -26.85 14.14 2.52
C GLY E 118 -27.71 14.20 1.28
N SER E 119 -27.23 14.86 0.24
CA SER E 119 -27.94 14.96 -1.03
C SER E 119 -27.84 13.63 -1.78
N ASP E 120 -28.97 13.11 -2.26
CA ASP E 120 -29.07 11.79 -2.91
C ASP E 120 -28.52 11.73 -4.35
N SER E 121 -28.35 12.89 -5.00
CA SER E 121 -27.91 13.01 -6.42
C SER E 121 -27.41 14.41 -6.75
N PRO E 122 -26.60 14.56 -7.83
CA PRO E 122 -26.04 15.87 -8.30
C PRO E 122 -27.08 16.94 -8.69
N GLU E 123 -28.33 16.50 -8.84
CA GLU E 123 -29.41 17.37 -9.16
C GLU E 123 -30.11 17.77 -7.87
N SER E 124 -30.27 16.81 -6.95
CA SER E 124 -30.98 17.14 -5.73
C SER E 124 -30.06 17.94 -4.84
N ALA E 125 -28.78 17.98 -5.21
CA ALA E 125 -27.78 18.75 -4.50
C ALA E 125 -27.99 20.22 -4.81
N ALA E 126 -28.18 20.51 -6.09
CA ALA E 126 -28.39 21.86 -6.64
C ALA E 126 -29.60 22.49 -6.03
N ARG E 127 -30.68 21.73 -5.93
CA ARG E 127 -31.89 22.23 -5.30
C ARG E 127 -31.60 22.52 -3.84
N GLU E 128 -31.16 21.50 -3.08
CA GLU E 128 -31.05 21.58 -1.61
C GLU E 128 -30.16 22.72 -1.20
N ILE E 129 -29.03 22.89 -1.86
CA ILE E 129 -28.18 24.05 -1.63
C ILE E 129 -28.95 25.37 -1.83
N ALA E 130 -29.62 25.51 -2.97
CA ALA E 130 -30.35 26.72 -3.30
C ALA E 130 -31.51 26.95 -2.36
N TYR E 131 -31.91 25.91 -1.64
CA TYR E 131 -33.00 26.04 -0.69
C TYR E 131 -32.64 26.90 0.54
N PHE E 132 -31.47 26.62 1.13
CA PHE E 132 -31.00 27.18 2.40
C PHE E 132 -29.91 28.26 2.28
N PHE E 133 -29.27 28.28 1.12
CA PHE E 133 -28.12 29.14 0.87
C PHE E 133 -28.20 29.99 -0.38
N ALA E 134 -27.85 31.26 -0.23
CA ALA E 134 -27.69 32.15 -1.36
C ALA E 134 -26.28 31.96 -1.88
N GLU E 135 -26.13 31.94 -3.20
CA GLU E 135 -24.78 31.82 -3.76
C GLU E 135 -23.78 32.68 -3.00
N SER E 136 -24.24 33.83 -2.49
CA SER E 136 -23.32 34.81 -1.86
C SER E 136 -22.86 34.37 -0.48
N GLU E 137 -23.67 33.56 0.21
CA GLU E 137 -23.26 32.98 1.47
C GLU E 137 -22.19 31.89 1.27
N ILE E 138 -22.16 31.25 0.10
CA ILE E 138 -21.19 30.18 -0.16
C ILE E 138 -19.83 30.72 -0.52
N CYS E 139 -18.86 30.44 0.36
CA CYS E 139 -17.50 30.96 0.20
C CYS E 139 -16.55 29.81 -0.12
N SER E 140 -16.54 29.39 -1.38
CA SER E 140 -15.62 28.37 -1.87
C SER E 140 -14.18 28.83 -1.65
N ARG E 141 -13.28 27.86 -1.49
CA ARG E 141 -11.83 28.12 -1.24
C ARG E 141 -10.98 26.91 -1.54
N ALA F 2 -22.80 29.16 37.26
CA ALA F 2 -23.63 30.17 36.51
C ALA F 2 -23.48 29.98 34.98
N THR F 3 -24.56 29.58 34.34
CA THR F 3 -24.53 29.32 32.90
C THR F 3 -24.40 30.67 32.15
N GLU F 4 -23.66 30.69 31.03
CA GLU F 4 -23.41 31.94 30.34
C GLU F 4 -22.98 31.79 28.90
N ARG F 5 -23.10 32.84 28.11
CA ARG F 5 -22.83 32.72 26.67
C ARG F 5 -21.63 33.60 26.29
N THR F 6 -20.79 33.11 25.40
CA THR F 6 -19.68 33.90 24.95
C THR F 6 -19.55 33.86 23.41
N LEU F 7 -18.82 34.80 22.85
CA LEU F 7 -18.67 34.78 21.40
C LEU F 7 -17.40 33.99 21.07
N SER F 8 -17.44 33.23 19.99
CA SER F 8 -16.25 32.53 19.57
C SER F 8 -16.15 32.73 18.08
N ILE F 9 -14.93 32.89 17.60
CA ILE F 9 -14.69 32.94 16.14
C ILE F 9 -13.56 32.01 15.78
N ILE F 10 -13.72 31.27 14.67
CA ILE F 10 -12.66 30.43 14.10
C ILE F 10 -12.11 31.17 12.87
N LYS F 11 -10.87 31.65 12.98
CA LYS F 11 -10.35 32.66 12.04
C LYS F 11 -9.96 32.06 10.70
N PRO F 12 -9.68 32.90 9.68
CA PRO F 12 -9.25 32.42 8.39
C PRO F 12 -8.13 31.36 8.39
N ASP F 13 -7.09 31.54 9.19
CA ASP F 13 -6.05 30.50 9.29
C ASP F 13 -6.61 29.12 9.71
N ALA F 14 -7.41 29.07 10.78
CA ALA F 14 -7.97 27.81 11.24
C ALA F 14 -8.88 27.23 10.20
N VAL F 15 -9.83 28.04 9.73
CA VAL F 15 -10.74 27.58 8.69
C VAL F 15 -9.99 27.10 7.42
N ALA F 16 -8.91 27.78 7.07
CA ALA F 16 -8.08 27.33 5.96
C ALA F 16 -7.43 25.92 6.15
N LYS F 17 -6.93 25.63 7.36
CA LYS F 17 -6.32 24.32 7.65
C LYS F 17 -7.36 23.18 7.75
N ASN F 18 -8.61 23.53 7.55
CA ASN F 18 -9.72 22.60 7.70
C ASN F 18 -9.77 21.86 9.03
N VAL F 19 -9.56 22.59 10.11
CA VAL F 19 -9.70 22.02 11.43
C VAL F 19 -10.94 22.58 12.19
N ILE F 20 -12.02 22.88 11.47
CA ILE F 20 -13.22 23.42 12.12
C ILE F 20 -13.78 22.39 13.06
N GLY F 21 -13.98 21.16 12.57
CA GLY F 21 -14.44 20.07 13.39
C GLY F 21 -13.55 19.84 14.60
N GLU F 22 -12.23 19.87 14.39
CA GLU F 22 -11.28 19.70 15.50
C GLU F 22 -11.48 20.68 16.66
N ILE F 23 -11.37 21.98 16.34
CA ILE F 23 -11.53 23.12 17.30
C ILE F 23 -12.92 23.08 17.95
N GLU F 24 -13.88 22.55 17.21
CA GLU F 24 -15.23 22.55 17.64
C GLU F 24 -15.36 21.46 18.72
N SER F 25 -14.65 20.36 18.53
CA SER F 25 -14.66 19.31 19.54
C SER F 25 -14.08 19.77 20.88
N ARG F 26 -13.04 20.60 20.84
CA ARG F 26 -12.44 21.07 22.06
C ARG F 26 -13.45 21.76 22.93
N PHE F 27 -14.28 22.59 22.31
CA PHE F 27 -15.38 23.29 22.98
C PHE F 27 -16.38 22.34 23.56
N GLU F 28 -16.83 21.40 22.74
CA GLU F 28 -17.85 20.43 23.14
C GLU F 28 -17.33 19.44 24.19
N LYS F 29 -16.10 18.97 24.04
CA LYS F 29 -15.52 18.14 25.07
C LYS F 29 -15.30 18.90 26.40
N ALA F 30 -15.25 20.23 26.32
CA ALA F 30 -14.96 21.05 27.51
C ALA F 30 -16.25 21.44 28.18
N GLY F 31 -17.38 21.13 27.52
CA GLY F 31 -18.68 21.24 28.16
C GLY F 31 -19.50 22.37 27.62
N LEU F 32 -18.97 23.04 26.61
CA LEU F 32 -19.70 24.11 25.93
C LEU F 32 -20.52 23.58 24.76
N LYS F 33 -21.64 24.24 24.53
CA LYS F 33 -22.54 23.86 23.48
C LYS F 33 -22.51 25.00 22.49
N ILE F 34 -22.56 24.66 21.22
CA ILE F 34 -22.63 25.62 20.16
C ILE F 34 -24.10 25.91 19.95
N VAL F 35 -24.55 27.09 20.38
CA VAL F 35 -25.98 27.43 20.30
C VAL F 35 -26.30 28.39 19.18
N ALA F 36 -25.29 28.76 18.40
CA ALA F 36 -25.46 29.69 17.27
C ALA F 36 -24.17 29.67 16.46
N ALA F 37 -24.26 29.79 15.14
CA ALA F 37 -23.04 29.65 14.29
C ALA F 37 -23.37 29.88 12.87
N LYS F 38 -22.49 30.55 12.15
CA LYS F 38 -22.61 30.75 10.70
C LYS F 38 -21.25 31.05 10.04
N MET F 39 -21.12 30.66 8.78
CA MET F 39 -19.83 30.88 8.14
C MET F 39 -20.00 32.04 7.21
N LEU F 40 -19.01 32.93 7.17
CA LEU F 40 -19.13 34.08 6.28
C LEU F 40 -17.80 34.75 6.09
N GLN F 41 -17.66 35.56 5.05
CA GLN F 41 -16.40 36.25 4.86
C GLN F 41 -16.60 37.70 5.22
N LEU F 42 -16.30 38.05 6.47
CA LEU F 42 -16.53 39.38 6.99
C LEU F 42 -16.18 40.45 5.96
N SER F 43 -17.00 41.52 5.92
CA SER F 43 -16.74 42.70 5.08
C SER F 43 -15.83 43.69 5.74
N GLN F 44 -15.44 44.69 5.00
CA GLN F 44 -14.64 45.79 5.54
C GLN F 44 -15.30 46.39 6.81
N GLU F 45 -16.57 46.73 6.70
CA GLU F 45 -17.32 47.35 7.79
C GLU F 45 -17.77 46.34 8.88
N GLN F 46 -17.94 45.08 8.50
CA GLN F 46 -18.26 44.06 9.47
C GLN F 46 -17.09 43.85 10.41
N ALA F 47 -15.87 43.78 9.88
CA ALA F 47 -14.67 43.69 10.71
C ALA F 47 -14.41 44.99 11.47
N GLU F 48 -14.39 46.12 10.74
CA GLU F 48 -14.15 47.45 11.30
C GLU F 48 -15.09 47.74 12.47
N GLY F 49 -16.35 47.41 12.27
CA GLY F 49 -17.33 47.64 13.30
C GLY F 49 -17.09 46.74 14.51
N PHE F 50 -16.58 45.55 14.26
CA PHE F 50 -16.33 44.63 15.35
C PHE F 50 -15.20 45.12 16.22
N TYR F 51 -14.13 45.57 15.57
CA TYR F 51 -12.95 45.99 16.30
C TYR F 51 -12.91 47.49 16.54
N ALA F 52 -14.09 48.09 16.72
CA ALA F 52 -14.22 49.53 16.84
C ALA F 52 -13.32 50.12 17.89
N GLU F 53 -13.29 49.50 19.06
CA GLU F 53 -12.44 49.95 20.16
C GLU F 53 -11.00 50.24 19.71
N HIS F 54 -10.60 49.64 18.59
CA HIS F 54 -9.23 49.79 18.07
C HIS F 54 -9.19 50.81 16.94
N LYS F 55 -10.31 51.51 16.74
CA LYS F 55 -10.47 52.60 15.76
C LYS F 55 -9.15 53.33 15.50
N GLU F 56 -8.60 53.90 16.58
CA GLU F 56 -7.51 54.84 16.49
C GLU F 56 -6.11 54.26 16.53
N ARG F 57 -5.99 52.96 16.73
CA ARG F 57 -4.66 52.36 16.73
C ARG F 57 -4.27 51.93 15.31
N PRO F 58 -2.97 52.02 14.99
CA PRO F 58 -2.46 51.62 13.68
C PRO F 58 -2.55 50.14 13.37
N PHE F 59 -2.49 49.28 14.38
CA PHE F 59 -2.57 47.84 14.11
C PHE F 59 -3.95 47.42 13.60
N PHE F 60 -4.91 48.35 13.72
CA PHE F 60 -6.30 48.20 13.24
C PHE F 60 -6.44 47.71 11.80
N GLY F 61 -5.77 48.42 10.89
CA GLY F 61 -5.75 48.09 9.47
C GLY F 61 -5.42 46.64 9.22
N ASP F 62 -4.31 46.14 9.79
CA ASP F 62 -3.90 44.71 9.63
C ASP F 62 -4.82 43.74 10.40
N LEU F 63 -5.21 44.07 11.62
CA LEU F 63 -6.19 43.26 12.32
C LEU F 63 -7.40 43.02 11.43
N VAL F 64 -7.80 44.05 10.69
CA VAL F 64 -8.89 43.94 9.74
C VAL F 64 -8.45 43.21 8.50
N GLY F 65 -7.27 43.54 8.02
CA GLY F 65 -6.73 42.85 6.87
C GLY F 65 -6.91 41.35 6.99
N PHE F 66 -6.43 40.81 8.11
CA PHE F 66 -6.40 39.36 8.39
C PHE F 66 -7.81 38.76 8.53
N MET F 67 -8.59 39.41 9.39
CA MET F 67 -9.95 38.99 9.68
C MET F 67 -10.87 39.14 8.48
N THR F 68 -10.32 39.66 7.39
CA THR F 68 -11.05 39.79 6.12
C THR F 68 -10.50 38.81 5.09
N SER F 69 -9.27 38.33 5.31
CA SER F 69 -8.56 37.53 4.31
C SER F 69 -9.28 36.24 3.83
N GLY F 70 -10.20 35.70 4.63
CA GLY F 70 -10.90 34.47 4.30
C GLY F 70 -12.18 34.32 5.10
N PRO F 71 -13.01 33.33 4.75
CA PRO F 71 -14.21 33.11 5.53
C PRO F 71 -13.85 32.67 6.96
N VAL F 72 -14.76 32.94 7.90
CA VAL F 72 -14.60 32.61 9.29
C VAL F 72 -15.90 31.96 9.78
N VAL F 73 -15.84 31.27 10.91
CA VAL F 73 -17.05 30.70 11.54
C VAL F 73 -17.28 31.52 12.80
N VAL F 74 -18.36 32.26 12.83
CA VAL F 74 -18.69 33.06 13.96
C VAL F 74 -19.77 32.26 14.67
N GLN F 75 -19.63 32.06 15.97
CA GLN F 75 -20.55 31.23 16.71
C GLN F 75 -20.66 31.74 18.11
N VAL F 76 -21.65 31.19 18.81
CA VAL F 76 -21.90 31.48 20.24
C VAL F 76 -21.80 30.21 21.05
N LEU F 77 -20.92 30.20 22.04
CA LEU F 77 -20.73 29.05 22.89
C LEU F 77 -21.41 29.31 24.18
N GLU F 78 -22.12 28.32 24.69
CA GLU F 78 -22.78 28.48 25.96
C GLU F 78 -22.51 27.32 26.91
N GLY F 79 -22.36 27.64 28.19
CA GLY F 79 -22.28 26.63 29.24
C GLY F 79 -21.87 27.25 30.55
N GLU F 80 -21.41 26.40 31.46
CA GLU F 80 -20.92 26.85 32.78
C GLU F 80 -19.62 27.67 32.68
N ASN F 81 -19.64 28.89 33.24
CA ASN F 81 -18.50 29.80 33.15
C ASN F 81 -17.98 29.95 31.74
N ALA F 82 -18.88 29.91 30.73
CA ALA F 82 -18.47 29.81 29.30
C ALA F 82 -17.39 30.83 28.87
N ILE F 83 -17.50 32.04 29.41
CA ILE F 83 -16.56 33.12 29.06
C ILE F 83 -15.17 32.85 29.55
N ALA F 84 -15.05 32.57 30.84
CA ALA F 84 -13.79 32.15 31.43
C ALA F 84 -13.26 30.83 30.79
N ALA F 85 -14.15 29.84 30.64
CA ALA F 85 -13.80 28.52 30.11
C ALA F 85 -13.22 28.66 28.69
N ASN F 86 -13.96 29.33 27.81
CA ASN F 86 -13.47 29.66 26.48
C ASN F 86 -12.09 30.32 26.49
N ARG F 87 -11.90 31.38 27.30
CA ARG F 87 -10.63 32.06 27.44
C ARG F 87 -9.54 31.06 27.81
N ASP F 88 -9.79 30.26 28.86
CA ASP F 88 -8.87 29.19 29.24
C ASP F 88 -8.59 28.22 28.07
N LEU F 89 -9.63 27.86 27.35
CA LEU F 89 -9.48 26.88 26.23
C LEU F 89 -8.56 27.34 25.10
N MET F 90 -8.63 28.63 24.81
CA MET F 90 -7.91 29.17 23.72
C MET F 90 -6.45 29.37 24.04
N GLY F 91 -6.17 29.65 25.31
CA GLY F 91 -4.81 29.96 25.74
C GLY F 91 -4.44 31.41 25.49
N ALA F 92 -3.22 31.77 25.87
CA ALA F 92 -2.67 33.10 25.68
C ALA F 92 -2.93 33.59 24.29
N THR F 93 -3.09 34.89 24.17
CA THR F 93 -3.32 35.51 22.87
C THR F 93 -2.17 35.20 21.93
N ASN F 94 -0.97 35.14 22.48
CA ASN F 94 0.21 34.83 21.73
C ASN F 94 0.50 33.34 21.72
N PRO F 95 0.39 32.70 20.53
CA PRO F 95 0.58 31.26 20.38
C PRO F 95 1.84 30.74 21.05
N LYS F 96 2.93 31.51 21.00
CA LYS F 96 4.20 30.98 21.51
C LYS F 96 4.29 31.12 23.03
N GLU F 97 3.36 31.85 23.64
CA GLU F 97 3.34 31.86 25.12
C GLU F 97 2.18 31.13 25.81
N ALA F 98 1.30 30.54 24.99
CA ALA F 98 0.16 29.73 25.46
C ALA F 98 0.57 28.34 25.99
N GLU F 99 -0.04 27.90 27.10
CA GLU F 99 0.21 26.57 27.65
C GLU F 99 -0.02 25.58 26.53
N ALA F 100 0.68 24.44 26.63
CA ALA F 100 0.54 23.41 25.60
C ALA F 100 -0.85 22.77 25.62
N GLY F 101 -1.35 22.40 24.45
CA GLY F 101 -2.66 21.76 24.33
C GLY F 101 -3.86 22.70 24.17
N THR F 102 -3.67 23.97 24.51
CA THR F 102 -4.69 24.96 24.21
C THR F 102 -4.86 25.13 22.71
N ILE F 103 -5.99 25.69 22.29
CA ILE F 103 -6.29 25.88 20.89
C ILE F 103 -5.22 26.68 20.15
N ARG F 104 -4.78 27.79 20.74
CA ARG F 104 -3.84 28.66 20.04
C ARG F 104 -2.51 27.99 19.93
N ALA F 105 -2.07 27.35 21.01
CA ALA F 105 -0.77 26.70 20.96
C ALA F 105 -0.77 25.46 20.04
N ASP F 106 -1.94 24.92 19.72
CA ASP F 106 -1.99 23.72 18.90
C ASP F 106 -2.26 23.98 17.43
N TYR F 107 -2.87 25.13 17.13
CA TYR F 107 -3.33 25.39 15.80
C TYR F 107 -2.79 26.71 15.26
N ALA F 108 -2.37 27.60 16.14
CA ALA F 108 -2.01 28.95 15.67
C ALA F 108 -0.55 29.07 15.25
N GLN F 109 -0.31 29.88 14.21
CA GLN F 109 1.03 30.05 13.66
C GLN F 109 1.68 31.23 14.30
N SER F 110 0.96 32.34 14.38
CA SER F 110 1.55 33.58 14.89
C SER F 110 0.63 34.33 15.82
N ILE F 111 1.09 35.46 16.31
CA ILE F 111 0.29 36.30 17.16
C ILE F 111 -0.92 36.86 16.49
N ASP F 112 -0.74 37.33 15.26
CA ASP F 112 -1.81 37.95 14.51
C ASP F 112 -2.71 36.86 13.95
N ALA F 113 -2.10 35.76 13.51
CA ALA F 113 -2.85 34.55 13.13
C ALA F 113 -2.99 33.49 14.26
N ASN F 114 -3.83 33.76 15.26
CA ASN F 114 -3.99 32.91 16.42
C ASN F 114 -5.30 32.02 16.50
N ALA F 115 -5.68 31.48 15.34
CA ALA F 115 -6.77 30.45 15.18
C ALA F 115 -8.18 30.83 15.66
N VAL F 116 -8.26 31.28 16.91
CA VAL F 116 -9.56 31.61 17.48
C VAL F 116 -9.68 32.96 18.18
N HIS F 117 -10.91 33.27 18.55
CA HIS F 117 -11.28 34.49 19.25
C HIS F 117 -12.32 34.14 20.25
N GLY F 118 -12.17 34.71 21.45
CA GLY F 118 -13.22 34.64 22.48
C GLY F 118 -13.37 36.00 23.13
N SER F 119 -14.55 36.33 23.65
CA SER F 119 -14.76 37.63 24.28
C SER F 119 -13.85 37.74 25.52
N ASP F 120 -13.40 38.96 25.88
CA ASP F 120 -12.42 39.17 27.00
C ASP F 120 -13.14 39.12 28.35
N SER F 121 -14.37 39.62 28.38
CA SER F 121 -15.10 39.74 29.60
C SER F 121 -16.62 39.60 29.39
N PRO F 122 -17.35 39.43 30.50
CA PRO F 122 -18.83 39.45 30.31
C PRO F 122 -19.34 40.64 29.48
N GLU F 123 -18.78 41.83 29.73
CA GLU F 123 -19.26 43.02 29.03
C GLU F 123 -19.05 42.79 27.57
N SER F 124 -17.80 42.46 27.19
CA SER F 124 -17.45 42.26 25.79
C SER F 124 -18.23 41.05 25.20
N ALA F 125 -18.56 40.05 26.02
CA ALA F 125 -19.41 38.97 25.55
C ALA F 125 -20.77 39.47 25.07
N ALA F 126 -21.45 40.24 25.90
CA ALA F 126 -22.74 40.79 25.50
C ALA F 126 -22.64 41.67 24.24
N ARG F 127 -21.69 42.60 24.19
CA ARG F 127 -21.45 43.41 22.96
C ARG F 127 -21.17 42.53 21.71
N GLU F 128 -20.28 41.57 21.83
CA GLU F 128 -19.85 40.78 20.66
C GLU F 128 -20.95 39.87 20.11
N ILE F 129 -21.66 39.22 21.01
CA ILE F 129 -22.76 38.35 20.64
C ILE F 129 -23.83 39.15 19.93
N ALA F 130 -24.16 40.34 20.44
CA ALA F 130 -25.13 41.20 19.78
C ALA F 130 -24.63 41.78 18.46
N TYR F 131 -23.33 41.96 18.32
CA TYR F 131 -22.79 42.49 17.07
C TYR F 131 -23.10 41.57 15.91
N PHE F 132 -22.79 40.29 16.13
CA PHE F 132 -22.96 39.31 15.06
C PHE F 132 -24.35 38.65 14.99
N PHE F 133 -24.92 38.35 16.16
CA PHE F 133 -26.11 37.55 16.22
C PHE F 133 -27.26 38.31 16.81
N ALA F 134 -28.41 38.14 16.18
CA ALA F 134 -29.65 38.64 16.69
C ALA F 134 -30.19 37.56 17.63
N GLU F 135 -30.81 37.96 18.74
CA GLU F 135 -31.28 36.97 19.76
C GLU F 135 -32.08 35.82 19.22
N SER F 136 -32.86 36.05 18.19
CA SER F 136 -33.68 35.00 17.62
C SER F 136 -32.79 33.96 16.96
N GLU F 137 -31.59 34.32 16.55
CA GLU F 137 -30.67 33.37 15.91
C GLU F 137 -29.95 32.39 16.86
N ILE F 138 -29.92 32.73 18.14
CA ILE F 138 -29.28 31.91 19.17
C ILE F 138 -30.33 30.97 19.68
N CYS F 139 -30.01 29.69 19.77
CA CYS F 139 -31.01 28.66 20.12
C CYS F 139 -30.57 27.95 21.36
N SER F 140 -30.52 28.67 22.47
CA SER F 140 -30.00 28.14 23.72
C SER F 140 -30.81 26.91 24.15
N ARG F 141 -30.14 26.00 24.86
CA ARG F 141 -30.62 24.64 25.13
C ARG F 141 -29.64 24.02 26.14
N ALA G 2 -45.70 35.11 -18.55
CA ALA G 2 -46.52 34.70 -17.35
C ALA G 2 -45.97 35.29 -16.02
N THR G 3 -46.41 34.70 -14.90
CA THR G 3 -45.94 35.03 -13.55
C THR G 3 -44.45 34.67 -13.32
N GLU G 4 -43.61 35.69 -13.22
CA GLU G 4 -42.18 35.48 -13.11
C GLU G 4 -41.51 36.19 -11.90
N ARG G 5 -40.22 35.94 -11.68
CA ARG G 5 -39.50 36.58 -10.60
C ARG G 5 -38.36 37.36 -11.21
N THR G 6 -38.06 38.51 -10.61
CA THR G 6 -36.97 39.35 -11.05
C THR G 6 -36.27 39.87 -9.80
N LEU G 7 -35.02 40.30 -9.96
CA LEU G 7 -34.29 40.85 -8.86
C LEU G 7 -34.44 42.34 -8.94
N SER G 8 -35.00 42.95 -7.88
CA SER G 8 -35.01 44.41 -7.80
C SER G 8 -34.00 44.87 -6.75
N ILE G 9 -33.24 45.91 -7.06
CA ILE G 9 -32.39 46.55 -6.06
C ILE G 9 -32.61 48.08 -5.99
N ILE G 10 -32.84 48.58 -4.77
CA ILE G 10 -32.84 50.01 -4.54
C ILE G 10 -31.42 50.38 -4.20
N LYS G 11 -30.81 51.22 -5.05
CA LYS G 11 -29.37 51.50 -4.97
C LYS G 11 -29.03 52.50 -3.87
N PRO G 12 -27.76 52.56 -3.44
CA PRO G 12 -27.36 53.41 -2.30
C PRO G 12 -27.71 54.88 -2.47
N ASP G 13 -27.76 55.36 -3.70
CA ASP G 13 -28.17 56.73 -3.93
C ASP G 13 -29.66 56.92 -3.57
N ALA G 14 -30.47 55.95 -3.98
CA ALA G 14 -31.92 56.02 -3.81
C ALA G 14 -32.30 55.96 -2.34
N VAL G 15 -31.79 54.95 -1.63
CA VAL G 15 -32.06 54.78 -0.22
C VAL G 15 -31.58 55.96 0.59
N ALA G 16 -30.42 56.50 0.27
CA ALA G 16 -29.95 57.71 0.98
C ALA G 16 -30.95 58.87 0.89
N LYS G 17 -31.61 58.98 -0.25
CA LYS G 17 -32.69 59.95 -0.47
C LYS G 17 -33.94 59.65 0.38
N ASN G 18 -33.95 58.50 1.03
CA ASN G 18 -35.08 58.12 1.88
C ASN G 18 -36.39 58.01 1.06
N VAL G 19 -36.30 57.53 -0.17
CA VAL G 19 -37.48 57.26 -0.97
C VAL G 19 -37.75 55.79 -1.17
N ILE G 20 -37.29 54.96 -0.25
CA ILE G 20 -37.55 53.50 -0.36
C ILE G 20 -39.03 53.28 -0.57
N GLY G 21 -39.82 53.89 0.30
CA GLY G 21 -41.27 53.79 0.26
C GLY G 21 -41.88 54.11 -1.09
N GLU G 22 -41.41 55.19 -1.69
CA GLU G 22 -42.04 55.64 -2.94
C GLU G 22 -41.73 54.68 -4.04
N ILE G 23 -40.48 54.21 -4.03
CA ILE G 23 -39.99 53.28 -5.05
C ILE G 23 -40.68 51.91 -4.96
N GLU G 24 -40.88 51.43 -3.74
CA GLU G 24 -41.61 50.18 -3.48
C GLU G 24 -43.04 50.35 -3.95
N SER G 25 -43.70 51.42 -3.51
CA SER G 25 -45.08 51.72 -3.92
C SER G 25 -45.29 51.62 -5.42
N ARG G 26 -44.30 52.11 -6.17
CA ARG G 26 -44.33 51.97 -7.63
C ARG G 26 -44.54 50.54 -8.05
N PHE G 27 -43.77 49.62 -7.50
CA PHE G 27 -43.86 48.24 -7.94
C PHE G 27 -45.17 47.68 -7.52
N GLU G 28 -45.55 47.94 -6.27
CA GLU G 28 -46.76 47.37 -5.68
C GLU G 28 -48.01 47.85 -6.44
N LYS G 29 -48.12 49.17 -6.66
CA LYS G 29 -49.25 49.76 -7.38
C LYS G 29 -49.38 49.14 -8.75
N ALA G 30 -48.25 48.74 -9.36
CA ALA G 30 -48.29 48.22 -10.73
C ALA G 30 -48.71 46.77 -10.78
N GLY G 31 -49.17 46.24 -9.65
CA GLY G 31 -49.48 44.83 -9.52
C GLY G 31 -48.33 43.88 -9.15
N LEU G 32 -47.13 44.40 -8.88
CA LEU G 32 -46.03 43.47 -8.51
C LEU G 32 -45.98 43.22 -7.00
N LYS G 33 -45.63 42.01 -6.58
CA LYS G 33 -45.46 41.76 -5.12
C LYS G 33 -44.02 41.53 -4.77
N ILE G 34 -43.61 42.12 -3.64
CA ILE G 34 -42.29 41.93 -3.04
C ILE G 34 -42.42 40.63 -2.23
N VAL G 35 -41.72 39.59 -2.68
CA VAL G 35 -41.75 38.31 -2.03
C VAL G 35 -40.50 38.04 -1.19
N ALA G 36 -39.54 38.95 -1.25
CA ALA G 36 -38.31 38.81 -0.47
C ALA G 36 -37.58 40.16 -0.46
N ALA G 37 -36.79 40.40 0.58
CA ALA G 37 -36.16 41.70 0.76
C ALA G 37 -35.24 41.76 1.97
N LYS G 38 -34.10 42.43 1.81
CA LYS G 38 -33.20 42.70 2.93
C LYS G 38 -32.41 43.98 2.64
N MET G 39 -32.24 44.81 3.67
CA MET G 39 -31.34 45.91 3.57
C MET G 39 -29.95 45.47 4.03
N LEU G 40 -28.90 45.87 3.29
CA LEU G 40 -27.50 45.61 3.71
C LEU G 40 -26.56 46.48 2.95
N GLN G 41 -25.38 46.72 3.55
CA GLN G 41 -24.31 47.37 2.83
C GLN G 41 -23.38 46.29 2.29
N LEU G 42 -23.39 46.15 0.96
CA LEU G 42 -22.69 45.07 0.28
C LEU G 42 -21.21 45.06 0.58
N SER G 43 -20.64 43.86 0.74
CA SER G 43 -19.19 43.65 0.93
C SER G 43 -18.42 43.81 -0.37
N GLN G 44 -17.09 43.91 -0.27
CA GLN G 44 -16.30 44.04 -1.49
C GLN G 44 -16.44 42.83 -2.38
N GLU G 45 -16.39 41.65 -1.76
CA GLU G 45 -16.63 40.41 -2.46
C GLU G 45 -18.06 40.24 -3.05
N GLN G 46 -19.08 40.64 -2.29
CA GLN G 46 -20.47 40.50 -2.78
C GLN G 46 -20.75 41.33 -4.01
N ALA G 47 -20.27 42.59 -4.01
CA ALA G 47 -20.49 43.50 -5.12
C ALA G 47 -19.79 42.99 -6.36
N GLU G 48 -18.57 42.50 -6.18
CA GLU G 48 -17.80 41.95 -7.28
C GLU G 48 -18.34 40.65 -7.82
N GLY G 49 -18.92 39.85 -6.94
CA GLY G 49 -19.45 38.55 -7.29
C GLY G 49 -20.71 38.77 -8.10
N PHE G 50 -21.52 39.74 -7.66
CA PHE G 50 -22.77 40.03 -8.35
C PHE G 50 -22.53 40.64 -9.72
N TYR G 51 -21.60 41.58 -9.79
CA TYR G 51 -21.23 42.28 -11.01
C TYR G 51 -19.99 41.65 -11.66
N ALA G 52 -19.80 40.34 -11.48
CA ALA G 52 -18.58 39.67 -11.92
C ALA G 52 -18.44 39.67 -13.42
N GLU G 53 -19.57 39.77 -14.14
CA GLU G 53 -19.53 39.67 -15.59
C GLU G 53 -18.96 40.92 -16.19
N HIS G 54 -18.67 41.88 -15.31
CA HIS G 54 -18.08 43.14 -15.69
C HIS G 54 -16.64 43.24 -15.19
N LYS G 55 -16.12 42.16 -14.60
CA LYS G 55 -14.76 42.15 -14.06
C LYS G 55 -13.73 42.57 -15.13
N GLU G 56 -12.77 43.38 -14.71
CA GLU G 56 -11.72 44.00 -15.57
C GLU G 56 -12.12 45.30 -16.32
N ARG G 57 -13.39 45.40 -16.72
CA ARG G 57 -13.86 46.57 -17.48
C ARG G 57 -13.45 47.87 -16.79
N PRO G 58 -13.27 48.95 -17.58
CA PRO G 58 -12.72 50.21 -17.01
C PRO G 58 -13.68 51.08 -16.13
N PHE G 59 -14.75 50.48 -15.61
CA PHE G 59 -15.65 51.19 -14.69
C PHE G 59 -15.99 50.29 -13.51
N PHE G 60 -15.68 49.00 -13.65
CA PHE G 60 -15.89 48.01 -12.62
C PHE G 60 -15.60 48.62 -11.25
N GLY G 61 -14.37 49.06 -11.05
CA GLY G 61 -13.94 49.75 -9.83
C GLY G 61 -14.94 50.78 -9.31
N ASP G 62 -15.40 51.67 -10.18
CA ASP G 62 -16.38 52.67 -9.75
C ASP G 62 -17.68 51.98 -9.33
N LEU G 63 -18.27 51.19 -10.25
CA LEU G 63 -19.48 50.41 -10.02
C LEU G 63 -19.41 49.76 -8.66
N VAL G 64 -18.40 48.92 -8.48
CA VAL G 64 -18.18 48.26 -7.19
C VAL G 64 -18.10 49.28 -6.03
N GLY G 65 -17.30 50.33 -6.22
CA GLY G 65 -17.21 51.37 -5.21
C GLY G 65 -18.61 51.80 -4.84
N PHE G 66 -19.34 52.34 -5.83
CA PHE G 66 -20.66 52.92 -5.61
C PHE G 66 -21.59 51.96 -4.88
N MET G 67 -21.79 50.79 -5.50
CA MET G 67 -22.64 49.71 -5.01
C MET G 67 -22.35 49.23 -3.60
N THR G 68 -21.19 49.64 -3.07
CA THR G 68 -20.82 49.30 -1.69
C THR G 68 -20.45 50.53 -0.81
N SER G 69 -20.81 51.74 -1.26
CA SER G 69 -20.51 52.99 -0.58
C SER G 69 -21.43 53.23 0.60
N GLY G 70 -22.70 52.83 0.42
CA GLY G 70 -23.73 52.81 1.47
C GLY G 70 -24.79 51.70 1.26
N PRO G 71 -25.63 51.47 2.28
CA PRO G 71 -26.65 50.40 2.28
C PRO G 71 -27.59 50.38 1.09
N VAL G 72 -28.01 49.19 0.71
CA VAL G 72 -28.97 49.01 -0.39
C VAL G 72 -30.12 48.14 0.07
N VAL G 73 -31.10 47.92 -0.82
CA VAL G 73 -32.22 47.00 -0.54
C VAL G 73 -32.23 46.01 -1.68
N VAL G 74 -32.11 44.73 -1.40
CA VAL G 74 -32.09 43.73 -2.43
C VAL G 74 -33.37 43.00 -2.24
N GLN G 75 -34.02 42.66 -3.36
CA GLN G 75 -35.36 42.08 -3.30
C GLN G 75 -35.76 41.32 -4.56
N VAL G 76 -36.79 40.49 -4.39
CA VAL G 76 -37.41 39.70 -5.47
C VAL G 76 -38.83 40.19 -5.64
N LEU G 77 -39.14 40.63 -6.84
CA LEU G 77 -40.49 41.03 -7.23
C LEU G 77 -41.13 39.90 -8.00
N GLU G 78 -42.39 39.63 -7.68
CA GLU G 78 -43.17 38.61 -8.33
C GLU G 78 -44.51 39.11 -8.84
N GLY G 79 -44.78 38.83 -10.11
CA GLY G 79 -46.07 39.12 -10.74
C GLY G 79 -46.05 38.82 -12.22
N GLU G 80 -47.20 38.93 -12.87
CA GLU G 80 -47.28 38.71 -14.32
C GLU G 80 -46.28 39.59 -15.08
N ASN G 81 -45.46 39.00 -15.92
CA ASN G 81 -44.54 39.76 -16.76
C ASN G 81 -43.61 40.63 -15.87
N ALA G 82 -43.31 40.12 -14.67
CA ALA G 82 -42.42 40.78 -13.72
C ALA G 82 -41.12 41.36 -14.28
N ILE G 83 -40.34 40.55 -15.00
CA ILE G 83 -39.06 41.02 -15.54
C ILE G 83 -39.23 42.25 -16.43
N ALA G 84 -40.02 42.11 -17.47
CA ALA G 84 -40.36 43.26 -18.33
C ALA G 84 -41.00 44.42 -17.54
N ALA G 85 -42.10 44.14 -16.82
CA ALA G 85 -42.84 45.15 -16.03
C ALA G 85 -41.91 46.07 -15.30
N ASN G 86 -41.05 45.50 -14.47
CA ASN G 86 -40.06 46.22 -13.68
C ASN G 86 -39.19 47.08 -14.57
N ARG G 87 -38.78 46.54 -15.73
CA ARG G 87 -37.96 47.31 -16.68
C ARG G 87 -38.68 48.57 -17.11
N ASP G 88 -40.00 48.48 -17.30
CA ASP G 88 -40.79 49.67 -17.62
C ASP G 88 -40.79 50.65 -16.48
N LEU G 89 -41.34 50.25 -15.34
CA LEU G 89 -41.37 51.07 -14.14
C LEU G 89 -40.07 51.81 -13.87
N MET G 90 -38.92 51.16 -14.10
CA MET G 90 -37.62 51.73 -13.76
C MET G 90 -37.25 52.85 -14.69
N GLY G 91 -37.42 52.61 -15.98
CA GLY G 91 -37.07 53.58 -17.00
C GLY G 91 -35.70 53.29 -17.57
N ALA G 92 -35.31 54.12 -18.54
CA ALA G 92 -34.06 53.93 -19.28
C ALA G 92 -32.87 54.14 -18.36
N THR G 93 -31.83 53.30 -18.53
CA THR G 93 -30.59 53.33 -17.74
C THR G 93 -29.98 54.71 -17.57
N ASN G 94 -29.99 55.49 -18.65
CA ASN G 94 -29.54 56.88 -18.60
C ASN G 94 -30.72 57.74 -18.19
N PRO G 95 -30.56 58.51 -17.09
CA PRO G 95 -31.68 59.29 -16.54
C PRO G 95 -32.26 60.28 -17.55
N LYS G 96 -31.39 61.00 -18.27
CA LYS G 96 -31.81 61.95 -19.31
C LYS G 96 -32.76 61.30 -20.33
N GLU G 97 -32.52 60.03 -20.65
CA GLU G 97 -33.32 59.28 -21.60
C GLU G 97 -34.59 58.66 -20.98
N ALA G 98 -34.53 58.33 -19.69
CA ALA G 98 -35.68 57.71 -19.02
C ALA G 98 -36.91 58.60 -19.07
N GLU G 99 -38.03 58.03 -19.48
CA GLU G 99 -39.29 58.77 -19.58
C GLU G 99 -39.77 59.36 -18.27
N ALA G 100 -40.61 60.37 -18.39
CA ALA G 100 -41.14 61.04 -17.22
C ALA G 100 -42.15 60.15 -16.47
N GLY G 101 -41.99 60.12 -15.14
CA GLY G 101 -42.76 59.25 -14.23
C GLY G 101 -42.27 57.83 -14.03
N THR G 102 -40.98 57.58 -14.24
CA THR G 102 -40.38 56.29 -13.96
C THR G 102 -39.39 56.42 -12.80
N ILE G 103 -39.09 55.28 -12.20
CA ILE G 103 -38.25 55.30 -11.01
C ILE G 103 -37.01 56.15 -11.25
N ARG G 104 -36.35 55.88 -12.37
CA ARG G 104 -35.05 56.52 -12.64
C ARG G 104 -35.20 58.02 -12.94
N ALA G 105 -36.13 58.35 -13.83
CA ALA G 105 -36.44 59.75 -14.16
C ALA G 105 -36.92 60.54 -12.97
N ASP G 106 -37.17 59.89 -11.84
CA ASP G 106 -37.61 60.59 -10.64
C ASP G 106 -36.53 60.75 -9.58
N TYR G 107 -35.56 59.81 -9.53
CA TYR G 107 -34.55 59.83 -8.46
C TYR G 107 -33.11 59.65 -8.89
N ALA G 108 -32.88 59.37 -10.17
CA ALA G 108 -31.50 59.15 -10.64
C ALA G 108 -30.71 60.46 -10.91
N GLN G 109 -29.49 60.53 -10.37
CA GLN G 109 -28.63 61.71 -10.52
C GLN G 109 -27.64 61.64 -11.72
N SER G 110 -27.15 60.42 -12.01
CA SER G 110 -26.31 60.16 -13.16
C SER G 110 -26.54 58.71 -13.60
N ILE G 111 -25.83 58.25 -14.63
CA ILE G 111 -25.89 56.85 -15.03
C ILE G 111 -25.25 55.95 -13.97
N ASP G 112 -24.17 56.43 -13.37
CA ASP G 112 -23.46 55.63 -12.37
C ASP G 112 -24.36 55.48 -11.16
N ALA G 113 -25.39 56.32 -11.11
CA ALA G 113 -26.25 56.37 -9.95
C ALA G 113 -27.71 56.45 -10.35
N ASN G 114 -28.26 55.31 -10.77
CA ASN G 114 -29.63 55.28 -11.30
C ASN G 114 -30.71 54.67 -10.43
N ALA G 115 -30.51 54.75 -9.12
CA ALA G 115 -31.54 54.49 -8.09
C ALA G 115 -31.94 53.06 -7.92
N VAL G 116 -32.03 52.33 -9.02
CA VAL G 116 -32.58 51.00 -9.04
C VAL G 116 -31.91 50.08 -10.07
N HIS G 117 -32.03 48.75 -9.84
CA HIS G 117 -31.50 47.70 -10.66
C HIS G 117 -32.61 46.70 -10.99
N GLY G 118 -32.58 46.11 -12.17
CA GLY G 118 -33.55 45.05 -12.47
C GLY G 118 -32.98 44.01 -13.42
N SER G 119 -33.30 42.75 -13.20
CA SER G 119 -32.80 41.71 -14.08
C SER G 119 -33.15 42.04 -15.50
N ASP G 120 -32.20 41.88 -16.41
CA ASP G 120 -32.34 42.30 -17.78
C ASP G 120 -32.85 41.15 -18.65
N SER G 121 -33.02 39.99 -18.05
CA SER G 121 -33.61 38.84 -18.75
C SER G 121 -33.93 37.73 -17.77
N PRO G 122 -34.75 36.74 -18.21
CA PRO G 122 -35.09 35.54 -17.41
C PRO G 122 -33.85 34.85 -16.86
N GLU G 123 -32.81 34.77 -17.69
CA GLU G 123 -31.60 34.02 -17.34
C GLU G 123 -30.90 34.75 -16.21
N SER G 124 -30.64 36.04 -16.41
CA SER G 124 -29.97 36.78 -15.39
C SER G 124 -30.89 36.88 -14.16
N ALA G 125 -32.19 37.00 -14.36
CA ALA G 125 -33.06 37.07 -13.18
C ALA G 125 -32.87 35.85 -12.27
N ALA G 126 -32.65 34.66 -12.83
CA ALA G 126 -32.48 33.41 -12.05
C ALA G 126 -31.16 33.39 -11.22
N ARG G 127 -30.09 33.85 -11.86
CA ARG G 127 -28.78 33.99 -11.24
C ARG G 127 -28.77 35.07 -10.13
N GLU G 128 -29.28 36.27 -10.47
CA GLU G 128 -29.35 37.40 -9.56
C GLU G 128 -30.20 37.07 -8.33
N ILE G 129 -31.25 36.30 -8.52
CA ILE G 129 -32.09 35.97 -7.39
C ILE G 129 -31.31 35.01 -6.50
N ALA G 130 -30.78 33.95 -7.13
CA ALA G 130 -30.13 32.90 -6.37
C ALA G 130 -28.90 33.50 -5.72
N TYR G 131 -28.36 34.57 -6.31
CA TYR G 131 -27.10 35.02 -5.80
C TYR G 131 -27.36 35.64 -4.46
N PHE G 132 -28.55 36.17 -4.31
CA PHE G 132 -28.83 36.97 -3.13
C PHE G 132 -29.78 36.29 -2.19
N PHE G 133 -30.59 35.35 -2.67
CA PHE G 133 -31.57 34.69 -1.79
C PHE G 133 -31.50 33.17 -1.88
N ALA G 134 -31.85 32.56 -0.76
CA ALA G 134 -32.09 31.13 -0.74
C ALA G 134 -33.56 31.00 -1.02
N GLU G 135 -34.00 29.83 -1.46
CA GLU G 135 -35.38 29.62 -1.77
C GLU G 135 -36.23 29.72 -0.53
N SER G 136 -35.71 29.28 0.61
CA SER G 136 -36.53 29.31 1.84
C SER G 136 -36.89 30.73 2.20
N GLU G 137 -36.04 31.68 1.79
CA GLU G 137 -36.24 33.11 1.98
C GLU G 137 -37.30 33.77 1.09
N ILE G 138 -37.61 33.19 -0.06
CA ILE G 138 -38.60 33.80 -0.93
C ILE G 138 -40.00 33.27 -0.61
N CYS G 139 -40.84 34.09 -0.01
CA CYS G 139 -42.16 33.64 0.38
C CYS G 139 -43.17 34.04 -0.68
N SER G 140 -43.27 33.22 -1.73
CA SER G 140 -44.15 33.50 -2.86
C SER G 140 -45.59 33.54 -2.37
N ARG G 141 -46.34 34.52 -2.86
CA ARG G 141 -47.76 34.74 -2.52
C ARG G 141 -48.45 35.63 -3.59
N ALA H 2 -33.32 63.24 21.78
CA ALA H 2 -32.38 63.20 20.62
C ALA H 2 -32.77 62.10 19.60
N THR H 3 -31.79 61.54 18.91
CA THR H 3 -32.08 60.54 17.89
C THR H 3 -32.16 59.17 18.52
N GLU H 4 -33.21 58.42 18.21
CA GLU H 4 -33.35 57.06 18.72
C GLU H 4 -33.70 56.03 17.64
N ARG H 5 -33.65 54.75 18.01
CA ARG H 5 -33.97 53.67 17.05
C ARG H 5 -35.07 52.81 17.64
N THR H 6 -35.96 52.34 16.80
CA THR H 6 -37.07 51.54 17.26
C THR H 6 -37.39 50.43 16.28
N LEU H 7 -38.13 49.42 16.75
CA LEU H 7 -38.43 48.31 15.88
C LEU H 7 -39.80 48.51 15.30
N SER H 8 -39.90 48.31 13.99
CA SER H 8 -41.17 48.42 13.31
C SER H 8 -41.41 47.12 12.59
N ILE H 9 -42.65 46.64 12.61
CA ILE H 9 -42.98 45.43 11.85
C ILE H 9 -44.20 45.75 11.02
N ILE H 10 -44.11 45.47 9.72
CA ILE H 10 -45.26 45.50 8.86
C ILE H 10 -45.78 44.09 8.92
N LYS H 11 -46.99 43.95 9.44
CA LYS H 11 -47.59 42.64 9.73
C LYS H 11 -48.16 41.98 8.46
N PRO H 12 -48.60 40.70 8.54
CA PRO H 12 -48.99 39.96 7.34
C PRO H 12 -50.09 40.63 6.54
N ASP H 13 -51.08 41.18 7.23
CA ASP H 13 -52.16 41.84 6.53
C ASP H 13 -51.64 43.01 5.66
N ALA H 14 -50.96 43.95 6.31
CA ALA H 14 -50.35 45.05 5.60
C ALA H 14 -49.47 44.56 4.44
N VAL H 15 -48.83 43.43 4.62
CA VAL H 15 -48.05 42.88 3.54
C VAL H 15 -48.97 42.32 2.49
N ALA H 16 -50.06 41.73 2.93
CA ALA H 16 -50.90 41.02 1.97
C ALA H 16 -51.70 42.02 1.11
N LYS H 17 -51.86 43.24 1.61
CA LYS H 17 -52.56 44.23 0.82
C LYS H 17 -51.59 44.87 -0.17
N ASN H 18 -50.34 44.42 -0.11
CA ASN H 18 -49.28 45.01 -0.92
C ASN H 18 -49.13 46.52 -0.76
N VAL H 19 -49.10 46.98 0.50
CA VAL H 19 -49.00 48.40 0.79
C VAL H 19 -47.71 48.72 1.58
N ILE H 20 -46.72 47.86 1.42
CA ILE H 20 -45.47 48.03 2.11
C ILE H 20 -44.92 49.44 1.87
N GLY H 21 -44.74 49.78 0.59
CA GLY H 21 -44.30 51.09 0.16
C GLY H 21 -45.04 52.22 0.84
N GLU H 22 -46.35 52.14 0.81
CA GLU H 22 -47.19 53.22 1.31
C GLU H 22 -46.97 53.48 2.80
N ILE H 23 -46.73 52.41 3.55
CA ILE H 23 -46.38 52.47 4.98
C ILE H 23 -44.97 53.00 5.20
N GLU H 24 -44.02 52.50 4.41
CA GLU H 24 -42.66 53.02 4.46
C GLU H 24 -42.60 54.56 4.26
N SER H 25 -43.41 55.07 3.35
CA SER H 25 -43.39 56.49 3.07
C SER H 25 -43.79 57.32 4.26
N ARG H 26 -44.74 56.82 5.04
CA ARG H 26 -45.15 57.47 6.29
C ARG H 26 -43.97 57.75 7.23
N PHE H 27 -43.09 56.76 7.39
CA PHE H 27 -41.90 56.88 8.24
C PHE H 27 -40.86 57.87 7.63
N GLU H 28 -40.63 57.71 6.32
CA GLU H 28 -39.58 58.49 5.67
C GLU H 28 -39.93 59.97 5.50
N LYS H 29 -41.17 60.24 5.09
CA LYS H 29 -41.65 61.61 4.93
C LYS H 29 -41.79 62.29 6.29
N ALA H 30 -41.88 61.49 7.35
CA ALA H 30 -42.05 62.04 8.68
C ALA H 30 -40.67 62.26 9.30
N GLY H 31 -39.63 61.91 8.54
CA GLY H 31 -38.24 62.15 8.95
C GLY H 31 -37.50 60.95 9.48
N LEU H 32 -38.02 59.75 9.32
CA LEU H 32 -37.36 58.58 9.91
C LEU H 32 -36.73 57.76 8.82
N LYS H 33 -35.54 57.27 9.06
CA LYS H 33 -34.83 56.47 8.08
C LYS H 33 -34.92 54.99 8.40
N ILE H 34 -35.05 54.17 7.37
CA ILE H 34 -35.07 52.72 7.54
C ILE H 34 -33.62 52.28 7.55
N VAL H 35 -33.14 51.78 8.69
CA VAL H 35 -31.71 51.46 8.81
C VAL H 35 -31.43 49.95 8.89
N ALA H 36 -32.47 49.16 8.73
CA ALA H 36 -32.33 47.72 8.78
C ALA H 36 -33.71 47.23 8.48
N ALA H 37 -33.79 46.27 7.57
CA ALA H 37 -35.06 45.68 7.28
C ALA H 37 -34.80 44.37 6.58
N LYS H 38 -35.64 43.41 6.87
CA LYS H 38 -35.69 42.19 6.12
C LYS H 38 -37.11 41.67 6.15
N MET H 39 -37.54 41.10 5.04
CA MET H 39 -38.80 40.35 4.95
C MET H 39 -38.53 38.91 5.28
N LEU H 40 -39.25 38.40 6.29
CA LEU H 40 -39.21 36.97 6.64
C LEU H 40 -40.61 36.38 7.02
N GLN H 41 -40.72 35.05 7.05
CA GLN H 41 -41.91 34.35 7.60
C GLN H 41 -41.60 33.86 9.03
N LEU H 42 -42.01 34.61 10.04
CA LEU H 42 -41.73 34.25 11.43
C LEU H 42 -42.09 32.80 11.71
N SER H 43 -41.18 32.03 12.30
CA SER H 43 -41.53 30.66 12.72
C SER H 43 -42.36 30.69 13.99
N GLN H 44 -42.86 29.52 14.39
CA GLN H 44 -43.63 29.40 15.62
C GLN H 44 -42.78 29.73 16.84
N GLU H 45 -41.53 29.30 16.85
CA GLU H 45 -40.61 29.69 17.92
C GLU H 45 -40.23 31.15 17.86
N GLN H 46 -40.07 31.67 16.65
CA GLN H 46 -39.58 33.03 16.46
C GLN H 46 -40.54 34.01 17.07
N ALA H 47 -41.82 33.86 16.74
CA ALA H 47 -42.87 34.71 17.28
C ALA H 47 -42.93 34.51 18.81
N GLU H 48 -43.07 33.26 19.24
CA GLU H 48 -43.09 32.95 20.66
C GLU H 48 -41.93 33.54 21.42
N GLY H 49 -40.79 33.65 20.78
CA GLY H 49 -39.62 34.23 21.41
C GLY H 49 -39.77 35.73 21.48
N PHE H 50 -40.34 36.34 20.44
CA PHE H 50 -40.50 37.78 20.38
C PHE H 50 -41.46 38.33 21.40
N TYR H 51 -42.51 37.56 21.66
CA TYR H 51 -43.61 38.00 22.48
C TYR H 51 -43.58 37.24 23.81
N ALA H 52 -42.42 36.67 24.14
CA ALA H 52 -42.28 35.87 25.39
C ALA H 52 -42.88 36.54 26.59
N GLU H 53 -42.81 37.84 26.66
CA GLU H 53 -43.35 38.59 27.76
C GLU H 53 -44.80 38.17 28.04
N HIS H 54 -45.56 37.95 26.98
CA HIS H 54 -46.97 37.65 27.12
C HIS H 54 -47.30 36.15 27.03
N LYS H 55 -46.32 35.27 27.18
CA LYS H 55 -46.50 33.81 26.95
C LYS H 55 -47.69 33.20 27.67
N GLU H 56 -48.06 33.87 28.77
CA GLU H 56 -49.07 33.38 29.70
C GLU H 56 -50.42 34.10 29.56
N ARG H 57 -50.41 35.31 29.02
CA ARG H 57 -51.67 36.06 28.84
C ARG H 57 -52.59 35.36 27.82
N PRO H 58 -53.90 35.69 27.84
CA PRO H 58 -54.93 35.00 27.03
C PRO H 58 -54.78 35.17 25.52
N PHE H 59 -54.32 36.36 25.12
CA PHE H 59 -54.09 36.68 23.69
C PHE H 59 -52.84 36.04 23.02
N PHE H 60 -51.97 35.38 23.79
CA PHE H 60 -50.70 34.88 23.24
C PHE H 60 -50.86 33.97 21.99
N GLY H 61 -51.76 32.99 22.09
CA GLY H 61 -52.07 32.06 21.01
C GLY H 61 -52.44 32.75 19.72
N ASP H 62 -53.36 33.71 19.79
CA ASP H 62 -53.79 34.52 18.64
C ASP H 62 -52.64 35.35 18.01
N LEU H 63 -51.98 36.13 18.85
CA LEU H 63 -50.87 36.98 18.45
C LEU H 63 -49.79 36.16 17.72
N VAL H 64 -49.37 35.05 18.32
CA VAL H 64 -48.43 34.11 17.69
C VAL H 64 -49.05 33.54 16.38
N GLY H 65 -50.33 33.16 16.44
CA GLY H 65 -51.10 32.66 15.28
C GLY H 65 -51.05 33.64 14.11
N PHE H 66 -51.25 34.92 14.43
CA PHE H 66 -51.34 36.00 13.45
C PHE H 66 -50.01 36.40 12.85
N MET H 67 -49.05 36.70 13.72
CA MET H 67 -47.69 37.06 13.31
C MET H 67 -46.98 35.99 12.50
N THR H 68 -47.45 34.76 12.65
CA THR H 68 -46.84 33.60 12.02
C THR H 68 -47.63 33.16 10.75
N SER H 69 -48.70 33.86 10.45
CA SER H 69 -49.64 33.44 9.41
C SER H 69 -49.19 33.75 7.99
N GLY H 70 -48.16 34.58 7.85
CA GLY H 70 -47.63 35.03 6.55
C GLY H 70 -46.36 35.88 6.70
N PRO H 71 -45.76 36.26 5.58
CA PRO H 71 -44.61 37.11 5.68
C PRO H 71 -44.93 38.46 6.33
N VAL H 72 -43.86 39.05 6.91
CA VAL H 72 -43.90 40.38 7.52
C VAL H 72 -42.63 41.08 7.15
N VAL H 73 -42.55 42.37 7.39
CA VAL H 73 -41.31 43.08 7.17
C VAL H 73 -40.85 43.60 8.54
N VAL H 74 -39.92 42.88 9.14
CA VAL H 74 -39.24 43.28 10.38
C VAL H 74 -38.19 44.34 10.00
N GLN H 75 -38.14 45.43 10.79
CA GLN H 75 -37.27 46.55 10.47
C GLN H 75 -36.94 47.53 11.62
N VAL H 76 -35.85 48.28 11.43
CA VAL H 76 -35.44 49.33 12.39
C VAL H 76 -35.65 50.74 11.82
N LEU H 77 -36.24 51.61 12.62
CA LEU H 77 -36.45 52.96 12.19
C LEU H 77 -35.57 53.88 12.99
N GLU H 78 -34.85 54.77 12.35
CA GLU H 78 -33.99 55.66 13.12
C GLU H 78 -34.29 57.10 12.79
N GLY H 79 -34.23 57.93 13.82
CA GLY H 79 -34.51 59.34 13.67
C GLY H 79 -34.80 59.89 15.04
N GLU H 80 -35.04 61.20 15.06
CA GLU H 80 -35.32 61.96 16.26
C GLU H 80 -36.63 61.44 16.80
N ASN H 81 -36.59 60.97 18.05
CA ASN H 81 -37.79 60.58 18.77
C ASN H 81 -38.50 59.40 18.09
N ALA H 82 -37.70 58.49 17.54
CA ALA H 82 -38.20 57.40 16.70
C ALA H 82 -39.24 56.53 17.38
N ILE H 83 -38.97 56.17 18.66
CA ILE H 83 -39.86 55.33 19.48
C ILE H 83 -41.27 55.91 19.65
N ALA H 84 -41.40 57.19 19.96
CA ALA H 84 -42.73 57.81 20.02
C ALA H 84 -43.26 58.26 18.64
N ALA H 85 -42.40 58.83 17.80
CA ALA H 85 -42.83 59.20 16.45
C ALA H 85 -43.51 58.01 15.77
N ASN H 86 -42.93 56.82 15.89
CA ASN H 86 -43.46 55.62 15.29
C ASN H 86 -44.88 55.42 15.79
N ARG H 87 -45.05 55.36 17.11
CA ARG H 87 -46.36 55.20 17.71
C ARG H 87 -47.39 56.18 17.14
N ASP H 88 -47.02 57.46 17.04
CA ASP H 88 -47.89 58.48 16.50
C ASP H 88 -48.29 58.08 15.07
N LEU H 89 -47.31 57.88 14.19
CA LEU H 89 -47.61 57.58 12.79
C LEU H 89 -48.41 56.31 12.66
N MET H 90 -48.40 55.49 13.71
CA MET H 90 -49.10 54.22 13.69
C MET H 90 -50.58 54.35 14.07
N GLY H 91 -50.91 55.22 15.02
CA GLY H 91 -52.29 55.35 15.45
C GLY H 91 -52.66 54.34 16.53
N ALA H 92 -53.82 54.51 17.15
CA ALA H 92 -54.25 53.67 18.26
C ALA H 92 -54.35 52.24 17.86
N THR H 93 -54.32 51.35 18.84
CA THR H 93 -54.40 49.92 18.58
C THR H 93 -55.67 49.58 17.84
N ASN H 94 -56.81 50.01 18.35
CA ASN H 94 -58.03 49.82 17.56
C ASN H 94 -58.46 51.03 16.72
N PRO H 95 -58.62 50.82 15.39
CA PRO H 95 -59.08 51.83 14.44
C PRO H 95 -60.24 52.73 14.91
N LYS H 96 -61.18 52.20 15.71
CA LYS H 96 -62.29 53.01 16.30
C LYS H 96 -61.87 53.97 17.45
N GLU H 97 -60.56 54.21 17.54
CA GLU H 97 -59.96 55.18 18.48
C GLU H 97 -58.79 55.92 17.77
N ALA H 98 -58.26 55.29 16.72
CA ALA H 98 -57.16 55.85 15.94
C ALA H 98 -57.71 56.87 14.97
N GLU H 99 -57.15 58.08 15.00
CA GLU H 99 -57.63 59.17 14.15
C GLU H 99 -57.29 58.89 12.67
N ALA H 100 -58.15 59.40 11.76
CA ALA H 100 -58.02 59.19 10.30
C ALA H 100 -56.73 59.77 9.78
N GLY H 101 -56.05 59.02 8.89
CA GLY H 101 -54.73 59.43 8.36
C GLY H 101 -53.51 58.69 8.90
N THR H 102 -53.71 57.90 9.95
CA THR H 102 -52.69 57.01 10.47
C THR H 102 -52.74 55.68 9.74
N ILE H 103 -51.66 54.90 9.89
CA ILE H 103 -51.44 53.66 9.15
C ILE H 103 -52.54 52.71 9.48
N ARG H 104 -52.85 52.61 10.77
CA ARG H 104 -53.78 51.62 11.26
C ARG H 104 -55.17 52.01 10.89
N ALA H 105 -55.39 53.31 10.72
CA ALA H 105 -56.67 53.83 10.28
C ALA H 105 -56.86 53.59 8.79
N ASP H 106 -55.78 53.73 8.00
CA ASP H 106 -55.89 53.60 6.55
C ASP H 106 -55.77 52.18 6.11
N TYR H 107 -55.04 51.36 6.87
CA TYR H 107 -54.70 50.00 6.40
C TYR H 107 -55.08 48.81 7.31
N ALA H 108 -55.66 49.07 8.46
CA ALA H 108 -55.95 48.00 9.40
C ALA H 108 -57.43 47.78 9.65
N GLN H 109 -57.93 46.61 9.25
CA GLN H 109 -59.37 46.39 9.36
C GLN H 109 -59.83 45.88 10.75
N SER H 110 -58.88 45.60 11.64
CA SER H 110 -59.19 45.22 13.02
C SER H 110 -58.17 45.70 14.09
N ILE H 111 -58.37 45.20 15.31
CA ILE H 111 -57.50 45.43 16.45
C ILE H 111 -56.56 44.22 16.53
N ASP H 112 -56.93 43.17 15.79
CA ASP H 112 -56.21 41.89 15.69
C ASP H 112 -55.25 42.01 14.50
N ALA H 113 -55.77 42.47 13.36
CA ALA H 113 -54.98 42.62 12.15
C ALA H 113 -54.72 44.09 11.83
N ASN H 114 -53.95 44.75 12.71
CA ASN H 114 -53.72 46.20 12.66
C ASN H 114 -52.49 46.67 11.91
N ALA H 115 -52.15 45.96 10.84
CA ALA H 115 -51.09 46.39 9.91
C ALA H 115 -49.67 46.47 10.44
N VAL H 116 -49.44 47.17 11.54
CA VAL H 116 -48.06 47.41 12.00
C VAL H 116 -47.75 47.26 13.51
N HIS H 117 -46.46 47.01 13.78
CA HIS H 117 -45.93 46.99 15.16
C HIS H 117 -44.97 48.14 15.37
N GLY H 118 -44.86 48.58 16.61
CA GLY H 118 -43.90 49.61 16.99
C GLY H 118 -43.55 49.44 18.44
N SER H 119 -42.30 49.75 18.82
CA SER H 119 -41.82 49.49 20.19
C SER H 119 -42.45 50.43 21.21
N ASP H 120 -42.72 49.94 22.42
CA ASP H 120 -43.48 50.71 23.41
C ASP H 120 -42.60 51.64 24.17
N SER H 121 -41.32 51.29 24.29
CA SER H 121 -40.44 52.06 25.17
C SER H 121 -39.02 51.95 24.78
N PRO H 122 -38.17 52.85 25.32
CA PRO H 122 -36.76 52.71 25.09
C PRO H 122 -36.27 51.30 25.50
N GLU H 123 -36.89 50.71 26.53
CA GLU H 123 -36.44 49.43 26.99
C GLU H 123 -36.80 48.31 26.01
N SER H 124 -38.04 48.33 25.56
CA SER H 124 -38.47 47.37 24.58
C SER H 124 -37.82 47.64 23.20
N ALA H 125 -37.49 48.90 22.91
CA ALA H 125 -36.86 49.18 21.65
C ALA H 125 -35.55 48.43 21.57
N ALA H 126 -34.87 48.36 22.71
CA ALA H 126 -33.54 47.78 22.73
C ALA H 126 -33.63 46.27 22.58
N ARG H 127 -34.60 45.71 23.31
CA ARG H 127 -34.86 44.29 23.32
C ARG H 127 -35.31 43.80 21.93
N GLU H 128 -36.27 44.51 21.35
CA GLU H 128 -36.91 44.12 20.08
C GLU H 128 -35.95 44.21 18.92
N ILE H 129 -35.19 45.31 18.87
CA ILE H 129 -34.19 45.49 17.85
C ILE H 129 -33.19 44.34 17.96
N ALA H 130 -32.68 44.12 19.18
CA ALA H 130 -31.73 43.02 19.43
C ALA H 130 -32.25 41.61 19.11
N TYR H 131 -33.53 41.38 19.41
CA TYR H 131 -34.15 40.11 19.06
C TYR H 131 -34.09 39.78 17.57
N PHE H 132 -34.10 40.79 16.71
CA PHE H 132 -34.29 40.56 15.27
C PHE H 132 -33.08 40.90 14.42
N PHE H 133 -32.27 41.82 14.91
CA PHE H 133 -31.05 42.27 14.22
C PHE H 133 -29.79 42.24 15.06
N ALA H 134 -28.69 41.97 14.40
CA ALA H 134 -27.40 42.12 15.02
C ALA H 134 -26.88 43.52 14.71
N GLU H 135 -26.07 44.08 15.57
CA GLU H 135 -25.58 45.42 15.31
C GLU H 135 -25.06 45.60 13.89
N SER H 136 -24.45 44.55 13.36
CA SER H 136 -23.81 44.59 12.07
C SER H 136 -24.83 44.64 10.94
N GLU H 137 -26.06 44.25 11.19
CA GLU H 137 -27.04 44.36 10.13
C GLU H 137 -27.62 45.80 10.10
N ILE H 138 -27.60 46.52 11.20
CA ILE H 138 -28.13 47.86 11.23
C ILE H 138 -27.13 48.88 10.72
N CYS H 139 -27.54 49.64 9.72
CA CYS H 139 -26.66 50.58 9.03
C CYS H 139 -27.09 52.02 9.24
N SER H 140 -26.77 52.55 10.40
CA SER H 140 -27.01 53.96 10.72
C SER H 140 -26.84 54.94 9.53
N ARG H 141 -27.71 55.93 9.46
CA ARG H 141 -27.62 57.00 8.48
C ARG H 141 -28.11 58.31 9.10
N ALA I 2 -7.25 -20.33 -35.05
CA ALA I 2 -6.81 -19.38 -36.12
C ALA I 2 -6.16 -18.18 -35.48
N THR I 3 -5.52 -17.37 -36.33
CA THR I 3 -4.89 -16.13 -35.91
C THR I 3 -5.92 -15.07 -35.58
N GLU I 4 -5.98 -14.70 -34.31
CA GLU I 4 -6.88 -13.65 -33.88
C GLU I 4 -6.13 -12.61 -33.01
N ARG I 5 -6.72 -11.42 -32.91
CA ARG I 5 -6.22 -10.36 -32.03
C ARG I 5 -7.14 -10.26 -30.82
N THR I 6 -6.59 -9.88 -29.69
CA THR I 6 -7.41 -9.68 -28.51
C THR I 6 -6.88 -8.51 -27.70
N LEU I 7 -7.73 -7.95 -26.84
CA LEU I 7 -7.31 -6.83 -26.07
C LEU I 7 -6.75 -7.32 -24.76
N SER I 8 -5.72 -6.62 -24.27
CA SER I 8 -5.10 -6.96 -23.02
C SER I 8 -4.76 -5.70 -22.23
N ILE I 9 -5.02 -5.68 -20.93
CA ILE I 9 -4.67 -4.52 -20.11
C ILE I 9 -3.86 -4.90 -18.86
N ILE I 10 -2.73 -4.23 -18.67
CA ILE I 10 -1.97 -4.42 -17.45
C ILE I 10 -2.52 -3.37 -16.52
N LYS I 11 -3.26 -3.81 -15.52
CA LYS I 11 -4.09 -2.89 -14.75
C LYS I 11 -3.22 -2.07 -13.82
N PRO I 12 -3.81 -1.08 -13.17
CA PRO I 12 -3.01 -0.13 -12.39
C PRO I 12 -2.21 -0.81 -11.29
N ASP I 13 -2.77 -1.84 -10.67
CA ASP I 13 -2.04 -2.65 -9.69
C ASP I 13 -0.72 -3.21 -10.20
N ALA I 14 -0.73 -3.87 -11.36
CA ALA I 14 0.51 -4.45 -11.88
C ALA I 14 1.57 -3.41 -12.30
N VAL I 15 1.16 -2.27 -12.86
CA VAL I 15 2.16 -1.27 -13.36
C VAL I 15 2.92 -0.67 -12.19
N ALA I 16 2.20 -0.45 -11.09
CA ALA I 16 2.77 0.13 -9.88
C ALA I 16 3.83 -0.79 -9.28
N LYS I 17 3.54 -2.10 -9.26
CA LYS I 17 4.50 -3.10 -8.82
C LYS I 17 5.67 -3.19 -9.78
N ASN I 18 5.56 -2.48 -10.91
CA ASN I 18 6.59 -2.48 -11.93
C ASN I 18 6.90 -3.89 -12.40
N VAL I 19 5.86 -4.63 -12.75
CA VAL I 19 6.03 -5.99 -13.32
C VAL I 19 5.70 -6.09 -14.83
N ILE I 20 5.58 -4.94 -15.47
CA ILE I 20 5.22 -4.86 -16.88
C ILE I 20 5.96 -5.87 -17.75
N GLY I 21 7.29 -5.94 -17.65
CA GLY I 21 8.03 -6.89 -18.46
C GLY I 21 7.66 -8.34 -18.15
N GLU I 22 7.35 -8.61 -16.88
CA GLU I 22 7.17 -9.99 -16.43
C GLU I 22 5.96 -10.51 -17.11
N ILE I 23 4.83 -9.82 -16.88
CA ILE I 23 3.56 -10.13 -17.52
C ILE I 23 3.74 -10.16 -19.01
N GLU I 24 4.28 -9.09 -19.58
CA GLU I 24 4.54 -9.06 -21.03
C GLU I 24 5.27 -10.31 -21.56
N SER I 25 6.22 -10.83 -20.77
CA SER I 25 6.99 -12.03 -21.15
C SER I 25 6.15 -13.29 -21.25
N ARG I 26 5.21 -13.42 -20.31
CA ARG I 26 4.25 -14.52 -20.34
C ARG I 26 3.54 -14.66 -21.70
N PHE I 27 3.02 -13.56 -22.23
CA PHE I 27 2.39 -13.55 -23.54
C PHE I 27 3.37 -13.96 -24.61
N GLU I 28 4.54 -13.33 -24.63
CA GLU I 28 5.51 -13.61 -25.68
C GLU I 28 5.98 -15.08 -25.62
N LYS I 29 6.38 -15.51 -24.43
CA LYS I 29 6.72 -16.91 -24.18
C LYS I 29 5.69 -17.92 -24.73
N ALA I 30 4.40 -17.55 -24.67
CA ALA I 30 3.30 -18.41 -25.11
C ALA I 30 3.08 -18.29 -26.59
N GLY I 31 3.98 -17.60 -27.27
CA GLY I 31 3.85 -17.34 -28.73
C GLY I 31 2.81 -16.27 -29.09
N LEU I 32 2.44 -15.42 -28.13
CA LEU I 32 1.62 -14.24 -28.46
C LEU I 32 2.52 -13.02 -28.84
N LYS I 33 2.27 -12.35 -29.97
CA LYS I 33 2.95 -11.09 -30.29
C LYS I 33 2.17 -9.86 -29.78
N ILE I 34 2.88 -8.88 -29.22
CA ILE I 34 2.29 -7.57 -28.88
C ILE I 34 2.34 -6.70 -30.14
N VAL I 35 1.22 -6.63 -30.89
CA VAL I 35 1.19 -5.83 -32.12
C VAL I 35 0.67 -4.43 -31.90
N ALA I 36 0.38 -4.07 -30.66
CA ALA I 36 0.00 -2.69 -30.33
C ALA I 36 -0.09 -2.46 -28.83
N ALA I 37 0.41 -1.32 -28.38
CA ALA I 37 0.34 -0.98 -26.98
C ALA I 37 0.60 0.48 -26.71
N LYS I 38 0.20 0.93 -25.53
CA LYS I 38 0.51 2.26 -25.09
C LYS I 38 0.16 2.40 -23.61
N MET I 39 0.89 3.26 -22.92
CA MET I 39 0.67 3.51 -21.53
C MET I 39 -0.18 4.75 -21.43
N LEU I 40 -1.15 4.75 -20.55
CA LEU I 40 -1.96 5.93 -20.32
C LEU I 40 -2.72 5.88 -18.98
N GLN I 41 -3.14 7.05 -18.53
CA GLN I 41 -4.01 7.19 -17.36
C GLN I 41 -5.42 7.40 -17.90
N LEU I 42 -6.33 6.48 -17.57
CA LEU I 42 -7.65 6.58 -18.18
C LEU I 42 -8.47 7.74 -17.61
N SER I 43 -9.09 8.54 -18.49
CA SER I 43 -10.00 9.54 -17.99
C SER I 43 -11.23 8.84 -17.43
N GLN I 44 -11.94 9.53 -16.53
CA GLN I 44 -13.20 9.05 -15.98
C GLN I 44 -13.96 8.49 -17.13
N GLU I 45 -14.18 9.33 -18.13
CA GLU I 45 -14.92 8.97 -19.32
C GLU I 45 -14.41 7.70 -20.04
N GLN I 46 -13.13 7.69 -20.39
CA GLN I 46 -12.57 6.59 -21.17
C GLN I 46 -12.85 5.31 -20.45
N ALA I 47 -12.75 5.35 -19.14
CA ALA I 47 -13.09 4.18 -18.34
C ALA I 47 -14.59 3.84 -18.33
N GLU I 48 -15.46 4.83 -18.48
CA GLU I 48 -16.91 4.56 -18.53
C GLU I 48 -17.36 4.13 -19.93
N GLY I 49 -16.56 4.49 -20.92
CA GLY I 49 -16.89 4.18 -22.30
C GLY I 49 -16.54 2.75 -22.57
N PHE I 50 -15.45 2.34 -21.95
CA PHE I 50 -14.92 1.02 -22.14
C PHE I 50 -15.84 0.03 -21.49
N TYR I 51 -16.34 0.40 -20.31
CA TYR I 51 -17.12 -0.51 -19.49
C TYR I 51 -18.58 -0.13 -19.59
N ALA I 52 -18.89 0.55 -20.70
CA ALA I 52 -20.20 1.08 -21.03
C ALA I 52 -21.38 0.16 -20.72
N GLU I 53 -21.26 -1.13 -21.08
CA GLU I 53 -22.32 -2.13 -20.86
C GLU I 53 -22.73 -2.30 -19.39
N HIS I 54 -21.85 -1.95 -18.46
CA HIS I 54 -22.16 -2.11 -17.03
C HIS I 54 -22.56 -0.82 -16.35
N LYS I 55 -22.71 0.24 -17.17
CA LYS I 55 -23.12 1.60 -16.78
C LYS I 55 -23.98 1.66 -15.53
N GLU I 56 -24.91 0.71 -15.41
CA GLU I 56 -25.99 0.78 -14.43
C GLU I 56 -25.99 -0.36 -13.46
N ARG I 57 -24.85 -1.03 -13.37
CA ARG I 57 -24.73 -2.12 -12.43
C ARG I 57 -24.19 -1.58 -11.11
N PRO I 58 -24.20 -2.42 -10.06
CA PRO I 58 -23.72 -2.08 -8.71
C PRO I 58 -22.23 -2.29 -8.45
N PHE I 59 -21.44 -2.22 -9.51
CA PHE I 59 -19.97 -2.32 -9.39
C PHE I 59 -19.28 -1.34 -10.35
N PHE I 60 -20.09 -0.63 -11.15
CA PHE I 60 -19.58 0.30 -12.14
C PHE I 60 -18.60 1.30 -11.50
N GLY I 61 -19.14 2.23 -10.70
CA GLY I 61 -18.32 3.22 -9.98
C GLY I 61 -16.96 2.78 -9.41
N ASP I 62 -16.89 1.57 -8.86
CA ASP I 62 -15.68 1.14 -8.23
C ASP I 62 -14.75 0.61 -9.31
N LEU I 63 -15.30 0.02 -10.39
CA LEU I 63 -14.45 -0.46 -11.49
C LEU I 63 -13.84 0.71 -12.22
N VAL I 64 -14.65 1.75 -12.44
CA VAL I 64 -14.26 3.00 -13.09
C VAL I 64 -13.28 3.80 -12.18
N GLY I 65 -13.36 3.54 -10.88
CA GLY I 65 -12.48 4.19 -9.92
C GLY I 65 -11.15 3.47 -9.89
N PHE I 66 -11.18 2.17 -9.67
CA PHE I 66 -9.94 1.41 -9.70
C PHE I 66 -9.10 1.66 -10.96
N MET I 67 -9.71 1.47 -12.14
CA MET I 67 -8.99 1.55 -13.42
C MET I 67 -8.47 2.96 -13.70
N THR I 68 -8.87 3.90 -12.84
CA THR I 68 -8.43 5.29 -12.93
C THR I 68 -7.51 5.69 -11.78
N SER I 69 -7.28 4.76 -10.85
CA SER I 69 -6.36 4.96 -9.73
C SER I 69 -4.92 5.24 -10.23
N GLY I 70 -4.46 4.48 -11.20
CA GLY I 70 -3.09 4.62 -11.70
C GLY I 70 -3.05 4.52 -13.21
N PRO I 71 -1.85 4.58 -13.80
CA PRO I 71 -1.70 4.43 -15.24
C PRO I 71 -1.76 2.96 -15.63
N VAL I 72 -2.16 2.67 -16.86
CA VAL I 72 -2.32 1.31 -17.34
C VAL I 72 -1.53 1.18 -18.62
N VAL I 73 -1.40 -0.05 -19.10
CA VAL I 73 -0.83 -0.34 -20.42
C VAL I 73 -1.91 -1.06 -21.24
N VAL I 74 -2.54 -0.36 -22.18
CA VAL I 74 -3.54 -1.00 -23.02
C VAL I 74 -2.78 -1.54 -24.19
N GLN I 75 -3.22 -2.66 -24.73
CA GLN I 75 -2.50 -3.31 -25.81
C GLN I 75 -3.30 -4.36 -26.55
N VAL I 76 -2.83 -4.69 -27.75
CA VAL I 76 -3.43 -5.71 -28.61
C VAL I 76 -2.47 -6.90 -28.73
N LEU I 77 -2.96 -8.07 -28.34
CA LEU I 77 -2.16 -9.29 -28.43
C LEU I 77 -2.66 -10.07 -29.60
N GLU I 78 -1.74 -10.57 -30.40
CA GLU I 78 -2.08 -11.27 -31.63
C GLU I 78 -1.40 -12.61 -31.60
N GLY I 79 -2.11 -13.65 -32.06
CA GLY I 79 -1.59 -15.01 -32.16
C GLY I 79 -2.65 -16.07 -32.38
N GLU I 80 -2.23 -17.32 -32.32
CA GLU I 80 -3.15 -18.42 -32.51
C GLU I 80 -3.99 -18.45 -31.26
N ASN I 81 -5.31 -18.54 -31.42
CA ASN I 81 -6.21 -18.57 -30.26
C ASN I 81 -5.91 -17.51 -29.20
N ALA I 82 -5.57 -16.31 -29.66
CA ALA I 82 -5.08 -15.30 -28.74
C ALA I 82 -6.10 -15.02 -27.67
N ILE I 83 -7.37 -14.91 -28.06
CA ILE I 83 -8.43 -14.58 -27.08
C ILE I 83 -8.52 -15.67 -25.99
N ALA I 84 -8.56 -16.92 -26.42
CA ALA I 84 -8.65 -18.05 -25.49
C ALA I 84 -7.35 -18.26 -24.70
N ALA I 85 -6.22 -18.17 -25.38
CA ALA I 85 -4.93 -18.34 -24.72
C ALA I 85 -4.74 -17.21 -23.72
N ASN I 86 -5.14 -15.98 -24.08
CA ASN I 86 -5.10 -14.85 -23.14
C ASN I 86 -5.86 -15.19 -21.86
N ARG I 87 -7.03 -15.82 -21.97
CA ARG I 87 -7.78 -16.24 -20.75
C ARG I 87 -6.97 -17.25 -19.90
N ASP I 88 -6.52 -18.34 -20.53
CA ASP I 88 -5.66 -19.33 -19.86
C ASP I 88 -4.52 -18.67 -19.09
N LEU I 89 -3.66 -17.92 -19.79
CA LEU I 89 -2.52 -17.22 -19.18
C LEU I 89 -2.85 -16.34 -17.97
N MET I 90 -3.97 -15.64 -18.06
CA MET I 90 -4.35 -14.72 -17.01
C MET I 90 -4.81 -15.53 -15.82
N GLY I 91 -5.72 -16.48 -16.09
CA GLY I 91 -6.39 -17.29 -15.06
C GLY I 91 -7.59 -16.62 -14.41
N ALA I 92 -8.41 -17.44 -13.75
CA ALA I 92 -9.64 -17.04 -13.08
C ALA I 92 -9.61 -15.63 -12.45
N THR I 93 -10.68 -14.88 -12.67
CA THR I 93 -10.86 -13.54 -12.11
C THR I 93 -10.62 -13.55 -10.63
N ASN I 94 -10.72 -14.73 -10.04
CA ASN I 94 -10.39 -14.86 -8.64
C ASN I 94 -8.98 -15.41 -8.43
N PRO I 95 -8.09 -14.63 -7.75
CA PRO I 95 -6.72 -15.05 -7.53
C PRO I 95 -6.62 -16.33 -6.71
N LYS I 96 -7.65 -16.62 -5.92
CA LYS I 96 -7.67 -17.81 -5.08
C LYS I 96 -7.96 -19.08 -5.88
N GLU I 97 -9.06 -19.08 -6.62
CA GLU I 97 -9.38 -20.25 -7.41
C GLU I 97 -8.56 -20.32 -8.72
N ALA I 98 -7.46 -19.58 -8.80
CA ALA I 98 -6.62 -19.51 -10.02
C ALA I 98 -5.56 -20.64 -10.19
N GLU I 99 -5.28 -21.05 -11.42
CA GLU I 99 -4.31 -22.13 -11.69
C GLU I 99 -2.87 -21.68 -11.37
N ALA I 100 -1.90 -22.60 -11.47
CA ALA I 100 -0.49 -22.31 -11.10
C ALA I 100 0.37 -21.78 -12.26
N GLY I 101 1.20 -20.76 -11.97
CA GLY I 101 2.06 -20.14 -12.98
C GLY I 101 1.29 -19.26 -13.95
N THR I 102 0.12 -18.78 -13.49
CA THR I 102 -0.70 -17.86 -14.26
C THR I 102 -0.44 -16.43 -13.83
N ILE I 103 -0.79 -15.48 -14.67
CA ILE I 103 -0.55 -14.06 -14.37
C ILE I 103 -1.27 -13.65 -13.10
N ARG I 104 -2.48 -14.14 -12.91
CA ARG I 104 -3.26 -13.81 -11.73
C ARG I 104 -2.83 -14.64 -10.53
N ALA I 105 -2.04 -15.69 -10.77
CA ALA I 105 -1.51 -16.50 -9.67
C ALA I 105 -0.26 -15.89 -9.12
N ASP I 106 0.55 -15.31 -10.00
CA ASP I 106 1.84 -14.84 -9.61
C ASP I 106 1.80 -13.37 -9.19
N TYR I 107 0.80 -12.59 -9.62
CA TYR I 107 0.84 -11.12 -9.47
C TYR I 107 -0.51 -10.51 -9.11
N ALA I 108 -1.52 -11.34 -8.96
CA ALA I 108 -2.85 -10.84 -8.61
C ALA I 108 -2.98 -10.63 -7.12
N GLN I 109 -3.33 -9.39 -6.73
CA GLN I 109 -3.40 -9.02 -5.32
C GLN I 109 -4.68 -9.55 -4.64
N SER I 110 -5.83 -9.03 -5.07
CA SER I 110 -7.14 -9.49 -4.62
C SER I 110 -7.92 -9.93 -5.84
N ILE I 111 -9.23 -10.14 -5.65
CA ILE I 111 -10.13 -10.46 -6.75
C ILE I 111 -10.35 -9.25 -7.65
N ASP I 112 -10.21 -8.04 -7.09
CA ASP I 112 -10.35 -6.82 -7.87
C ASP I 112 -9.04 -6.37 -8.56
N ALA I 113 -7.93 -6.39 -7.83
CA ALA I 113 -6.66 -6.09 -8.46
C ALA I 113 -6.17 -7.36 -9.14
N ASN I 114 -6.92 -7.78 -10.17
CA ASN I 114 -6.62 -9.01 -10.89
C ASN I 114 -5.49 -8.83 -11.86
N ALA I 115 -4.82 -7.68 -11.75
CA ALA I 115 -3.60 -7.41 -12.49
C ALA I 115 -3.79 -7.17 -14.00
N VAL I 116 -4.37 -8.13 -14.71
CA VAL I 116 -4.61 -7.93 -16.14
C VAL I 116 -6.08 -8.00 -16.51
N HIS I 117 -6.35 -7.56 -17.74
CA HIS I 117 -7.64 -7.62 -18.41
C HIS I 117 -7.52 -8.35 -19.76
N GLY I 118 -8.59 -8.99 -20.20
CA GLY I 118 -8.59 -9.77 -21.45
C GLY I 118 -9.99 -9.91 -22.02
N SER I 119 -10.11 -9.79 -23.33
CA SER I 119 -11.40 -9.83 -23.97
C SER I 119 -11.96 -11.21 -23.70
N ASP I 120 -13.17 -11.28 -23.19
CA ASP I 120 -13.75 -12.57 -22.85
C ASP I 120 -14.24 -13.29 -24.08
N SER I 121 -14.35 -12.61 -25.23
CA SER I 121 -14.95 -13.20 -26.46
C SER I 121 -14.60 -12.49 -27.76
N PRO I 122 -14.82 -13.17 -28.90
CA PRO I 122 -14.59 -12.59 -30.23
C PRO I 122 -15.18 -11.19 -30.39
N GLU I 123 -16.46 -11.06 -30.07
CA GLU I 123 -17.16 -9.81 -30.31
C GLU I 123 -16.63 -8.70 -29.41
N SER I 124 -16.48 -9.02 -28.12
CA SER I 124 -15.93 -8.09 -27.14
C SER I 124 -14.49 -7.70 -27.50
N ALA I 125 -13.70 -8.61 -28.06
CA ALA I 125 -12.35 -8.28 -28.53
C ALA I 125 -12.35 -7.18 -29.57
N ALA I 126 -13.09 -7.43 -30.63
CA ALA I 126 -13.21 -6.48 -31.73
C ALA I 126 -13.53 -5.07 -31.21
N ARG I 127 -14.48 -5.00 -30.31
CA ARG I 127 -15.00 -3.75 -29.82
C ARG I 127 -13.92 -3.14 -28.97
N GLU I 128 -13.40 -3.92 -28.00
CA GLU I 128 -12.43 -3.42 -26.99
C GLU I 128 -11.18 -2.86 -27.65
N ILE I 129 -10.65 -3.60 -28.62
CA ILE I 129 -9.54 -3.15 -29.44
C ILE I 129 -9.93 -1.84 -30.13
N ALA I 130 -11.02 -1.87 -30.91
CA ALA I 130 -11.49 -0.68 -31.60
C ALA I 130 -11.66 0.56 -30.68
N TYR I 131 -11.83 0.35 -29.37
CA TYR I 131 -12.11 1.43 -28.45
C TYR I 131 -10.86 2.22 -28.10
N PHE I 132 -9.77 1.49 -28.01
CA PHE I 132 -8.49 2.04 -27.62
C PHE I 132 -7.55 2.20 -28.83
N PHE I 133 -7.78 1.39 -29.85
CA PHE I 133 -6.88 1.45 -30.99
C PHE I 133 -7.56 1.73 -32.34
N ALA I 134 -6.93 2.63 -33.07
CA ALA I 134 -7.17 2.84 -34.49
C ALA I 134 -6.46 1.70 -35.21
N GLU I 135 -7.09 1.15 -36.25
CA GLU I 135 -6.50 0.06 -37.06
C GLU I 135 -5.08 0.34 -37.50
N SER I 136 -4.79 1.61 -37.78
CA SER I 136 -3.48 1.99 -38.27
C SER I 136 -2.49 2.08 -37.15
N GLU I 137 -2.96 1.90 -35.91
CA GLU I 137 -2.08 1.91 -34.75
C GLU I 137 -1.67 0.47 -34.49
N ILE I 138 -2.43 -0.46 -35.05
CA ILE I 138 -2.17 -1.87 -34.81
C ILE I 138 -1.25 -2.40 -35.89
N CYS I 139 -0.06 -2.73 -35.46
CA CYS I 139 1.07 -3.10 -36.32
C CYS I 139 1.29 -4.60 -36.35
N SER I 140 0.42 -5.28 -37.10
CA SER I 140 0.43 -6.74 -37.15
C SER I 140 1.75 -7.23 -37.74
N ARG I 141 2.21 -8.37 -37.23
CA ARG I 141 3.48 -8.99 -37.63
C ARG I 141 3.45 -10.50 -37.28
N ALA J 2 17.84 13.16 -6.16
CA ALA J 2 16.71 13.33 -7.13
C ALA J 2 16.68 12.33 -8.33
N THR J 3 15.47 12.15 -8.90
CA THR J 3 15.22 11.23 -10.01
C THR J 3 15.25 11.93 -11.38
N GLU J 4 15.95 11.34 -12.35
CA GLU J 4 15.98 11.88 -13.71
C GLU J 4 15.17 11.03 -14.72
N ARG J 5 14.86 11.60 -15.88
CA ARG J 5 14.11 10.95 -16.95
C ARG J 5 14.94 10.69 -18.21
N THR J 6 14.74 9.55 -18.86
CA THR J 6 15.52 9.20 -20.06
C THR J 6 14.68 8.44 -21.13
N LEU J 7 15.13 8.56 -22.38
CA LEU J 7 14.37 7.98 -23.47
C LEU J 7 14.93 6.66 -23.92
N SER J 8 14.10 5.62 -23.84
CA SER J 8 14.46 4.27 -24.25
C SER J 8 13.67 3.84 -25.47
N ILE J 9 14.28 3.03 -26.31
CA ILE J 9 13.60 2.57 -27.51
C ILE J 9 13.92 1.12 -27.71
N ILE J 10 12.89 0.26 -27.78
CA ILE J 10 13.12 -1.13 -28.15
C ILE J 10 13.03 -1.24 -29.65
N LYS J 11 14.20 -1.27 -30.31
CA LYS J 11 14.34 -1.30 -31.77
C LYS J 11 13.68 -2.52 -32.44
N PRO J 12 13.46 -2.44 -33.76
CA PRO J 12 12.67 -3.44 -34.49
C PRO J 12 13.18 -4.87 -34.36
N ASP J 13 14.50 -5.02 -34.27
CA ASP J 13 15.15 -6.33 -34.13
C ASP J 13 14.70 -7.03 -32.84
N ALA J 14 14.72 -6.30 -31.71
CA ALA J 14 14.25 -6.82 -30.42
C ALA J 14 12.75 -7.14 -30.45
N VAL J 15 11.97 -6.20 -30.94
CA VAL J 15 10.51 -6.36 -31.07
C VAL J 15 10.21 -7.63 -31.82
N ALA J 16 10.78 -7.78 -33.03
CA ALA J 16 10.53 -8.97 -33.86
C ALA J 16 10.87 -10.26 -33.13
N LYS J 17 11.91 -10.20 -32.29
CA LYS J 17 12.31 -11.31 -31.46
C LYS J 17 11.36 -11.64 -30.29
N ASN J 18 10.34 -10.82 -30.13
CA ASN J 18 9.37 -10.98 -29.03
C ASN J 18 10.00 -10.98 -27.69
N VAL J 19 10.94 -10.08 -27.49
CA VAL J 19 11.70 -10.05 -26.26
C VAL J 19 11.45 -8.77 -25.50
N ILE J 20 10.29 -8.19 -25.77
CA ILE J 20 9.90 -6.95 -25.15
C ILE J 20 9.82 -7.10 -23.66
N GLY J 21 9.10 -8.14 -23.21
CA GLY J 21 8.92 -8.42 -21.78
C GLY J 21 10.27 -8.66 -21.13
N GLU J 22 11.11 -9.45 -21.75
CA GLU J 22 12.47 -9.72 -21.22
C GLU J 22 13.26 -8.43 -21.01
N ILE J 23 13.45 -7.69 -22.10
CA ILE J 23 14.11 -6.40 -22.04
C ILE J 23 13.47 -5.59 -20.93
N GLU J 24 12.16 -5.44 -20.99
CA GLU J 24 11.49 -4.50 -20.11
C GLU J 24 11.69 -4.89 -18.64
N SER J 25 12.02 -6.17 -18.40
CA SER J 25 12.24 -6.71 -17.05
C SER J 25 13.53 -6.18 -16.49
N ARG J 26 14.57 -6.11 -17.32
CA ARG J 26 15.85 -5.55 -16.90
C ARG J 26 15.67 -4.15 -16.27
N PHE J 27 15.17 -3.18 -17.04
CA PHE J 27 14.98 -1.82 -16.53
C PHE J 27 14.25 -1.81 -15.17
N GLU J 28 13.18 -2.56 -15.06
CA GLU J 28 12.37 -2.53 -13.84
C GLU J 28 13.11 -3.15 -12.65
N LYS J 29 13.78 -4.28 -12.88
CA LYS J 29 14.58 -4.88 -11.82
C LYS J 29 15.75 -3.99 -11.42
N ALA J 30 16.27 -3.21 -12.36
CA ALA J 30 17.29 -2.24 -12.03
C ALA J 30 16.70 -1.06 -11.28
N GLY J 31 15.39 -0.93 -11.27
CA GLY J 31 14.71 0.06 -10.38
C GLY J 31 14.14 1.28 -11.09
N LEU J 32 14.45 1.38 -12.39
CA LEU J 32 13.79 2.31 -13.30
C LEU J 32 12.29 1.95 -13.45
N LYS J 33 11.49 2.93 -13.86
CA LYS J 33 10.06 2.72 -14.01
C LYS J 33 9.63 3.22 -15.38
N ILE J 34 8.84 2.42 -16.10
CA ILE J 34 8.22 2.81 -17.39
C ILE J 34 7.13 3.82 -17.09
N VAL J 35 7.32 5.05 -17.54
CA VAL J 35 6.38 6.13 -17.16
C VAL J 35 5.62 6.65 -18.36
N ALA J 36 6.05 6.20 -19.54
CA ALA J 36 5.47 6.52 -20.82
C ALA J 36 5.99 5.48 -21.82
N ALA J 37 5.11 5.02 -22.68
CA ALA J 37 5.47 4.00 -23.66
C ALA J 37 4.37 3.90 -24.69
N LYS J 38 4.80 3.75 -25.93
CA LYS J 38 3.91 3.42 -27.04
C LYS J 38 4.60 2.65 -28.16
N MET J 39 3.95 1.59 -28.64
CA MET J 39 4.49 0.90 -29.76
C MET J 39 4.05 1.69 -30.94
N LEU J 40 4.88 1.79 -31.97
CA LEU J 40 4.47 2.39 -33.22
C LEU J 40 5.47 2.07 -34.31
N GLN J 41 5.14 2.43 -35.55
CA GLN J 41 5.99 2.19 -36.70
C GLN J 41 6.45 3.55 -37.16
N LEU J 42 7.77 3.77 -37.11
CA LEU J 42 8.31 5.10 -37.42
C LEU J 42 8.37 5.33 -38.94
N SER J 43 7.90 6.49 -39.38
CA SER J 43 7.99 6.85 -40.78
C SER J 43 9.43 7.26 -41.06
N GLN J 44 9.85 7.29 -42.32
CA GLN J 44 11.19 7.83 -42.66
C GLN J 44 11.45 9.21 -42.00
N GLU J 45 10.45 10.10 -42.11
CA GLU J 45 10.51 11.48 -41.56
C GLU J 45 10.62 11.54 -40.05
N GLN J 46 9.87 10.73 -39.31
CA GLN J 46 10.01 10.74 -37.85
C GLN J 46 11.38 10.22 -37.42
N ALA J 47 11.91 9.26 -38.18
CA ALA J 47 13.26 8.76 -37.95
C ALA J 47 14.30 9.81 -38.35
N GLU J 48 14.03 10.49 -39.47
CA GLU J 48 14.90 11.59 -39.87
C GLU J 48 14.93 12.74 -38.85
N GLY J 49 13.82 12.98 -38.17
CA GLY J 49 13.77 14.07 -37.21
C GLY J 49 14.47 13.75 -35.93
N PHE J 50 14.32 12.48 -35.51
CA PHE J 50 14.88 12.01 -34.25
C PHE J 50 16.39 11.86 -34.29
N TYR J 51 16.89 11.41 -35.44
CA TYR J 51 18.32 11.23 -35.67
C TYR J 51 18.96 12.37 -36.49
N ALA J 52 18.28 13.51 -36.61
CA ALA J 52 18.72 14.66 -37.46
C ALA J 52 20.15 15.16 -37.14
N GLU J 53 20.46 15.17 -35.84
CA GLU J 53 21.80 15.34 -35.30
C GLU J 53 22.87 14.53 -36.05
N HIS J 54 22.47 13.53 -36.84
CA HIS J 54 23.42 12.69 -37.58
C HIS J 54 23.20 12.64 -39.10
N LYS J 55 22.84 13.75 -39.74
CA LYS J 55 22.59 13.76 -41.22
C LYS J 55 23.66 13.04 -42.10
N PHE J 60 23.66 7.46 -41.08
CA PHE J 60 22.31 8.00 -41.17
C PHE J 60 21.49 7.18 -42.16
N GLY J 61 22.09 6.88 -43.31
CA GLY J 61 21.39 6.15 -44.34
C GLY J 61 20.76 4.92 -43.78
N ASP J 62 21.61 4.02 -43.26
CA ASP J 62 21.18 2.72 -42.77
C ASP J 62 20.62 2.84 -41.35
N LEU J 63 20.72 4.03 -40.76
CA LEU J 63 20.21 4.23 -39.40
C LEU J 63 18.74 4.56 -39.44
N VAL J 64 18.29 5.14 -40.54
CA VAL J 64 16.89 5.43 -40.76
C VAL J 64 16.29 4.19 -41.40
N GLY J 65 17.12 3.46 -42.14
CA GLY J 65 16.63 2.30 -42.86
C GLY J 65 16.14 1.24 -41.90
N PHE J 66 17.06 0.85 -41.03
CA PHE J 66 16.82 -0.13 -40.03
C PHE J 66 15.68 0.30 -39.15
N MET J 67 15.80 1.49 -38.56
CA MET J 67 14.83 2.00 -37.57
C MET J 67 13.43 2.18 -38.09
N THR J 68 13.18 1.64 -39.28
CA THR J 68 11.92 1.79 -39.96
C THR J 68 11.47 0.45 -40.50
N SER J 69 12.38 -0.53 -40.58
CA SER J 69 12.05 -1.89 -41.12
C SER J 69 10.82 -2.55 -40.45
N GLY J 70 10.65 -2.28 -39.16
CA GLY J 70 9.49 -2.80 -38.42
C GLY J 70 9.12 -2.02 -37.19
N PRO J 71 8.00 -2.38 -36.57
CA PRO J 71 7.54 -1.58 -35.44
C PRO J 71 8.54 -1.54 -34.29
N VAL J 72 8.47 -0.51 -33.46
CA VAL J 72 9.32 -0.41 -32.27
C VAL J 72 8.49 0.04 -31.08
N VAL J 73 9.08 -0.06 -29.89
CA VAL J 73 8.51 0.50 -28.69
C VAL J 73 9.30 1.76 -28.28
N VAL J 74 8.59 2.88 -28.23
CA VAL J 74 9.17 4.13 -27.75
C VAL J 74 8.64 4.38 -26.36
N GLN J 75 9.51 4.55 -25.40
CA GLN J 75 9.11 4.71 -24.01
C GLN J 75 10.02 5.69 -23.28
N VAL J 76 9.71 5.90 -22.00
CA VAL J 76 10.45 6.83 -21.18
C VAL J 76 10.60 6.17 -19.82
N LEU J 77 11.87 6.01 -19.41
CA LEU J 77 12.21 5.39 -18.13
C LEU J 77 12.59 6.44 -17.06
N GLU J 78 12.01 6.30 -15.87
CA GLU J 78 12.34 7.18 -14.77
C GLU J 78 12.99 6.46 -13.60
N GLY J 79 14.05 7.08 -13.09
CA GLY J 79 14.67 6.67 -11.83
C GLY J 79 16.03 7.32 -11.56
N GLU J 80 16.48 7.24 -10.30
CA GLU J 80 17.81 7.66 -9.89
C GLU J 80 18.84 7.30 -10.97
N ASN J 81 19.52 8.31 -11.50
CA ASN J 81 20.50 8.08 -12.55
C ASN J 81 19.98 7.33 -13.77
N ALA J 82 18.68 7.51 -14.02
CA ALA J 82 18.00 6.86 -15.12
C ALA J 82 18.81 6.92 -16.39
N ILE J 83 19.40 8.06 -16.68
CA ILE J 83 20.14 8.22 -17.93
C ILE J 83 21.37 7.31 -17.98
N ALA J 84 22.06 7.26 -16.83
CA ALA J 84 23.29 6.46 -16.67
C ALA J 84 22.94 4.96 -16.56
N ALA J 85 22.11 4.63 -15.56
CA ALA J 85 21.54 3.29 -15.43
C ALA J 85 21.19 2.67 -16.78
N ASN J 86 20.36 3.35 -17.59
CA ASN J 86 19.95 2.86 -18.90
C ASN J 86 21.16 2.49 -19.74
N ARG J 87 22.18 3.37 -19.75
CA ARG J 87 23.42 3.21 -20.54
C ARG J 87 24.14 1.93 -20.12
N ASP J 88 24.26 1.73 -18.82
CA ASP J 88 24.78 0.49 -18.25
C ASP J 88 24.01 -0.70 -18.82
N LEU J 89 22.76 -0.89 -18.36
CA LEU J 89 21.94 -2.04 -18.70
C LEU J 89 22.03 -2.43 -20.18
N MET J 90 22.03 -1.42 -21.07
CA MET J 90 22.05 -1.64 -22.52
C MET J 90 23.38 -2.19 -22.94
N GLY J 91 24.41 -1.79 -22.20
CA GLY J 91 25.77 -2.18 -22.48
C GLY J 91 26.30 -1.37 -23.64
N ALA J 92 27.52 -1.69 -24.04
CA ALA J 92 28.25 -1.07 -25.15
C ALA J 92 27.38 -0.81 -26.38
N THR J 93 27.88 -0.04 -27.34
CA THR J 93 27.13 0.17 -28.57
C THR J 93 27.37 -1.07 -29.43
N ASN J 94 28.07 -2.04 -28.82
CA ASN J 94 28.41 -3.36 -29.39
C ASN J 94 29.17 -3.23 -30.71
N THR J 102 24.04 -7.71 -19.43
CA THR J 102 23.65 -6.57 -20.29
C THR J 102 22.64 -7.00 -21.33
N ILE J 103 22.17 -6.01 -22.09
CA ILE J 103 21.08 -6.18 -23.03
C ILE J 103 21.62 -6.34 -24.43
N ARG J 104 22.54 -5.47 -24.80
CA ARG J 104 23.00 -5.46 -26.18
C ARG J 104 23.89 -6.68 -26.53
N ALA J 105 24.61 -7.20 -25.55
CA ALA J 105 25.35 -8.48 -25.69
C ALA J 105 24.45 -9.73 -25.83
N ASP J 106 23.34 -9.76 -25.08
CA ASP J 106 22.42 -10.88 -25.06
C ASP J 106 21.41 -10.90 -26.22
N TYR J 107 21.12 -9.75 -26.82
CA TYR J 107 20.15 -9.74 -27.94
C TYR J 107 20.65 -9.12 -29.22
N ALA J 108 21.70 -8.33 -29.17
CA ALA J 108 22.15 -7.61 -30.38
C ALA J 108 23.19 -8.35 -31.21
N GLN J 109 23.01 -8.36 -32.53
CA GLN J 109 24.00 -8.94 -33.46
C GLN J 109 24.87 -7.87 -34.16
N SER J 110 24.26 -7.16 -35.12
CA SER J 110 24.91 -6.07 -35.88
C SER J 110 25.04 -4.82 -35.01
N ILE J 111 25.83 -3.86 -35.46
CA ILE J 111 26.03 -2.61 -34.75
C ILE J 111 24.81 -1.74 -34.99
N ASP J 112 24.23 -1.92 -36.18
CA ASP J 112 23.01 -1.25 -36.60
C ASP J 112 21.86 -1.82 -35.78
N ALA J 113 21.64 -3.12 -35.95
CA ALA J 113 20.55 -3.83 -35.31
C ALA J 113 20.91 -4.23 -33.88
N ASN J 114 21.04 -3.25 -32.99
CA ASN J 114 21.44 -3.57 -31.62
C ASN J 114 20.34 -3.48 -30.57
N ALA J 115 19.15 -4.00 -30.89
CA ALA J 115 18.05 -4.14 -29.89
C ALA J 115 17.43 -2.85 -29.31
N VAL J 116 18.20 -2.09 -28.54
CA VAL J 116 17.67 -0.90 -27.86
C VAL J 116 18.51 0.36 -28.07
N HIS J 117 17.91 1.50 -27.70
CA HIS J 117 18.54 2.82 -27.79
C HIS J 117 18.39 3.54 -26.48
N GLY J 118 19.43 4.28 -26.08
CA GLY J 118 19.36 5.07 -24.85
C GLY J 118 19.73 6.53 -25.02
N SER J 119 19.48 7.35 -24.00
CA SER J 119 19.81 8.78 -24.05
C SER J 119 21.21 8.97 -23.45
N ASP J 120 22.10 9.70 -24.15
CA ASP J 120 23.52 9.79 -23.77
C ASP J 120 23.86 10.78 -22.66
N SER J 121 23.01 11.77 -22.47
CA SER J 121 23.14 12.80 -21.41
C SER J 121 21.77 13.40 -21.05
N PRO J 122 21.71 14.26 -20.03
CA PRO J 122 20.44 14.93 -19.72
C PRO J 122 19.92 15.81 -20.86
N GLU J 123 20.77 16.68 -21.38
CA GLU J 123 20.37 17.53 -22.50
C GLU J 123 19.84 16.69 -23.65
N SER J 124 20.45 15.54 -23.88
CA SER J 124 20.05 14.68 -25.00
C SER J 124 18.74 13.96 -24.71
N ALA J 125 18.54 13.61 -23.44
CA ALA J 125 17.35 12.93 -22.98
C ALA J 125 16.14 13.82 -23.14
N ALA J 126 16.26 15.06 -22.67
CA ALA J 126 15.13 15.96 -22.57
C ALA J 126 14.64 16.29 -23.96
N ARG J 127 15.53 16.35 -24.93
CA ARG J 127 15.07 16.62 -26.28
C ARG J 127 14.28 15.41 -26.85
N GLU J 128 14.87 14.22 -26.73
CA GLU J 128 14.31 12.96 -27.25
C GLU J 128 12.90 12.65 -26.69
N ILE J 129 12.77 12.81 -25.38
CA ILE J 129 11.52 12.64 -24.73
C ILE J 129 10.51 13.61 -25.33
N ALA J 130 10.85 14.88 -25.36
CA ALA J 130 9.95 15.90 -25.87
C ALA J 130 9.72 15.73 -27.36
N TYR J 131 10.52 14.88 -27.99
CA TYR J 131 10.35 14.61 -29.40
C TYR J 131 9.24 13.58 -29.61
N PHE J 132 9.07 12.69 -28.64
CA PHE J 132 8.20 11.54 -28.86
C PHE J 132 6.95 11.57 -27.99
N PHE J 133 7.03 12.27 -26.86
CA PHE J 133 5.93 12.34 -25.92
C PHE J 133 5.63 13.79 -25.60
N ALA J 134 4.33 14.10 -25.43
CA ALA J 134 3.90 15.34 -24.87
C ALA J 134 3.89 15.13 -23.38
N GLU J 135 4.18 16.18 -22.62
CA GLU J 135 4.33 16.04 -21.18
C GLU J 135 3.11 15.39 -20.54
N SER J 136 1.94 15.59 -21.12
CA SER J 136 0.72 15.01 -20.56
C SER J 136 0.65 13.49 -20.76
N GLU J 137 1.36 12.98 -21.77
CA GLU J 137 1.41 11.55 -22.05
C GLU J 137 2.29 10.79 -21.04
N ILE J 138 3.06 11.51 -20.21
CA ILE J 138 4.04 10.88 -19.29
C ILE J 138 3.48 10.94 -17.88
N CYS J 139 3.17 9.79 -17.32
CA CYS J 139 2.44 9.71 -16.07
C CYS J 139 3.39 9.25 -14.95
N SER J 140 3.86 10.21 -14.14
CA SER J 140 4.96 9.97 -13.20
C SER J 140 4.49 9.18 -11.98
N ARG J 141 5.33 8.25 -11.53
CA ARG J 141 5.00 7.39 -10.39
C ARG J 141 6.12 7.45 -9.36
N ALA K 2 -31.20 9.47 -40.32
CA ALA K 2 -30.75 9.28 -38.92
C ALA K 2 -29.35 9.90 -38.68
N THR K 3 -28.90 9.86 -37.42
CA THR K 3 -27.61 10.43 -37.05
C THR K 3 -26.41 9.58 -37.44
N GLU K 4 -26.02 9.65 -38.71
CA GLU K 4 -24.82 9.02 -39.25
C GLU K 4 -23.53 9.66 -38.74
N ARG K 5 -22.41 9.13 -39.23
CA ARG K 5 -21.10 9.64 -38.89
C ARG K 5 -20.16 9.23 -40.01
N THR K 6 -19.32 10.15 -40.46
CA THR K 6 -18.47 9.93 -41.65
C THR K 6 -17.04 10.44 -41.41
N LEU K 7 -16.09 9.92 -42.16
CA LEU K 7 -14.75 10.39 -42.10
C LEU K 7 -14.47 11.51 -43.09
N SER K 8 -13.95 12.63 -42.61
CA SER K 8 -13.52 13.68 -43.49
C SER K 8 -12.02 13.86 -43.42
N ILE K 9 -11.44 14.31 -44.52
CA ILE K 9 -10.02 14.64 -44.54
C ILE K 9 -9.83 15.94 -45.29
N ILE K 10 -8.99 16.82 -44.73
CA ILE K 10 -8.63 18.02 -45.43
C ILE K 10 -7.26 17.72 -45.98
N LYS K 11 -7.19 17.55 -47.31
CA LYS K 11 -6.01 17.02 -48.02
C LYS K 11 -4.87 18.04 -48.04
N PRO K 12 -3.66 17.64 -48.50
CA PRO K 12 -2.50 18.50 -48.24
C PRO K 12 -2.55 19.82 -48.99
N ASP K 13 -3.27 19.85 -50.10
CA ASP K 13 -3.38 21.04 -50.90
C ASP K 13 -4.24 22.06 -50.17
N ALA K 14 -5.26 21.62 -49.46
CA ALA K 14 -6.12 22.55 -48.74
C ALA K 14 -5.42 23.06 -47.50
N VAL K 15 -4.51 22.27 -46.91
CA VAL K 15 -3.85 22.78 -45.72
C VAL K 15 -2.80 23.80 -46.11
N ALA K 16 -2.18 23.60 -47.27
CA ALA K 16 -1.10 24.46 -47.79
C ALA K 16 -1.64 25.82 -48.16
N LYS K 17 -2.93 25.85 -48.51
CA LYS K 17 -3.65 27.09 -48.74
C LYS K 17 -4.26 27.70 -47.47
N ASN K 18 -3.94 27.13 -46.30
CA ASN K 18 -4.43 27.66 -45.02
C ASN K 18 -5.91 28.00 -45.04
N VAL K 19 -6.71 27.13 -45.65
CA VAL K 19 -8.17 27.32 -45.70
C VAL K 19 -8.92 26.28 -44.85
N ILE K 20 -8.20 25.69 -43.90
CA ILE K 20 -8.76 24.75 -42.97
C ILE K 20 -9.98 25.34 -42.32
N GLY K 21 -9.92 26.61 -41.94
CA GLY K 21 -11.04 27.20 -41.22
C GLY K 21 -12.28 27.34 -42.10
N GLU K 22 -12.01 27.71 -43.35
CA GLU K 22 -13.07 28.04 -44.28
C GLU K 22 -13.81 26.75 -44.58
N ILE K 23 -13.07 25.70 -44.89
CA ILE K 23 -13.65 24.38 -45.15
C ILE K 23 -14.47 23.90 -43.95
N GLU K 24 -13.84 23.85 -42.79
CA GLU K 24 -14.54 23.45 -41.58
C GLU K 24 -15.91 24.09 -41.36
N SER K 25 -16.03 25.39 -41.65
CA SER K 25 -17.26 26.13 -41.33
C SER K 25 -18.43 25.68 -42.20
N ARG K 26 -18.10 25.20 -43.40
CA ARG K 26 -19.10 24.63 -44.28
C ARG K 26 -19.80 23.39 -43.76
N PHE K 27 -19.10 22.54 -43.03
CA PHE K 27 -19.70 21.36 -42.43
C PHE K 27 -20.54 21.78 -41.21
N GLU K 28 -20.08 22.79 -40.48
CA GLU K 28 -20.74 23.28 -39.26
C GLU K 28 -22.00 24.10 -39.54
N LYS K 29 -21.98 24.90 -40.59
CA LYS K 29 -23.15 25.68 -40.97
C LYS K 29 -24.20 24.73 -41.51
N ALA K 30 -23.76 23.56 -41.94
CA ALA K 30 -24.70 22.60 -42.47
C ALA K 30 -25.29 21.74 -41.35
N GLY K 31 -24.71 21.86 -40.14
CA GLY K 31 -25.20 21.07 -39.00
C GLY K 31 -24.35 19.87 -38.59
N LEU K 32 -23.26 19.60 -39.30
CA LEU K 32 -22.38 18.48 -38.91
C LEU K 32 -21.42 18.99 -37.82
N LYS K 33 -21.18 18.17 -36.79
CA LYS K 33 -20.36 18.53 -35.64
C LYS K 33 -19.06 17.83 -35.85
N ILE K 34 -17.96 18.55 -35.71
CA ILE K 34 -16.65 17.92 -35.76
C ILE K 34 -16.47 17.21 -34.43
N VAL K 35 -16.39 15.88 -34.45
CA VAL K 35 -16.38 15.08 -33.23
C VAL K 35 -15.05 14.40 -33.00
N ALA K 36 -14.17 14.40 -34.00
CA ALA K 36 -12.79 13.94 -33.86
C ALA K 36 -11.98 14.62 -34.91
N ALA K 37 -10.76 15.02 -34.58
CA ALA K 37 -9.92 15.64 -35.58
C ALA K 37 -8.50 15.70 -35.11
N LYS K 38 -7.62 15.75 -36.08
CA LYS K 38 -6.24 15.87 -35.80
C LYS K 38 -5.37 16.17 -37.04
N MET K 39 -4.23 16.83 -36.79
CA MET K 39 -3.29 17.09 -37.85
C MET K 39 -2.09 16.15 -37.81
N LEU K 40 -1.77 15.55 -38.95
CA LEU K 40 -0.65 14.64 -39.04
C LEU K 40 -0.04 14.58 -40.46
N GLN K 41 1.19 14.12 -40.57
CA GLN K 41 1.82 13.92 -41.84
C GLN K 41 1.72 12.44 -42.11
N LEU K 42 0.75 12.02 -42.92
CA LEU K 42 0.56 10.56 -43.12
C LEU K 42 1.85 9.92 -43.56
N SER K 43 2.21 8.80 -42.94
CA SER K 43 3.39 8.05 -43.39
C SER K 43 3.07 7.28 -44.65
N GLN K 44 4.08 6.68 -45.27
CA GLN K 44 3.87 5.95 -46.50
C GLN K 44 2.92 4.78 -46.17
N GLU K 45 3.24 4.10 -45.06
CA GLU K 45 2.44 2.98 -44.57
C GLU K 45 1.01 3.42 -44.49
N GLN K 46 0.78 4.49 -43.73
CA GLN K 46 -0.56 4.98 -43.47
C GLN K 46 -1.35 5.21 -44.74
N ALA K 47 -0.90 6.14 -45.57
CA ALA K 47 -1.61 6.41 -46.81
C ALA K 47 -1.92 5.10 -47.50
N GLU K 48 -0.89 4.26 -47.61
CA GLU K 48 -1.04 2.97 -48.25
C GLU K 48 -2.18 2.22 -47.60
N GLY K 49 -2.07 1.98 -46.28
CA GLY K 49 -3.07 1.25 -45.51
C GLY K 49 -4.48 1.77 -45.81
N PHE K 50 -4.63 3.08 -45.68
CA PHE K 50 -5.92 3.74 -45.88
C PHE K 50 -6.51 3.49 -47.23
N TYR K 51 -5.67 3.53 -48.25
CA TYR K 51 -6.14 3.41 -49.63
C TYR K 51 -5.90 2.01 -50.18
N ALA K 52 -5.66 1.05 -49.28
CA ALA K 52 -5.44 -0.35 -49.65
C ALA K 52 -6.40 -0.88 -50.71
N GLU K 53 -7.58 -0.28 -50.82
CA GLU K 53 -8.60 -0.74 -51.74
C GLU K 53 -8.14 -0.54 -53.15
N HIS K 54 -7.12 0.29 -53.33
CA HIS K 54 -6.64 0.64 -54.66
C HIS K 54 -5.20 0.23 -54.83
N LYS K 55 -4.78 -0.72 -54.00
CA LYS K 55 -3.41 -1.25 -53.94
C LYS K 55 -2.94 -1.81 -55.29
N GLU K 56 -3.86 -2.28 -56.13
CA GLU K 56 -3.54 -3.04 -57.34
C GLU K 56 -3.59 -2.21 -58.62
N ARG K 57 -3.69 -0.90 -58.50
CA ARG K 57 -3.85 -0.06 -59.69
C ARG K 57 -2.66 0.89 -59.86
N PRO K 58 -2.49 1.48 -61.07
CA PRO K 58 -1.33 2.33 -61.34
C PRO K 58 -1.34 3.67 -60.58
N PHE K 59 -2.46 4.37 -60.56
CA PHE K 59 -2.53 5.66 -59.88
C PHE K 59 -2.22 5.56 -58.37
N PHE K 60 -2.29 4.34 -57.82
CA PHE K 60 -2.05 4.09 -56.40
C PHE K 60 -0.88 4.87 -55.86
N GLY K 61 0.26 4.77 -56.57
CA GLY K 61 1.46 5.50 -56.20
C GLY K 61 1.28 7.02 -56.16
N ASP K 62 0.69 7.55 -57.24
CA ASP K 62 0.53 8.99 -57.40
C ASP K 62 -0.47 9.52 -56.36
N LEU K 63 -1.53 8.75 -56.08
CA LEU K 63 -2.48 9.11 -55.01
C LEU K 63 -1.83 9.11 -53.62
N VAL K 64 -1.04 8.09 -53.32
CA VAL K 64 -0.35 8.05 -52.05
C VAL K 64 0.59 9.24 -51.99
N GLY K 65 1.46 9.37 -53.00
CA GLY K 65 2.45 10.45 -53.07
C GLY K 65 1.88 11.80 -52.68
N PHE K 66 0.66 12.07 -53.17
CA PHE K 66 -0.01 13.33 -52.91
C PHE K 66 -0.46 13.35 -51.47
N MET K 67 -1.17 12.31 -51.04
CA MET K 67 -1.76 12.29 -49.70
C MET K 67 -0.70 12.18 -48.65
N THR K 68 0.54 11.99 -49.09
CA THR K 68 1.66 11.88 -48.18
C THR K 68 2.65 13.04 -48.30
N SER K 69 2.29 13.99 -49.16
CA SER K 69 3.18 15.11 -49.50
C SER K 69 3.20 16.19 -48.41
N GLY K 70 2.00 16.70 -48.07
CA GLY K 70 1.81 17.67 -46.97
C GLY K 70 0.93 17.21 -45.79
N PRO K 71 1.01 17.92 -44.63
CA PRO K 71 0.20 17.49 -43.51
C PRO K 71 -1.27 17.61 -43.82
N VAL K 72 -2.07 16.72 -43.22
CA VAL K 72 -3.51 16.70 -43.44
C VAL K 72 -4.26 16.80 -42.13
N VAL K 73 -5.55 17.03 -42.27
CA VAL K 73 -6.42 17.02 -41.12
C VAL K 73 -7.43 15.94 -41.27
N VAL K 74 -7.19 14.81 -40.62
CA VAL K 74 -8.19 13.75 -40.60
C VAL K 74 -9.23 14.08 -39.50
N GLN K 75 -10.51 13.88 -39.79
CA GLN K 75 -11.55 14.19 -38.81
C GLN K 75 -12.85 13.42 -39.04
N VAL K 76 -13.72 13.46 -38.06
CA VAL K 76 -14.94 12.71 -38.14
C VAL K 76 -16.10 13.71 -38.08
N LEU K 77 -16.95 13.75 -39.10
CA LEU K 77 -18.09 14.65 -39.06
C LEU K 77 -19.31 13.81 -38.64
N GLU K 78 -20.24 14.39 -37.93
CA GLU K 78 -21.37 13.64 -37.46
C GLU K 78 -22.58 14.52 -37.62
N GLY K 79 -23.76 13.91 -37.68
CA GLY K 79 -25.01 14.67 -37.77
C GLY K 79 -26.01 13.94 -38.62
N GLU K 80 -27.21 14.52 -38.76
CA GLU K 80 -28.28 13.88 -39.52
C GLU K 80 -27.83 13.66 -40.97
N ASN K 81 -27.81 12.39 -41.39
CA ASN K 81 -27.51 12.08 -42.76
C ASN K 81 -26.12 12.57 -43.13
N ALA K 82 -25.13 12.32 -42.27
CA ALA K 82 -23.83 12.97 -42.39
C ALA K 82 -23.02 12.50 -43.61
N ILE K 83 -23.06 11.20 -43.89
CA ILE K 83 -22.29 10.67 -45.00
C ILE K 83 -22.70 11.37 -46.29
N ALA K 84 -24.01 11.46 -46.53
CA ALA K 84 -24.53 12.14 -47.72
C ALA K 84 -24.30 13.66 -47.69
N ALA K 85 -24.65 14.27 -46.55
CA ALA K 85 -24.47 15.70 -46.34
C ALA K 85 -23.07 16.16 -46.68
N ASN K 86 -22.08 15.35 -46.29
CA ASN K 86 -20.71 15.67 -46.54
C ASN K 86 -20.42 15.63 -48.02
N ARG K 87 -20.99 14.63 -48.69
CA ARG K 87 -20.74 14.41 -50.12
C ARG K 87 -21.34 15.57 -50.89
N ASP K 88 -22.51 16.00 -50.49
CA ASP K 88 -23.08 17.21 -51.07
C ASP K 88 -22.12 18.38 -50.81
N LEU K 89 -21.86 18.68 -49.54
CA LEU K 89 -20.96 19.78 -49.19
C LEU K 89 -19.68 19.83 -50.00
N MET K 90 -19.16 18.66 -50.36
CA MET K 90 -17.90 18.58 -51.11
C MET K 90 -18.18 18.90 -52.58
N GLY K 91 -19.14 18.16 -53.16
CA GLY K 91 -19.44 18.19 -54.61
C GLY K 91 -18.60 17.18 -55.38
N ALA K 92 -18.90 17.01 -56.67
CA ALA K 92 -18.26 16.01 -57.53
C ALA K 92 -16.72 16.03 -57.48
N THR K 93 -16.09 14.86 -57.70
CA THR K 93 -14.64 14.69 -57.53
C THR K 93 -13.85 15.55 -58.50
N ASN K 94 -14.35 15.69 -59.73
CA ASN K 94 -13.76 16.65 -60.66
C ASN K 94 -14.33 18.05 -60.48
N PRO K 95 -13.44 19.04 -60.36
CA PRO K 95 -13.83 20.46 -60.18
C PRO K 95 -14.95 20.96 -61.12
N LYS K 96 -14.87 20.63 -62.42
CA LYS K 96 -15.79 21.14 -63.43
C LYS K 96 -17.21 20.68 -63.17
N GLU K 97 -17.34 19.43 -62.76
CA GLU K 97 -18.65 18.84 -62.50
C GLU K 97 -19.32 19.34 -61.22
N ALA K 98 -18.57 20.06 -60.39
CA ALA K 98 -19.10 20.47 -59.08
C ALA K 98 -19.94 21.72 -59.25
N GLU K 99 -21.13 21.69 -58.61
CA GLU K 99 -22.10 22.79 -58.65
C GLU K 99 -21.51 23.95 -57.87
N ALA K 100 -21.89 25.19 -58.21
CA ALA K 100 -21.36 26.36 -57.51
C ALA K 100 -21.81 26.36 -56.04
N GLY K 101 -20.90 26.71 -55.13
CA GLY K 101 -21.22 26.75 -53.69
C GLY K 101 -20.64 25.61 -52.88
N THR K 102 -20.09 24.62 -53.60
CA THR K 102 -19.53 23.44 -52.97
C THR K 102 -18.05 23.59 -52.74
N ILE K 103 -17.54 22.90 -51.72
CA ILE K 103 -16.13 22.96 -51.37
C ILE K 103 -15.24 22.68 -52.58
N ARG K 104 -15.44 21.55 -53.22
CA ARG K 104 -14.57 21.17 -54.30
C ARG K 104 -14.63 22.33 -55.29
N ALA K 105 -15.83 22.90 -55.50
CA ALA K 105 -16.04 24.01 -56.46
C ALA K 105 -15.55 25.37 -56.00
N ASP K 106 -14.85 25.41 -54.89
CA ASP K 106 -14.33 26.67 -54.39
C ASP K 106 -12.84 26.59 -54.14
N TYR K 107 -12.32 25.38 -53.89
CA TYR K 107 -10.92 25.18 -53.48
C TYR K 107 -10.14 24.12 -54.24
N ALA K 108 -10.87 23.21 -54.90
CA ALA K 108 -10.26 22.13 -55.68
C ALA K 108 -9.39 22.66 -56.82
N GLN K 109 -8.11 22.26 -56.87
CA GLN K 109 -7.22 22.65 -57.99
C GLN K 109 -7.49 21.78 -59.21
N SER K 110 -7.18 20.50 -59.09
CA SER K 110 -7.38 19.57 -60.17
C SER K 110 -8.40 18.53 -59.73
N ILE K 111 -8.66 17.55 -60.58
CA ILE K 111 -9.44 16.38 -60.23
C ILE K 111 -8.72 15.63 -59.08
N ASP K 112 -7.39 15.60 -59.12
CA ASP K 112 -6.59 14.86 -58.14
C ASP K 112 -6.49 15.61 -56.83
N ALA K 113 -6.11 16.88 -56.95
CA ALA K 113 -5.96 17.77 -55.80
C ALA K 113 -7.28 18.54 -55.60
N ASN K 114 -8.17 17.93 -54.83
CA ASN K 114 -9.53 18.44 -54.62
C ASN K 114 -9.88 18.74 -53.16
N ALA K 115 -8.88 19.23 -52.44
CA ALA K 115 -9.06 19.81 -51.11
C ALA K 115 -9.51 18.81 -50.05
N VAL K 116 -10.70 18.24 -50.23
CA VAL K 116 -11.30 17.41 -49.20
C VAL K 116 -11.62 15.94 -49.60
N HIS K 117 -11.86 15.12 -48.57
CA HIS K 117 -12.24 13.71 -48.71
C HIS K 117 -13.39 13.42 -47.77
N GLY K 118 -14.33 12.60 -48.24
CA GLY K 118 -15.42 12.15 -47.41
C GLY K 118 -15.70 10.71 -47.76
N SER K 119 -16.20 9.94 -46.79
CA SER K 119 -16.52 8.53 -47.02
C SER K 119 -17.63 8.45 -48.03
N ASP K 120 -17.41 7.60 -49.06
CA ASP K 120 -18.39 7.30 -50.13
C ASP K 120 -19.71 6.63 -49.63
N SER K 121 -19.66 5.88 -48.54
CA SER K 121 -20.87 5.19 -48.05
C SER K 121 -20.78 4.70 -46.61
N PRO K 122 -21.92 4.22 -46.08
CA PRO K 122 -21.96 3.58 -44.76
C PRO K 122 -20.84 2.58 -44.55
N GLU K 123 -20.65 1.68 -45.53
CA GLU K 123 -19.64 0.65 -45.53
C GLU K 123 -18.31 1.36 -45.32
N SER K 124 -17.93 2.22 -46.25
CA SER K 124 -16.60 2.86 -46.20
C SER K 124 -16.42 3.81 -44.97
N ALA K 125 -17.52 4.38 -44.48
CA ALA K 125 -17.45 5.27 -43.33
C ALA K 125 -16.94 4.54 -42.11
N ALA K 126 -17.50 3.38 -41.84
CA ALA K 126 -17.08 2.69 -40.62
C ALA K 126 -15.64 2.22 -40.82
N ARG K 127 -15.28 1.87 -42.04
CA ARG K 127 -13.96 1.35 -42.25
C ARG K 127 -12.99 2.53 -42.11
N GLU K 128 -13.38 3.66 -42.69
CA GLU K 128 -12.51 4.81 -42.74
C GLU K 128 -12.24 5.44 -41.40
N ILE K 129 -13.26 5.46 -40.54
CA ILE K 129 -13.20 6.04 -39.20
C ILE K 129 -12.39 5.12 -38.29
N ALA K 130 -12.73 3.84 -38.34
CA ALA K 130 -12.01 2.83 -37.59
C ALA K 130 -10.49 2.87 -37.86
N TYR K 131 -10.11 3.25 -39.10
CA TYR K 131 -8.74 3.21 -39.53
C TYR K 131 -7.94 4.26 -38.80
N PHE K 132 -8.47 5.47 -38.72
CA PHE K 132 -7.75 6.62 -38.22
C PHE K 132 -8.06 7.03 -36.77
N PHE K 133 -9.15 6.51 -36.21
CA PHE K 133 -9.58 6.88 -34.87
C PHE K 133 -10.07 5.73 -34.00
N ALA K 134 -9.66 5.74 -32.74
CA ALA K 134 -10.19 4.80 -31.77
C ALA K 134 -11.47 5.35 -31.28
N GLU K 135 -12.42 4.51 -30.88
CA GLU K 135 -13.69 5.04 -30.38
C GLU K 135 -13.51 6.02 -29.22
N SER K 136 -12.43 5.88 -28.43
CA SER K 136 -12.16 6.76 -27.29
C SER K 136 -11.79 8.18 -27.68
N GLU K 137 -11.37 8.36 -28.93
CA GLU K 137 -10.94 9.63 -29.47
C GLU K 137 -12.13 10.45 -29.94
N ILE K 138 -13.22 9.75 -30.25
CA ILE K 138 -14.38 10.35 -30.91
C ILE K 138 -15.31 10.78 -29.78
N CYS K 139 -15.54 12.08 -29.68
CA CYS K 139 -16.39 12.62 -28.63
C CYS K 139 -17.71 13.08 -29.24
N SER K 140 -18.69 12.17 -29.24
CA SER K 140 -20.01 12.50 -29.72
C SER K 140 -20.64 13.58 -28.80
N ARG K 141 -21.34 14.56 -29.38
CA ARG K 141 -21.92 15.68 -28.60
C ARG K 141 -23.15 16.30 -29.23
N ALA L 2 10.36 37.93 -35.11
CA ALA L 2 10.52 36.77 -36.05
C ALA L 2 9.32 35.79 -35.99
N THR L 3 9.46 34.63 -36.64
CA THR L 3 8.40 33.63 -36.65
C THR L 3 8.47 32.83 -35.36
N GLU L 4 7.31 32.40 -34.86
CA GLU L 4 7.21 31.63 -33.61
C GLU L 4 5.99 30.69 -33.51
N ARG L 5 5.98 29.82 -32.51
CA ARG L 5 4.86 28.91 -32.28
C ARG L 5 4.18 29.39 -31.04
N THR L 6 2.87 29.27 -30.98
CA THR L 6 2.17 29.56 -29.75
C THR L 6 1.05 28.52 -29.56
N LEU L 7 0.73 28.18 -28.32
CA LEU L 7 -0.36 27.22 -28.15
C LEU L 7 -1.67 27.98 -28.08
N SER L 8 -2.69 27.45 -28.77
CA SER L 8 -4.01 28.04 -28.88
C SER L 8 -5.01 26.98 -28.47
N ILE L 9 -6.05 27.32 -27.72
CA ILE L 9 -7.07 26.33 -27.34
C ILE L 9 -8.51 26.79 -27.61
N ILE L 10 -9.24 26.13 -28.50
CA ILE L 10 -10.60 26.53 -28.73
C ILE L 10 -11.38 25.83 -27.64
N LYS L 11 -11.88 26.58 -26.68
CA LYS L 11 -12.51 26.03 -25.48
C LYS L 11 -13.85 25.23 -25.71
N PRO L 12 -14.32 24.49 -24.68
CA PRO L 12 -15.57 23.71 -24.79
C PRO L 12 -16.75 24.47 -25.38
N ASP L 13 -16.98 25.69 -24.87
CA ASP L 13 -18.10 26.52 -25.32
C ASP L 13 -18.05 26.83 -26.80
N ALA L 14 -16.88 27.15 -27.32
CA ALA L 14 -16.77 27.48 -28.75
C ALA L 14 -17.00 26.22 -29.60
N VAL L 15 -16.48 25.10 -29.09
CA VAL L 15 -16.56 23.83 -29.77
C VAL L 15 -18.03 23.43 -29.78
N ALA L 16 -18.72 23.75 -28.69
CA ALA L 16 -20.16 23.52 -28.57
C ALA L 16 -21.00 24.38 -29.51
N LYS L 17 -20.59 25.63 -29.74
CA LYS L 17 -21.35 26.49 -30.66
C LYS L 17 -21.06 26.09 -32.12
N ASN L 18 -20.10 25.17 -32.33
CA ASN L 18 -19.73 24.74 -33.68
C ASN L 18 -19.20 25.88 -34.53
N VAL L 19 -18.30 26.68 -33.96
CA VAL L 19 -17.69 27.80 -34.70
C VAL L 19 -16.17 27.62 -34.82
N ILE L 20 -15.75 26.38 -34.61
CA ILE L 20 -14.36 25.98 -34.82
C ILE L 20 -13.90 26.64 -36.10
N GLY L 21 -14.41 26.15 -37.23
CA GLY L 21 -14.00 26.68 -38.52
C GLY L 21 -13.80 28.18 -38.51
N GLU L 22 -14.78 28.90 -37.98
CA GLU L 22 -14.76 30.35 -38.04
C GLU L 22 -13.50 30.90 -37.33
N ILE L 23 -13.39 30.61 -36.04
CA ILE L 23 -12.20 30.93 -35.24
C ILE L 23 -10.87 30.62 -35.96
N GLU L 24 -10.77 29.47 -36.61
CA GLU L 24 -9.52 29.07 -37.31
C GLU L 24 -9.21 30.11 -38.43
N SER L 25 -10.25 30.47 -39.18
CA SER L 25 -10.10 31.43 -40.25
C SER L 25 -9.48 32.75 -39.74
N ARG L 26 -9.75 33.13 -38.49
CA ARG L 26 -9.18 34.35 -37.94
C ARG L 26 -7.68 34.17 -37.96
N PHE L 27 -7.20 33.06 -37.42
CA PHE L 27 -5.76 32.81 -37.41
C PHE L 27 -5.19 32.73 -38.81
N GLU L 28 -5.93 32.19 -39.76
CA GLU L 28 -5.34 31.96 -41.07
C GLU L 28 -5.36 33.20 -41.98
N LYS L 29 -6.44 33.96 -41.92
CA LYS L 29 -6.49 35.21 -42.69
C LYS L 29 -5.68 36.28 -41.95
N ALA L 30 -4.93 35.85 -40.93
CA ALA L 30 -4.09 36.77 -40.19
C ALA L 30 -2.63 36.47 -40.43
N GLY L 31 -2.34 35.42 -41.23
CA GLY L 31 -0.97 34.98 -41.53
C GLY L 31 -0.47 33.86 -40.61
N LEU L 32 -1.33 33.37 -39.73
CA LEU L 32 -0.96 32.26 -38.85
C LEU L 32 -1.34 30.92 -39.48
N LYS L 33 -0.43 29.97 -39.37
CA LYS L 33 -0.60 28.67 -39.93
C LYS L 33 -0.83 27.71 -38.80
N ILE L 34 -1.78 26.81 -39.01
CA ILE L 34 -2.05 25.72 -38.08
C ILE L 34 -1.07 24.59 -38.38
N VAL L 35 -0.12 24.37 -37.47
CA VAL L 35 0.91 23.38 -37.67
C VAL L 35 0.79 22.15 -36.77
N ALA L 36 -0.25 22.10 -35.93
CA ALA L 36 -0.60 20.89 -35.14
C ALA L 36 -1.98 21.07 -34.56
N ALA L 37 -2.72 20.00 -34.43
CA ALA L 37 -4.07 20.19 -33.88
C ALA L 37 -4.71 18.86 -33.60
N LYS L 38 -5.49 18.80 -32.53
CA LYS L 38 -6.28 17.63 -32.22
C LYS L 38 -7.42 17.93 -31.30
N MET L 39 -8.53 17.24 -31.51
CA MET L 39 -9.71 17.43 -30.71
C MET L 39 -9.69 16.35 -29.65
N LEU L 40 -9.89 16.76 -28.40
CA LEU L 40 -9.98 15.81 -27.31
C LEU L 40 -10.73 16.40 -26.15
N GLN L 41 -11.18 15.52 -25.25
CA GLN L 41 -11.76 15.98 -24.01
C GLN L 41 -10.72 15.78 -22.95
N LEU L 42 -10.27 16.89 -22.38
CA LEU L 42 -9.37 16.85 -21.26
C LEU L 42 -9.92 16.05 -20.07
N SER L 43 -9.03 15.28 -19.47
CA SER L 43 -9.25 14.69 -18.16
C SER L 43 -8.92 15.70 -17.05
N GLN L 44 -9.47 15.45 -15.85
CA GLN L 44 -9.16 16.26 -14.67
C GLN L 44 -7.66 16.47 -14.49
N GLU L 45 -6.91 15.39 -14.65
CA GLU L 45 -5.50 15.44 -14.40
C GLU L 45 -4.78 16.25 -15.48
N GLN L 46 -5.28 16.16 -16.71
CA GLN L 46 -4.72 16.91 -17.83
C GLN L 46 -4.87 18.40 -17.61
N ALA L 47 -6.10 18.83 -17.36
CA ALA L 47 -6.40 20.21 -17.03
C ALA L 47 -5.58 20.68 -15.80
N GLU L 48 -5.66 19.92 -14.72
CA GLU L 48 -4.92 20.25 -13.52
C GLU L 48 -3.44 20.31 -13.82
N GLY L 49 -2.97 19.48 -14.75
CA GLY L 49 -1.58 19.50 -15.11
C GLY L 49 -1.24 20.77 -15.87
N PHE L 50 -2.12 21.15 -16.80
CA PHE L 50 -1.91 22.30 -17.70
C PHE L 50 -1.97 23.64 -16.95
N TYR L 51 -2.87 23.71 -15.99
CA TYR L 51 -3.06 24.94 -15.25
C TYR L 51 -2.44 24.83 -13.84
N ALA L 52 -1.46 23.93 -13.70
CA ALA L 52 -0.82 23.69 -12.41
C ALA L 52 -0.37 24.99 -11.69
N GLU L 53 0.29 25.87 -12.45
CA GLU L 53 0.65 27.22 -12.05
C GLU L 53 -0.39 27.89 -11.14
N HIS L 54 -1.66 27.45 -11.22
CA HIS L 54 -2.77 28.09 -10.49
C HIS L 54 -3.49 27.18 -9.52
N LYS L 55 -2.92 26.03 -9.17
CA LYS L 55 -3.60 25.09 -8.27
C LYS L 55 -3.94 25.71 -6.92
N GLU L 56 -3.14 26.72 -6.52
CA GLU L 56 -3.34 27.52 -5.30
C GLU L 56 -4.49 28.51 -5.44
N ARG L 57 -4.68 29.05 -6.64
CA ARG L 57 -5.67 30.11 -6.86
C ARG L 57 -7.09 29.70 -6.46
N PRO L 58 -7.97 30.68 -6.20
CA PRO L 58 -9.33 30.40 -5.70
C PRO L 58 -10.39 30.20 -6.81
N PHE L 59 -9.99 29.63 -7.93
CA PHE L 59 -10.89 29.41 -9.07
C PHE L 59 -10.53 28.11 -9.80
N PHE L 60 -9.35 27.59 -9.49
CA PHE L 60 -8.85 26.35 -10.04
C PHE L 60 -9.96 25.34 -10.26
N GLY L 61 -10.76 25.09 -9.21
CA GLY L 61 -11.86 24.13 -9.26
C GLY L 61 -12.84 24.36 -10.40
N ASP L 62 -13.19 25.63 -10.63
CA ASP L 62 -14.15 25.99 -11.68
C ASP L 62 -13.49 25.94 -13.05
N LEU L 63 -12.31 26.57 -13.15
CA LEU L 63 -11.55 26.55 -14.39
C LEU L 63 -11.33 25.11 -14.88
N VAL L 64 -10.83 24.23 -14.03
CA VAL L 64 -10.66 22.84 -14.40
C VAL L 64 -12.01 22.24 -14.83
N GLY L 65 -13.04 22.53 -14.05
CA GLY L 65 -14.37 21.96 -14.27
C GLY L 65 -14.87 22.28 -15.65
N PHE L 66 -14.58 23.51 -16.07
CA PHE L 66 -15.02 24.01 -17.35
C PHE L 66 -14.19 23.45 -18.51
N MET L 67 -12.86 23.50 -18.39
CA MET L 67 -11.97 22.96 -19.42
C MET L 67 -12.09 21.46 -19.56
N THR L 68 -13.05 20.87 -18.85
CA THR L 68 -13.27 19.45 -18.98
C THR L 68 -14.77 19.24 -19.18
N SER L 69 -15.53 20.33 -19.24
CA SER L 69 -16.98 20.25 -19.46
C SER L 69 -17.34 19.64 -20.81
N GLY L 70 -16.36 19.56 -21.71
CA GLY L 70 -16.58 19.20 -23.10
C GLY L 70 -15.34 19.31 -24.00
N PRO L 71 -15.39 18.73 -25.20
CA PRO L 71 -14.20 18.56 -25.99
C PRO L 71 -13.58 19.88 -26.35
N VAL L 72 -12.26 19.95 -26.34
CA VAL L 72 -11.63 21.19 -26.77
C VAL L 72 -10.72 20.94 -27.98
N VAL L 73 -10.35 21.98 -28.71
CA VAL L 73 -9.31 21.83 -29.74
C VAL L 73 -8.03 22.44 -29.23
N VAL L 74 -7.05 21.57 -29.09
CA VAL L 74 -5.72 22.01 -28.70
C VAL L 74 -4.93 22.05 -29.97
N GLN L 75 -4.19 23.15 -30.16
CA GLN L 75 -3.44 23.38 -31.41
C GLN L 75 -2.24 24.32 -31.26
N VAL L 76 -1.37 24.25 -32.27
CA VAL L 76 -0.17 25.06 -32.36
C VAL L 76 -0.31 26.00 -33.52
N LEU L 77 -0.10 27.28 -33.26
CA LEU L 77 -0.08 28.29 -34.31
C LEU L 77 1.34 28.83 -34.51
N GLU L 78 1.73 28.97 -35.79
CA GLU L 78 3.04 29.47 -36.16
C GLU L 78 2.93 30.65 -37.12
N GLY L 79 3.88 31.58 -37.01
CA GLY L 79 3.96 32.73 -37.91
C GLY L 79 4.72 33.84 -37.28
N GLU L 80 4.66 35.02 -37.91
CA GLU L 80 5.25 36.26 -37.36
C GLU L 80 4.73 36.67 -35.97
N ASN L 81 5.61 36.58 -34.98
CA ASN L 81 5.23 36.77 -33.59
C ASN L 81 3.82 36.31 -33.23
N ALA L 82 3.64 35.00 -33.35
CA ALA L 82 2.37 34.30 -33.16
C ALA L 82 1.83 34.48 -31.75
N ILE L 83 2.71 34.37 -30.77
CA ILE L 83 2.30 34.56 -29.39
C ILE L 83 1.37 35.75 -29.22
N ALA L 84 1.82 36.92 -29.66
CA ALA L 84 1.12 38.18 -29.40
C ALA L 84 0.00 38.33 -30.42
N ALA L 85 0.29 37.98 -31.66
CA ALA L 85 -0.69 38.04 -32.74
C ALA L 85 -1.89 37.23 -32.28
N ASN L 86 -1.61 36.11 -31.60
CA ASN L 86 -2.65 35.28 -31.03
C ASN L 86 -3.51 36.04 -30.04
N ARG L 87 -2.88 36.75 -29.12
CA ARG L 87 -3.66 37.44 -28.11
C ARG L 87 -4.52 38.57 -28.69
N ASP L 88 -4.02 39.20 -29.75
CA ASP L 88 -4.73 40.27 -30.42
C ASP L 88 -5.97 39.77 -31.14
N LEU L 89 -5.84 38.73 -31.94
CA LEU L 89 -7.02 38.09 -32.52
C LEU L 89 -8.02 37.58 -31.45
N MET L 90 -7.55 37.15 -30.29
CA MET L 90 -8.48 36.66 -29.27
C MET L 90 -9.32 37.75 -28.66
N GLY L 91 -8.68 38.89 -28.42
CA GLY L 91 -9.31 40.03 -27.76
C GLY L 91 -9.25 39.90 -26.27
N ALA L 92 -9.79 40.90 -25.59
CA ALA L 92 -9.67 41.00 -24.15
C ALA L 92 -10.33 39.81 -23.39
N THR L 93 -9.80 39.51 -22.20
CA THR L 93 -10.31 38.40 -21.38
C THR L 93 -11.82 38.49 -21.19
N ASN L 94 -12.28 39.69 -20.91
CA ASN L 94 -13.70 39.95 -20.87
C ASN L 94 -14.27 40.33 -22.27
N PRO L 95 -15.22 39.52 -22.77
CA PRO L 95 -15.86 39.74 -24.09
C PRO L 95 -16.45 41.13 -24.24
N LYS L 96 -17.12 41.61 -23.20
CA LYS L 96 -17.70 42.96 -23.14
C LYS L 96 -16.70 44.05 -23.52
N GLU L 97 -15.43 43.84 -23.18
CA GLU L 97 -14.35 44.80 -23.47
C GLU L 97 -13.58 44.51 -24.78
N ALA L 98 -13.75 43.28 -25.28
CA ALA L 98 -13.00 42.78 -26.42
C ALA L 98 -13.32 43.65 -27.61
N GLU L 99 -12.30 44.19 -28.24
CA GLU L 99 -12.49 45.07 -29.41
C GLU L 99 -13.17 44.34 -30.59
N ALA L 100 -14.13 45.01 -31.24
CA ALA L 100 -14.86 44.43 -32.36
C ALA L 100 -13.92 43.77 -33.37
N GLY L 101 -14.34 42.61 -33.88
CA GLY L 101 -13.48 41.87 -34.81
C GLY L 101 -12.69 40.72 -34.21
N THR L 102 -12.49 40.74 -32.89
CA THR L 102 -11.79 39.67 -32.16
C THR L 102 -12.69 38.49 -31.88
N ILE L 103 -12.09 37.33 -31.66
CA ILE L 103 -12.81 36.11 -31.38
C ILE L 103 -13.78 36.23 -30.21
N ARG L 104 -13.29 36.68 -29.06
CA ARG L 104 -14.11 36.79 -27.86
C ARG L 104 -15.25 37.77 -27.97
N ALA L 105 -15.08 38.82 -28.76
CA ALA L 105 -16.18 39.76 -28.96
C ALA L 105 -17.29 39.02 -29.72
N ASP L 106 -16.89 38.36 -30.81
CA ASP L 106 -17.82 37.64 -31.65
C ASP L 106 -18.37 36.34 -31.09
N TYR L 107 -17.67 35.64 -30.16
CA TYR L 107 -18.03 34.26 -29.78
C TYR L 107 -18.05 33.90 -28.29
N ALA L 108 -17.51 34.78 -27.45
CA ALA L 108 -17.46 34.50 -26.04
C ALA L 108 -18.74 34.99 -25.37
N GLN L 109 -19.28 34.16 -24.47
CA GLN L 109 -20.53 34.45 -23.78
C GLN L 109 -20.27 35.24 -22.49
N SER L 110 -19.63 34.59 -21.53
CA SER L 110 -19.28 35.27 -20.30
C SER L 110 -17.78 35.35 -20.29
N ILE L 111 -17.23 35.66 -19.14
CA ILE L 111 -15.80 35.80 -18.99
C ILE L 111 -15.18 34.43 -18.70
N ASP L 112 -16.00 33.52 -18.15
CA ASP L 112 -15.55 32.15 -17.89
C ASP L 112 -15.53 31.35 -19.19
N ALA L 113 -16.37 31.76 -20.14
CA ALA L 113 -16.45 31.13 -21.43
C ALA L 113 -15.76 32.00 -22.48
N ASN L 114 -14.44 32.15 -22.37
CA ASN L 114 -13.62 32.97 -23.26
C ASN L 114 -13.41 32.45 -24.68
N ALA L 115 -14.04 31.33 -25.03
CA ALA L 115 -13.99 30.81 -26.40
C ALA L 115 -12.64 30.21 -26.74
N VAL L 116 -11.56 30.90 -26.35
CA VAL L 116 -10.17 30.56 -26.79
C VAL L 116 -9.13 30.83 -25.69
N HIS L 117 -8.01 30.11 -25.76
CA HIS L 117 -6.90 30.32 -24.87
C HIS L 117 -5.69 30.54 -25.78
N GLY L 118 -4.73 31.35 -25.33
CA GLY L 118 -3.47 31.48 -26.06
C GLY L 118 -2.40 31.70 -25.04
N SER L 119 -1.23 31.12 -25.24
CA SER L 119 -0.11 31.32 -24.32
C SER L 119 0.17 32.82 -24.13
N ASP L 120 0.49 33.22 -22.90
CA ASP L 120 0.74 34.63 -22.57
C ASP L 120 2.15 35.12 -22.84
N SER L 121 3.13 34.25 -22.88
CA SER L 121 4.51 34.67 -23.07
C SER L 121 5.30 33.63 -23.83
N PRO L 122 6.55 33.93 -24.22
CA PRO L 122 7.40 32.97 -24.97
C PRO L 122 7.75 31.72 -24.16
N GLU L 123 7.97 31.93 -22.87
CA GLU L 123 8.33 30.87 -21.96
C GLU L 123 7.07 30.04 -21.70
N SER L 124 5.94 30.70 -21.47
CA SER L 124 4.75 29.95 -21.17
C SER L 124 4.30 29.19 -22.42
N ALA L 125 4.57 29.75 -23.60
CA ALA L 125 4.22 29.11 -24.88
C ALA L 125 4.95 27.81 -25.02
N ALA L 126 6.26 27.84 -24.74
CA ALA L 126 7.14 26.66 -24.80
C ALA L 126 6.60 25.50 -23.96
N ARG L 127 6.23 25.82 -22.72
CA ARG L 127 5.68 24.86 -21.76
C ARG L 127 4.31 24.27 -22.23
N GLU L 128 3.39 25.15 -22.60
CA GLU L 128 2.03 24.75 -22.98
C GLU L 128 2.05 23.86 -24.21
N ILE L 129 2.80 24.30 -25.20
CA ILE L 129 2.94 23.50 -26.40
C ILE L 129 3.49 22.14 -26.02
N ALA L 130 4.50 22.16 -25.16
CA ALA L 130 5.14 20.92 -24.73
C ALA L 130 4.20 20.00 -23.96
N TYR L 131 3.20 20.58 -23.32
CA TYR L 131 2.28 19.84 -22.51
C TYR L 131 1.30 19.03 -23.36
N PHE L 132 0.93 19.58 -24.51
CA PHE L 132 -0.07 18.93 -25.35
C PHE L 132 0.49 18.22 -26.59
N PHE L 133 1.68 18.61 -27.04
CA PHE L 133 2.23 18.01 -28.27
C PHE L 133 3.67 17.53 -28.17
N ALA L 134 3.92 16.41 -28.82
CA ALA L 134 5.27 15.96 -29.04
C ALA L 134 5.80 16.64 -30.30
N GLU L 135 7.08 17.01 -30.26
CA GLU L 135 7.72 17.75 -31.36
C GLU L 135 7.46 17.17 -32.73
N SER L 136 7.36 15.85 -32.78
CA SER L 136 7.10 15.11 -34.00
C SER L 136 5.66 15.34 -34.45
N GLU L 137 4.71 15.47 -33.52
CA GLU L 137 3.31 15.76 -33.87
C GLU L 137 3.19 17.09 -34.58
N ILE L 138 4.17 18.00 -34.37
CA ILE L 138 4.16 19.33 -35.02
C ILE L 138 4.77 19.30 -36.43
N CYS L 139 4.12 20.01 -37.35
CA CYS L 139 4.52 19.99 -38.76
C CYS L 139 4.64 21.39 -39.26
N SER L 140 5.70 22.05 -38.78
CA SER L 140 5.99 23.47 -39.09
C SER L 140 6.13 23.60 -40.57
N ARG L 141 5.20 24.29 -41.23
CA ARG L 141 5.32 24.59 -42.67
C ARG L 141 5.29 26.12 -42.90
N ALA M 2 -1.50 -30.50 2.35
CA ALA M 2 -0.20 -30.86 3.00
C ALA M 2 1.00 -30.66 2.05
N THR M 3 2.14 -30.26 2.60
CA THR M 3 3.38 -30.02 1.83
C THR M 3 3.98 -31.35 1.39
N GLU M 4 4.35 -31.43 0.11
CA GLU M 4 4.73 -32.70 -0.47
C GLU M 4 6.09 -32.62 -1.11
N ARG M 5 6.61 -33.80 -1.44
CA ARG M 5 7.83 -33.95 -2.22
C ARG M 5 7.51 -34.66 -3.55
N THR M 6 7.91 -34.03 -4.65
CA THR M 6 7.77 -34.62 -5.97
C THR M 6 9.06 -34.55 -6.87
N LEU M 7 9.19 -35.53 -7.76
CA LEU M 7 10.33 -35.62 -8.68
C LEU M 7 10.05 -34.88 -9.94
N SER M 8 10.98 -34.04 -10.35
CA SER M 8 10.78 -33.16 -11.48
C SER M 8 11.98 -33.32 -12.33
N ILE M 9 11.81 -33.66 -13.59
CA ILE M 9 12.94 -33.77 -14.48
C ILE M 9 12.79 -32.76 -15.58
N ILE M 10 13.88 -32.10 -15.91
CA ILE M 10 13.95 -31.22 -17.05
C ILE M 10 14.60 -32.01 -18.20
N LYS M 11 13.78 -32.46 -19.14
CA LYS M 11 14.23 -33.41 -20.14
C LYS M 11 15.28 -32.83 -21.07
N PRO M 12 15.99 -33.68 -21.80
CA PRO M 12 17.09 -33.23 -22.63
C PRO M 12 16.74 -32.12 -23.60
N ASP M 13 15.55 -32.20 -24.20
CA ASP M 13 15.11 -31.17 -25.14
C ASP M 13 15.12 -29.75 -24.56
N ALA M 14 14.67 -29.62 -23.32
CA ALA M 14 14.64 -28.36 -22.68
C ALA M 14 16.04 -27.93 -22.25
N VAL M 15 16.81 -28.81 -21.59
CA VAL M 15 18.16 -28.43 -21.17
C VAL M 15 19.00 -28.03 -22.38
N ALA M 16 18.81 -28.77 -23.48
CA ALA M 16 19.38 -28.42 -24.78
C ALA M 16 19.06 -26.99 -25.21
N LYS M 17 17.84 -26.52 -24.94
CA LYS M 17 17.40 -25.15 -25.30
C LYS M 17 18.01 -24.01 -24.42
N ASN M 18 18.77 -24.40 -23.38
CA ASN M 18 19.28 -23.46 -22.40
C ASN M 18 18.17 -22.57 -21.88
N VAL M 19 17.11 -23.23 -21.41
CA VAL M 19 15.97 -22.56 -20.84
C VAL M 19 15.74 -23.11 -19.41
N ILE M 20 16.81 -23.56 -18.77
CA ILE M 20 16.74 -24.19 -17.45
C ILE M 20 16.20 -23.22 -16.41
N GLY M 21 16.60 -21.95 -16.54
CA GLY M 21 16.23 -20.93 -15.57
C GLY M 21 14.75 -20.70 -15.61
N GLU M 22 14.28 -20.36 -16.81
CA GLU M 22 12.86 -20.12 -17.08
C GLU M 22 11.95 -21.22 -16.50
N ILE M 23 12.25 -22.47 -16.83
CA ILE M 23 11.52 -23.58 -16.28
C ILE M 23 11.72 -23.66 -14.75
N GLU M 24 12.92 -23.39 -14.27
CA GLU M 24 13.12 -23.44 -12.84
C GLU M 24 12.34 -22.27 -12.21
N SER M 25 12.34 -21.10 -12.88
CA SER M 25 11.56 -19.94 -12.38
C SER M 25 10.08 -20.25 -12.12
N ARG M 26 9.40 -20.80 -13.14
CA ARG M 26 7.99 -21.16 -13.00
C ARG M 26 7.73 -21.84 -11.66
N PHE M 27 8.52 -22.87 -11.38
CA PHE M 27 8.30 -23.69 -10.21
C PHE M 27 8.41 -22.84 -8.97
N GLU M 28 9.43 -21.97 -8.92
CA GLU M 28 9.74 -21.25 -7.69
C GLU M 28 8.63 -20.23 -7.37
N LYS M 29 8.19 -19.48 -8.39
CA LYS M 29 7.08 -18.55 -8.24
C LYS M 29 5.87 -19.19 -7.56
N ALA M 30 5.36 -20.27 -8.17
CA ALA M 30 4.23 -21.05 -7.65
C ALA M 30 4.50 -21.50 -6.20
N GLY M 31 5.69 -21.16 -5.70
CA GLY M 31 6.06 -21.46 -4.33
C GLY M 31 6.53 -22.88 -4.14
N LEU M 32 6.93 -23.52 -5.26
CA LEU M 32 7.60 -24.80 -5.14
C LEU M 32 9.11 -24.62 -4.80
N LYS M 33 9.57 -25.32 -3.77
CA LYS M 33 10.99 -25.24 -3.42
C LYS M 33 11.82 -26.39 -4.01
N ILE M 34 12.90 -26.02 -4.72
CA ILE M 34 13.94 -26.96 -5.17
C ILE M 34 14.85 -27.30 -4.00
N VAL M 35 14.65 -28.47 -3.40
CA VAL M 35 15.39 -28.91 -2.22
C VAL M 35 16.45 -29.98 -2.56
N ALA M 36 16.58 -30.30 -3.85
CA ALA M 36 17.54 -31.29 -4.37
C ALA M 36 17.60 -31.20 -5.88
N ALA M 37 18.80 -31.26 -6.44
CA ALA M 37 18.92 -31.20 -7.86
C ALA M 37 20.29 -31.59 -8.21
N LYS M 38 20.48 -32.03 -9.46
CA LYS M 38 21.76 -32.37 -10.02
C LYS M 38 21.58 -32.71 -11.47
N MET M 39 22.54 -32.28 -12.28
CA MET M 39 22.53 -32.54 -13.68
C MET M 39 23.31 -33.81 -13.95
N LEU M 40 22.70 -34.73 -14.71
CA LEU M 40 23.38 -35.93 -15.14
C LEU M 40 22.94 -36.40 -16.51
N GLN M 41 23.81 -37.20 -17.14
CA GLN M 41 23.54 -37.85 -18.41
C GLN M 41 23.08 -39.30 -18.19
N LEU M 42 21.78 -39.53 -18.23
CA LEU M 42 21.28 -40.88 -17.89
C LEU M 42 21.90 -41.97 -18.78
N SER M 43 22.37 -43.03 -18.13
CA SER M 43 22.84 -44.19 -18.85
C SER M 43 21.62 -44.97 -19.31
N GLN M 44 21.80 -45.75 -20.37
CA GLN M 44 20.71 -46.55 -20.92
C GLN M 44 20.03 -47.40 -19.86
N GLU M 45 20.82 -48.01 -19.00
CA GLU M 45 20.31 -48.84 -17.91
C GLU M 45 19.61 -48.01 -16.82
N GLN M 46 20.10 -46.80 -16.53
CA GLN M 46 19.36 -45.89 -15.61
C GLN M 46 17.98 -45.51 -16.13
N ALA M 47 17.90 -45.08 -17.38
CA ALA M 47 16.62 -44.67 -17.93
C ALA M 47 15.65 -45.86 -17.86
N GLU M 48 16.17 -47.02 -18.27
CA GLU M 48 15.42 -48.27 -18.28
C GLU M 48 14.88 -48.58 -16.91
N GLY M 49 15.76 -48.61 -15.92
CA GLY M 49 15.32 -48.86 -14.55
C GLY M 49 14.27 -47.86 -14.05
N PHE M 50 14.31 -46.62 -14.55
CA PHE M 50 13.39 -45.56 -14.14
C PHE M 50 12.03 -45.80 -14.73
N TYR M 51 12.01 -46.26 -15.97
CA TYR M 51 10.76 -46.58 -16.66
C TYR M 51 10.44 -48.06 -16.61
N ALA M 52 11.01 -48.77 -15.63
CA ALA M 52 10.84 -50.21 -15.51
C ALA M 52 9.37 -50.68 -15.69
N GLU M 53 8.41 -50.00 -15.06
CA GLU M 53 6.99 -50.37 -15.25
C GLU M 53 6.50 -50.38 -16.70
N HIS M 54 7.26 -49.79 -17.62
CA HIS M 54 6.95 -49.88 -19.05
C HIS M 54 8.01 -50.68 -19.88
N LYS M 55 8.83 -51.51 -19.22
CA LYS M 55 9.85 -52.28 -19.94
C LYS M 55 9.24 -53.09 -21.08
N GLU M 56 7.98 -53.49 -20.93
CA GLU M 56 7.32 -54.34 -21.94
C GLU M 56 6.47 -53.55 -22.97
N ARG M 57 6.09 -52.32 -22.62
CA ARG M 57 5.28 -51.47 -23.50
C ARG M 57 6.02 -51.06 -24.78
N PRO M 58 5.26 -50.82 -25.87
CA PRO M 58 5.87 -50.63 -27.20
C PRO M 58 6.67 -49.33 -27.37
N PHE M 59 6.26 -48.27 -26.67
CA PHE M 59 6.92 -46.95 -26.72
C PHE M 59 8.23 -46.81 -25.90
N PHE M 60 8.44 -47.74 -24.95
CA PHE M 60 9.57 -47.73 -24.01
C PHE M 60 10.89 -47.54 -24.71
N GLY M 61 11.05 -48.17 -25.87
CA GLY M 61 12.30 -48.10 -26.61
C GLY M 61 12.67 -46.68 -26.96
N ASP M 62 11.71 -45.94 -27.53
CA ASP M 62 11.93 -44.56 -27.94
C ASP M 62 12.05 -43.60 -26.77
N LEU M 63 11.31 -43.89 -25.70
CA LEU M 63 11.39 -43.11 -24.49
C LEU M 63 12.80 -43.19 -23.91
N VAL M 64 13.32 -44.38 -23.77
CA VAL M 64 14.67 -44.60 -23.28
C VAL M 64 15.72 -43.89 -24.14
N GLY M 65 15.46 -43.81 -25.44
CA GLY M 65 16.40 -43.19 -26.39
C GLY M 65 16.49 -41.69 -26.21
N PHE M 66 15.32 -41.05 -26.19
CA PHE M 66 15.21 -39.62 -25.96
C PHE M 66 15.75 -39.19 -24.61
N MET M 67 15.32 -39.89 -23.55
CA MET M 67 15.77 -39.57 -22.20
C MET M 67 17.27 -39.80 -22.01
N THR M 68 17.95 -40.23 -23.05
CA THR M 68 19.40 -40.45 -23.04
C THR M 68 20.11 -39.60 -24.12
N SER M 69 19.29 -38.95 -24.96
CA SER M 69 19.78 -38.12 -26.06
C SER M 69 20.74 -37.03 -25.60
N GLY M 70 20.61 -36.64 -24.32
CA GLY M 70 21.33 -35.54 -23.74
C GLY M 70 21.34 -35.45 -22.22
N PRO M 71 22.11 -34.49 -21.68
CA PRO M 71 22.06 -34.33 -20.23
C PRO M 71 20.68 -33.86 -19.76
N VAL M 72 20.24 -34.25 -18.55
CA VAL M 72 18.96 -33.77 -17.99
C VAL M 72 19.25 -33.23 -16.61
N VAL M 73 18.22 -32.65 -15.96
CA VAL M 73 18.34 -32.16 -14.60
C VAL M 73 17.28 -32.88 -13.78
N VAL M 74 17.70 -33.82 -12.95
CA VAL M 74 16.75 -34.46 -12.08
C VAL M 74 16.68 -33.64 -10.76
N GLN M 75 15.48 -33.40 -10.24
CA GLN M 75 15.31 -32.64 -8.99
C GLN M 75 14.12 -33.06 -8.18
N VAL M 76 14.15 -32.60 -6.93
CA VAL M 76 13.05 -32.76 -5.99
C VAL M 76 12.47 -31.38 -5.70
N LEU M 77 11.15 -31.29 -5.85
CA LEU M 77 10.39 -30.08 -5.64
C LEU M 77 9.48 -30.31 -4.47
N GLU M 78 9.48 -29.34 -3.55
CA GLU M 78 8.81 -29.40 -2.23
C GLU M 78 7.94 -28.15 -2.04
N GLY M 79 6.70 -28.39 -1.65
CA GLY M 79 5.71 -27.32 -1.62
C GLY M 79 4.35 -27.83 -1.18
N GLU M 80 3.43 -26.88 -1.03
CA GLU M 80 2.03 -27.17 -0.73
C GLU M 80 1.38 -27.84 -1.96
N ASN M 81 1.04 -29.12 -1.82
CA ASN M 81 0.61 -29.92 -2.95
C ASN M 81 1.54 -29.80 -4.14
N ALA M 82 2.79 -30.25 -3.97
CA ALA M 82 3.81 -30.11 -4.98
C ALA M 82 3.58 -31.11 -6.12
N ILE M 83 3.12 -32.29 -5.75
CA ILE M 83 2.86 -33.32 -6.73
C ILE M 83 1.89 -32.80 -7.79
N ALA M 84 0.78 -32.21 -7.36
CA ALA M 84 -0.23 -31.75 -8.31
C ALA M 84 0.13 -30.40 -8.92
N ALA M 85 0.72 -29.53 -8.09
CA ALA M 85 1.15 -28.19 -8.53
C ALA M 85 2.08 -28.33 -9.72
N ASN M 86 2.98 -29.32 -9.63
CA ASN M 86 3.94 -29.64 -10.69
C ASN M 86 3.18 -30.00 -11.97
N ARG M 87 2.29 -30.98 -11.87
CA ARG M 87 1.46 -31.39 -12.99
C ARG M 87 0.75 -30.19 -13.66
N ASP M 88 0.06 -29.37 -12.85
CA ASP M 88 -0.65 -28.19 -13.35
C ASP M 88 0.30 -27.19 -14.00
N LEU M 89 1.53 -27.11 -13.50
CA LEU M 89 2.52 -26.23 -14.12
C LEU M 89 3.02 -26.72 -15.45
N MET M 90 3.19 -28.03 -15.53
CA MET M 90 3.78 -28.64 -16.70
C MET M 90 2.84 -28.61 -17.90
N GLY M 91 1.55 -28.87 -17.62
CA GLY M 91 0.50 -28.96 -18.64
C GLY M 91 0.21 -30.40 -19.02
N ALA M 92 -0.75 -30.62 -19.90
CA ALA M 92 -1.00 -31.94 -20.44
C ALA M 92 0.27 -32.59 -20.97
N THR M 93 0.35 -33.91 -20.90
CA THR M 93 1.50 -34.66 -21.46
C THR M 93 1.77 -34.27 -22.90
N ASN M 94 0.72 -34.27 -23.70
CA ASN M 94 0.86 -33.79 -25.08
C ASN M 94 0.84 -32.27 -25.12
N PRO M 95 1.97 -31.63 -25.48
CA PRO M 95 1.99 -30.16 -25.56
C PRO M 95 0.84 -29.58 -26.40
N LYS M 96 0.44 -30.27 -27.45
CA LYS M 96 -0.64 -29.79 -28.31
C LYS M 96 -1.97 -29.62 -27.56
N GLU M 97 -2.05 -30.22 -26.37
CA GLU M 97 -3.24 -30.10 -25.53
C GLU M 97 -2.97 -29.19 -24.37
N ALA M 98 -1.69 -28.97 -24.05
CA ALA M 98 -1.33 -28.17 -22.89
C ALA M 98 -1.76 -26.73 -23.08
N GLU M 99 -2.28 -26.16 -22.01
CA GLU M 99 -2.88 -24.86 -22.09
C GLU M 99 -1.75 -23.86 -22.15
N ALA M 100 -1.84 -22.86 -23.03
CA ALA M 100 -0.85 -21.78 -23.03
C ALA M 100 -0.56 -21.36 -21.58
N GLY M 101 0.67 -20.94 -21.30
CA GLY M 101 1.03 -20.59 -19.94
C GLY M 101 1.83 -21.67 -19.23
N THR M 102 1.44 -22.93 -19.47
CA THR M 102 2.14 -24.09 -18.91
C THR M 102 3.56 -24.29 -19.53
N ILE M 103 4.36 -25.16 -18.89
CA ILE M 103 5.75 -25.38 -19.33
C ILE M 103 5.75 -26.16 -20.62
N ARG M 104 4.81 -27.09 -20.79
CA ARG M 104 4.83 -27.92 -21.99
C ARG M 104 4.34 -27.14 -23.18
N ALA M 105 3.35 -26.28 -22.98
CA ALA M 105 2.83 -25.51 -24.13
C ALA M 105 3.87 -24.51 -24.66
N ASP M 106 4.51 -23.79 -23.71
CA ASP M 106 5.54 -22.78 -24.04
C ASP M 106 6.88 -23.36 -24.56
N TYR M 107 7.20 -24.62 -24.30
CA TYR M 107 8.55 -25.11 -24.61
C TYR M 107 8.61 -26.46 -25.27
N ALA M 108 7.49 -27.17 -25.32
CA ALA M 108 7.55 -28.54 -25.78
C ALA M 108 7.24 -28.65 -27.24
N GLN M 109 8.02 -29.52 -27.90
CA GLN M 109 7.87 -29.85 -29.33
C GLN M 109 6.63 -30.70 -29.52
N SER M 110 6.85 -32.01 -29.39
CA SER M 110 5.85 -33.03 -29.54
C SER M 110 5.58 -33.68 -28.19
N ILE M 111 4.90 -34.82 -28.19
CA ILE M 111 4.72 -35.59 -26.99
C ILE M 111 5.98 -36.42 -26.64
N ASP M 112 6.83 -36.66 -27.63
CA ASP M 112 8.10 -37.35 -27.42
C ASP M 112 9.09 -36.45 -26.68
N ALA M 113 9.16 -35.18 -27.07
CA ALA M 113 10.01 -34.19 -26.42
C ALA M 113 9.18 -33.12 -25.67
N ASN M 114 8.69 -33.45 -24.49
CA ASN M 114 7.76 -32.58 -23.78
C ASN M 114 8.37 -31.81 -22.59
N ALA M 115 9.60 -31.34 -22.81
CA ALA M 115 10.37 -30.50 -21.89
C ALA M 115 10.58 -30.95 -20.43
N VAL M 116 9.50 -31.32 -19.73
CA VAL M 116 9.59 -31.72 -18.33
C VAL M 116 8.89 -33.04 -17.93
N HIS M 117 9.33 -33.58 -16.79
CA HIS M 117 8.70 -34.71 -16.17
C HIS M 117 8.25 -34.34 -14.76
N GLY M 118 7.19 -34.99 -14.28
CA GLY M 118 6.76 -34.84 -12.87
C GLY M 118 6.11 -36.13 -12.39
N SER M 119 6.24 -36.47 -11.11
CA SER M 119 5.61 -37.69 -10.62
C SER M 119 4.10 -37.55 -10.78
N ASP M 120 3.47 -38.67 -11.11
CA ASP M 120 2.06 -38.69 -11.44
C ASP M 120 1.15 -39.11 -10.26
N SER M 121 1.71 -39.21 -9.04
CA SER M 121 1.01 -39.74 -7.82
C SER M 121 1.90 -39.91 -6.58
N PRO M 122 1.36 -39.66 -5.37
CA PRO M 122 2.07 -39.71 -4.07
C PRO M 122 3.07 -40.87 -3.90
N GLU M 123 2.65 -42.08 -4.31
CA GLU M 123 3.52 -43.26 -4.29
C GLU M 123 4.60 -43.20 -5.37
N SER M 124 4.23 -42.90 -6.61
CA SER M 124 5.25 -42.86 -7.68
C SER M 124 6.22 -41.71 -7.44
N ALA M 125 5.79 -40.67 -6.73
CA ALA M 125 6.73 -39.65 -6.24
C ALA M 125 7.73 -40.24 -5.26
N ALA M 126 7.35 -41.34 -4.64
CA ALA M 126 8.17 -41.97 -3.62
C ALA M 126 9.22 -42.81 -4.33
N ARG M 127 8.75 -43.71 -5.20
CA ARG M 127 9.64 -44.58 -5.93
C ARG M 127 10.64 -43.77 -6.70
N GLU M 128 10.19 -42.67 -7.28
CA GLU M 128 11.02 -41.88 -8.17
C GLU M 128 12.04 -41.09 -7.38
N ILE M 129 11.61 -40.39 -6.33
CA ILE M 129 12.56 -39.58 -5.55
C ILE M 129 13.72 -40.46 -5.05
N ALA M 130 13.40 -41.71 -4.73
CA ALA M 130 14.35 -42.68 -4.19
C ALA M 130 15.32 -43.19 -5.24
N TYR M 131 14.84 -43.30 -6.47
CA TYR M 131 15.64 -43.80 -7.55
C TYR M 131 16.83 -42.87 -7.81
N PHE M 132 16.60 -41.58 -7.91
CA PHE M 132 17.72 -40.70 -8.19
C PHE M 132 18.43 -40.14 -6.97
N PHE M 133 17.71 -39.90 -5.87
CA PHE M 133 18.31 -39.32 -4.68
C PHE M 133 18.26 -40.23 -3.45
N ALA M 134 19.09 -39.91 -2.46
CA ALA M 134 19.03 -40.54 -1.13
C ALA M 134 18.60 -39.50 -0.09
N GLU M 135 17.82 -39.93 0.90
CA GLU M 135 17.29 -38.98 1.90
C GLU M 135 18.29 -37.91 2.38
N SER M 136 19.56 -38.30 2.50
CA SER M 136 20.62 -37.37 2.93
C SER M 136 20.89 -36.32 1.89
N GLU M 137 20.59 -36.62 0.62
CA GLU M 137 20.88 -35.72 -0.51
C GLU M 137 19.88 -34.56 -0.55
N ILE M 138 18.69 -34.84 -0.03
CA ILE M 138 17.58 -33.90 -0.10
C ILE M 138 17.61 -32.85 1.02
N CYS M 139 18.21 -31.71 0.70
CA CYS M 139 18.35 -30.62 1.66
C CYS M 139 17.01 -29.94 1.94
N SER M 140 16.22 -30.51 2.85
CA SER M 140 14.92 -29.93 3.24
C SER M 140 15.07 -28.60 3.99
N ARG M 141 14.76 -27.49 3.32
CA ARG M 141 14.81 -26.14 3.92
C ARG M 141 13.42 -25.50 4.01
N ALA N 2 37.19 -19.47 -28.61
CA ALA N 2 37.88 -19.61 -27.31
C ALA N 2 36.87 -19.93 -26.20
N THR N 3 36.18 -21.06 -26.37
CA THR N 3 35.18 -21.54 -25.40
C THR N 3 35.83 -21.94 -24.07
N GLU N 4 35.33 -21.44 -22.95
CA GLU N 4 35.99 -21.73 -21.67
C GLU N 4 35.14 -22.60 -20.74
N ARG N 5 35.38 -22.47 -19.43
CA ARG N 5 34.67 -23.20 -18.36
C ARG N 5 34.97 -22.54 -17.01
N THR N 6 33.94 -22.21 -16.24
CA THR N 6 34.14 -21.58 -14.95
C THR N 6 33.14 -22.14 -13.96
N LEU N 7 33.47 -22.03 -12.68
CA LEU N 7 32.60 -22.52 -11.64
C LEU N 7 31.77 -21.35 -11.14
N SER N 8 30.54 -21.66 -10.76
CA SER N 8 29.57 -20.66 -10.36
C SER N 8 28.78 -21.30 -9.29
N ILE N 9 28.65 -20.62 -8.17
CA ILE N 9 27.84 -21.11 -7.07
C ILE N 9 26.71 -20.13 -6.84
N ILE N 10 25.60 -20.67 -6.33
CA ILE N 10 24.47 -19.90 -5.86
C ILE N 10 24.44 -20.05 -4.37
N LYS N 11 24.95 -19.02 -3.69
CA LYS N 11 25.11 -19.02 -2.25
C LYS N 11 23.76 -19.13 -1.59
N PRO N 12 23.67 -19.70 -0.35
CA PRO N 12 22.33 -19.99 0.24
C PRO N 12 21.46 -18.74 0.38
N ASP N 13 22.09 -17.57 0.19
CA ASP N 13 21.41 -16.29 0.09
C ASP N 13 20.39 -16.27 -1.08
N ALA N 14 20.87 -16.44 -2.32
CA ALA N 14 20.01 -16.53 -3.51
C ALA N 14 19.09 -17.74 -3.42
N VAL N 15 19.57 -18.79 -2.77
CA VAL N 15 18.84 -20.02 -2.68
C VAL N 15 17.57 -19.75 -1.91
N ALA N 16 17.68 -19.27 -0.68
CA ALA N 16 16.50 -19.04 0.18
C ALA N 16 15.49 -18.08 -0.47
N LYS N 17 15.99 -17.10 -1.23
CA LYS N 17 15.16 -16.23 -2.03
C LYS N 17 14.52 -16.92 -3.26
N ASN N 18 14.89 -18.19 -3.53
CA ASN N 18 14.34 -18.97 -4.65
C ASN N 18 14.32 -18.20 -5.94
N VAL N 19 15.44 -17.59 -6.23
CA VAL N 19 15.56 -16.89 -7.49
C VAL N 19 16.53 -17.65 -8.37
N ILE N 20 16.70 -18.93 -8.06
CA ILE N 20 17.66 -19.77 -8.77
C ILE N 20 17.46 -19.63 -10.27
N GLY N 21 16.23 -19.81 -10.76
CA GLY N 21 15.92 -19.80 -12.18
C GLY N 21 16.18 -18.45 -12.84
N GLU N 22 15.68 -17.39 -12.21
CA GLU N 22 16.01 -16.01 -12.61
C GLU N 22 17.51 -15.87 -12.82
N ILE N 23 18.27 -16.08 -11.76
CA ILE N 23 19.73 -16.10 -11.80
C ILE N 23 20.27 -17.01 -12.94
N GLU N 24 20.00 -18.30 -12.80
CA GLU N 24 20.32 -19.28 -13.79
C GLU N 24 20.09 -18.78 -15.22
N SER N 25 18.89 -18.28 -15.48
CA SER N 25 18.52 -17.81 -16.82
C SER N 25 19.49 -16.74 -17.29
N ARG N 26 19.89 -15.85 -16.38
CA ARG N 26 20.88 -14.83 -16.76
C ARG N 26 22.11 -15.43 -17.45
N PHE N 27 22.60 -16.57 -16.91
CA PHE N 27 23.75 -17.26 -17.46
C PHE N 27 23.40 -17.76 -18.81
N GLU N 28 22.26 -18.42 -18.93
CA GLU N 28 21.86 -18.99 -20.21
C GLU N 28 21.64 -17.90 -21.24
N LYS N 29 20.95 -16.85 -20.80
CA LYS N 29 20.65 -15.65 -21.59
C LYS N 29 21.88 -15.00 -22.19
N ALA N 30 22.91 -14.86 -21.35
CA ALA N 30 24.18 -14.29 -21.76
C ALA N 30 24.83 -15.15 -22.80
N GLY N 31 24.46 -16.44 -22.83
CA GLY N 31 25.06 -17.43 -23.75
C GLY N 31 25.96 -18.48 -23.08
N LEU N 32 25.79 -18.67 -21.76
CA LEU N 32 26.57 -19.66 -20.99
C LEU N 32 25.75 -20.90 -20.66
N LYS N 33 26.19 -22.08 -21.11
CA LYS N 33 25.49 -23.34 -20.84
C LYS N 33 25.85 -23.93 -19.48
N ILE N 34 24.86 -24.41 -18.75
CA ILE N 34 25.10 -25.05 -17.48
C ILE N 34 25.57 -26.46 -17.78
N VAL N 35 26.87 -26.73 -17.67
CA VAL N 35 27.37 -28.06 -18.09
C VAL N 35 27.38 -29.08 -16.96
N ALA N 36 27.21 -28.60 -15.74
CA ALA N 36 27.08 -29.44 -14.56
C ALA N 36 26.54 -28.62 -13.44
N ALA N 37 25.92 -29.26 -12.47
CA ALA N 37 25.29 -28.54 -11.40
C ALA N 37 24.80 -29.56 -10.45
N LYS N 38 24.80 -29.21 -9.17
CA LYS N 38 24.15 -29.97 -8.09
C LYS N 38 23.89 -29.12 -6.85
N MET N 39 22.85 -29.48 -6.12
CA MET N 39 22.53 -28.82 -4.86
C MET N 39 22.85 -29.71 -3.68
N LEU N 40 23.58 -29.08 -2.76
CA LEU N 40 24.06 -29.76 -1.55
C LEU N 40 24.33 -28.75 -0.44
N GLN N 41 24.19 -29.25 0.79
CA GLN N 41 24.66 -28.56 1.98
C GLN N 41 26.20 -28.74 2.19
N LEU N 42 26.96 -27.67 1.95
CA LEU N 42 28.43 -27.68 2.12
C LEU N 42 28.79 -27.86 3.59
N SER N 43 29.48 -28.97 3.89
CA SER N 43 29.90 -29.28 5.27
C SER N 43 31.00 -28.34 5.84
N GLN N 44 31.49 -28.72 7.03
CA GLN N 44 32.62 -28.05 7.69
C GLN N 44 33.84 -28.09 6.76
N GLU N 45 34.47 -29.28 6.70
CA GLU N 45 35.56 -29.57 5.78
C GLU N 45 35.45 -28.82 4.42
N GLN N 46 34.40 -29.17 3.66
CA GLN N 46 34.13 -28.66 2.30
C GLN N 46 34.38 -27.18 2.15
N ALA N 47 33.76 -26.40 3.02
CA ALA N 47 33.77 -24.94 2.93
C ALA N 47 35.19 -24.39 3.04
N GLU N 48 35.92 -24.94 4.00
CA GLU N 48 37.26 -24.44 4.31
C GLU N 48 38.19 -24.87 3.20
N GLY N 49 38.15 -26.17 2.90
CA GLY N 49 38.89 -26.73 1.78
C GLY N 49 38.74 -26.05 0.42
N PHE N 50 37.78 -25.12 0.27
CA PHE N 50 37.52 -24.47 -1.02
C PHE N 50 37.94 -23.00 -1.07
N SER N 69 26.50 -23.06 5.87
CA SER N 69 25.44 -22.11 6.24
C SER N 69 24.05 -22.67 5.91
N GLY N 70 23.75 -22.71 4.59
CA GLY N 70 22.50 -23.25 4.00
C GLY N 70 22.76 -24.01 2.70
N PRO N 71 21.72 -24.63 2.11
CA PRO N 71 21.98 -25.34 0.84
C PRO N 71 22.39 -24.39 -0.28
N VAL N 72 23.26 -24.85 -1.17
CA VAL N 72 23.67 -24.03 -2.31
C VAL N 72 23.54 -24.82 -3.61
N VAL N 73 23.66 -24.11 -4.73
CA VAL N 73 23.78 -24.76 -6.03
C VAL N 73 25.19 -24.55 -6.62
N VAL N 74 26.01 -25.61 -6.59
CA VAL N 74 27.31 -25.59 -7.19
C VAL N 74 27.20 -26.02 -8.66
N GLN N 75 27.87 -25.32 -9.58
CA GLN N 75 27.71 -25.62 -11.01
C GLN N 75 28.82 -25.14 -11.95
N VAL N 76 28.85 -25.64 -13.17
CA VAL N 76 29.88 -25.27 -14.13
C VAL N 76 29.27 -24.55 -15.34
N LEU N 77 29.78 -23.36 -15.68
CA LEU N 77 29.30 -22.64 -16.85
C LEU N 77 30.30 -22.71 -17.97
N GLU N 78 29.81 -22.85 -19.19
CA GLU N 78 30.66 -23.03 -20.34
C GLU N 78 30.08 -22.30 -21.52
N GLY N 79 30.93 -21.51 -22.15
CA GLY N 79 30.61 -20.81 -23.40
C GLY N 79 31.76 -19.92 -23.81
N GLU N 80 31.64 -19.29 -24.99
CA GLU N 80 32.65 -18.32 -25.47
C GLU N 80 33.16 -17.36 -24.38
N ASN N 81 34.47 -17.39 -24.10
CA ASN N 81 35.04 -16.64 -22.98
C ASN N 81 34.10 -16.63 -21.77
N ALA N 82 33.83 -17.81 -21.22
CA ALA N 82 32.92 -17.95 -20.08
C ALA N 82 33.53 -17.49 -18.76
N ILE N 83 34.86 -17.49 -18.69
CA ILE N 83 35.50 -17.15 -17.44
C ILE N 83 35.34 -15.66 -17.14
N ALA N 84 35.84 -14.84 -18.05
CA ALA N 84 35.67 -13.40 -17.93
C ALA N 84 34.18 -12.93 -17.96
N ALA N 85 33.33 -13.62 -18.74
CA ALA N 85 31.89 -13.29 -18.77
C ALA N 85 31.21 -13.43 -17.41
N ASN N 86 31.39 -14.55 -16.72
CA ASN N 86 30.65 -14.74 -15.47
C ASN N 86 30.86 -13.55 -14.55
N ARG N 87 32.04 -12.95 -14.64
CA ARG N 87 32.39 -11.85 -13.75
C ARG N 87 31.68 -10.57 -14.14
N ASP N 88 31.63 -10.31 -15.45
CA ASP N 88 30.87 -9.20 -15.99
C ASP N 88 29.42 -9.28 -15.49
N LEU N 89 28.73 -10.38 -15.80
CA LEU N 89 27.34 -10.60 -15.34
C LEU N 89 27.26 -10.48 -13.84
N MET N 90 28.33 -10.84 -13.15
CA MET N 90 28.31 -10.76 -11.72
C MET N 90 28.49 -9.34 -11.26
N GLY N 91 29.63 -8.73 -11.57
CA GLY N 91 29.92 -7.32 -11.19
C GLY N 91 30.97 -7.11 -10.08
N ALA N 92 30.55 -6.51 -8.97
CA ALA N 92 31.44 -6.27 -7.82
C ALA N 92 30.99 -6.93 -6.50
N THR N 93 31.93 -7.47 -5.73
CA THR N 93 31.60 -8.10 -4.42
C THR N 93 30.73 -7.16 -3.57
N GLU N 99 28.40 -3.60 -13.43
CA GLU N 99 27.95 -2.23 -13.19
C GLU N 99 26.60 -2.18 -12.41
N ALA N 100 25.53 -1.77 -13.10
CA ALA N 100 24.17 -1.80 -12.57
C ALA N 100 23.28 -2.50 -13.59
N GLY N 101 22.44 -3.41 -13.10
CA GLY N 101 21.63 -4.26 -13.98
C GLY N 101 22.27 -5.61 -14.20
N THR N 102 23.08 -6.04 -13.24
CA THR N 102 23.78 -7.32 -13.26
C THR N 102 23.40 -8.10 -12.01
N ILE N 103 23.79 -9.38 -11.99
CA ILE N 103 23.33 -10.35 -11.01
C ILE N 103 23.55 -9.91 -9.56
N ARG N 104 24.64 -9.19 -9.33
CA ARG N 104 24.92 -8.72 -7.99
C ARG N 104 24.27 -7.37 -7.78
N ALA N 105 24.19 -6.60 -8.86
CA ALA N 105 23.49 -5.32 -8.82
C ALA N 105 21.98 -5.50 -8.67
N ASP N 106 21.46 -6.67 -9.07
CA ASP N 106 20.01 -6.87 -9.14
C ASP N 106 19.44 -7.78 -8.06
N TYR N 107 20.28 -8.55 -7.38
CA TYR N 107 19.77 -9.56 -6.44
C TYR N 107 20.48 -9.49 -5.08
N ALA N 108 21.68 -8.89 -5.08
CA ALA N 108 22.48 -8.66 -3.86
C ALA N 108 22.01 -7.42 -3.10
N ALA N 113 27.62 -12.41 1.28
CA ALA N 113 26.34 -12.77 0.64
C ALA N 113 26.04 -11.96 -0.64
N ASN N 114 26.92 -12.09 -1.64
CA ASN N 114 26.73 -11.41 -2.94
C ASN N 114 26.00 -12.26 -3.99
N ALA N 115 25.29 -13.29 -3.51
CA ALA N 115 24.50 -14.23 -4.33
C ALA N 115 25.31 -15.28 -5.12
N VAL N 116 26.22 -14.78 -5.94
CA VAL N 116 26.94 -15.63 -6.87
C VAL N 116 28.44 -15.60 -6.71
N HIS N 117 29.02 -16.76 -6.94
CA HIS N 117 30.44 -16.92 -6.99
C HIS N 117 30.92 -17.11 -8.43
N GLY N 118 32.16 -16.71 -8.68
CA GLY N 118 32.78 -16.89 -9.98
C GLY N 118 34.20 -17.36 -9.81
N SER N 119 34.87 -17.56 -10.93
CA SER N 119 36.28 -17.87 -10.90
C SER N 119 37.05 -16.65 -11.40
N ASP N 120 38.01 -16.20 -10.58
CA ASP N 120 38.78 -14.98 -10.83
C ASP N 120 39.87 -15.14 -11.89
N SER N 121 40.15 -16.37 -12.33
CA SER N 121 41.22 -16.64 -13.31
C SER N 121 41.17 -18.06 -13.81
N PRO N 122 41.72 -18.32 -15.00
CA PRO N 122 41.79 -19.71 -15.51
C PRO N 122 42.34 -20.74 -14.50
N GLU N 123 43.30 -20.32 -13.68
CA GLU N 123 43.92 -21.17 -12.68
C GLU N 123 42.91 -21.52 -11.60
N SER N 124 42.46 -20.50 -10.86
CA SER N 124 41.41 -20.65 -9.88
C SER N 124 40.20 -21.48 -10.40
N ALA N 125 39.76 -21.22 -11.63
CA ALA N 125 38.65 -21.92 -12.25
C ALA N 125 38.89 -23.44 -12.35
N ALA N 126 40.01 -23.82 -12.96
CA ALA N 126 40.44 -25.23 -13.02
C ALA N 126 40.44 -25.92 -11.66
N ARG N 127 40.95 -25.23 -10.63
CA ARG N 127 41.05 -25.79 -9.28
C ARG N 127 39.68 -25.95 -8.61
N GLU N 128 38.83 -24.95 -8.85
CA GLU N 128 37.48 -24.89 -8.27
C GLU N 128 36.58 -25.94 -8.92
N ILE N 129 36.61 -26.01 -10.25
CA ILE N 129 35.79 -26.99 -10.93
C ILE N 129 36.14 -28.39 -10.39
N ALA N 130 37.43 -28.68 -10.36
CA ALA N 130 37.91 -29.99 -9.94
C ALA N 130 37.68 -30.23 -8.45
N TYR N 131 37.66 -29.17 -7.66
CA TYR N 131 37.24 -29.29 -6.27
C TYR N 131 35.85 -29.91 -6.10
N PHE N 132 34.88 -29.48 -6.89
CA PHE N 132 33.50 -29.93 -6.67
C PHE N 132 33.05 -30.98 -7.66
N PHE N 133 33.61 -30.94 -8.86
CA PHE N 133 33.14 -31.86 -9.86
C PHE N 133 34.22 -32.83 -10.31
N ALA N 134 33.83 -34.09 -10.54
CA ALA N 134 34.68 -35.01 -11.26
C ALA N 134 34.41 -34.74 -12.73
N GLU N 135 35.44 -34.84 -13.56
CA GLU N 135 35.22 -34.67 -15.01
C GLU N 135 34.05 -35.46 -15.56
N SER N 136 33.84 -36.68 -15.11
CA SER N 136 32.78 -37.50 -15.68
C SER N 136 31.38 -36.93 -15.34
N GLU N 137 31.37 -35.86 -14.55
CA GLU N 137 30.13 -35.18 -14.20
C GLU N 137 29.83 -33.98 -15.10
N ILE N 138 30.79 -33.57 -15.93
CA ILE N 138 30.64 -32.43 -16.80
C ILE N 138 30.22 -33.02 -18.14
N CYS N 139 29.09 -32.58 -18.70
CA CYS N 139 28.63 -33.00 -20.03
C CYS N 139 28.58 -31.81 -20.96
N SER N 140 29.66 -31.58 -21.69
CA SER N 140 29.74 -30.44 -22.61
C SER N 140 28.70 -30.56 -23.72
N ARG N 141 28.16 -29.39 -24.09
CA ARG N 141 27.15 -29.25 -25.15
C ARG N 141 27.60 -28.16 -26.15
N ALA O 2 15.53 -66.41 2.28
CA ALA O 2 15.71 -66.02 0.86
C ALA O 2 16.50 -64.69 0.82
N THR O 3 16.95 -64.31 -0.38
CA THR O 3 17.83 -63.15 -0.64
C THR O 3 17.22 -61.89 -0.05
N GLU O 4 18.05 -61.00 0.48
CA GLU O 4 17.64 -59.71 1.01
C GLU O 4 18.89 -58.84 1.15
N ARG O 5 18.73 -57.52 1.25
CA ARG O 5 19.81 -56.53 1.32
C ARG O 5 19.88 -55.97 2.74
N THR O 6 20.87 -55.11 3.02
CA THR O 6 21.03 -54.46 4.34
C THR O 6 22.17 -53.45 4.30
N LEU O 7 22.18 -52.47 5.20
CA LEU O 7 23.28 -51.51 5.22
C LEU O 7 24.45 -51.99 6.09
N SER O 8 25.63 -51.37 5.91
CA SER O 8 26.86 -51.72 6.61
C SER O 8 27.66 -50.46 6.55
N ILE O 9 28.27 -50.08 7.65
CA ILE O 9 29.18 -48.93 7.66
C ILE O 9 30.44 -49.34 8.39
N ILE O 10 31.61 -49.00 7.85
CA ILE O 10 32.85 -49.24 8.54
C ILE O 10 33.24 -47.91 9.14
N LYS O 11 33.06 -47.79 10.47
CA LYS O 11 33.34 -46.57 11.19
C LYS O 11 34.75 -46.03 11.00
N PRO O 12 35.03 -44.81 11.48
CA PRO O 12 36.32 -44.18 11.21
C PRO O 12 37.51 -44.90 11.77
N ASP O 13 37.26 -45.66 12.84
CA ASP O 13 38.31 -46.35 13.60
C ASP O 13 38.89 -47.51 12.80
N ALA O 14 38.01 -48.23 12.10
CA ALA O 14 38.38 -49.35 11.26
C ALA O 14 39.08 -48.92 9.95
N VAL O 15 38.66 -47.79 9.35
CA VAL O 15 39.32 -47.24 8.16
C VAL O 15 40.64 -46.54 8.49
N ALA O 16 40.78 -46.07 9.74
CA ALA O 16 42.06 -45.50 10.20
C ALA O 16 43.12 -46.61 10.36
N LYS O 17 42.66 -47.79 10.78
CA LYS O 17 43.52 -48.92 11.01
C LYS O 17 43.80 -49.66 9.71
N ASN O 18 43.24 -49.18 8.60
CA ASN O 18 43.48 -49.79 7.29
C ASN O 18 43.18 -51.28 7.22
N VAL O 19 41.97 -51.63 7.63
CA VAL O 19 41.53 -53.02 7.63
C VAL O 19 40.22 -53.16 6.85
N ILE O 20 40.05 -52.27 5.89
CA ILE O 20 38.89 -52.38 5.02
C ILE O 20 38.90 -53.76 4.40
N GLY O 21 40.04 -54.12 3.81
CA GLY O 21 40.17 -55.36 3.06
C GLY O 21 39.66 -56.50 3.91
N GLU O 22 40.13 -56.48 5.16
CA GLU O 22 39.89 -57.61 6.04
C GLU O 22 38.39 -57.75 6.35
N ILE O 23 37.78 -56.63 6.74
CA ILE O 23 36.35 -56.62 7.00
C ILE O 23 35.57 -57.09 5.77
N GLU O 24 35.80 -56.40 4.66
CA GLU O 24 35.11 -56.72 3.42
C GLU O 24 35.21 -58.20 3.12
N SER O 25 36.38 -58.78 3.34
CA SER O 25 36.55 -60.23 3.14
C SER O 25 35.65 -61.09 3.99
N ARG O 26 35.38 -60.65 5.22
CA ARG O 26 34.56 -61.44 6.11
C ARG O 26 33.18 -61.60 5.51
N PHE O 27 32.59 -60.48 5.10
CA PHE O 27 31.30 -60.50 4.41
C PHE O 27 31.35 -61.46 3.21
N GLU O 28 32.26 -61.17 2.29
CA GLU O 28 32.32 -61.89 1.05
C GLU O 28 32.51 -63.37 1.29
N LYS O 29 33.38 -63.78 2.20
CA LYS O 29 33.59 -65.24 2.37
C LYS O 29 32.42 -65.99 3.04
N ALA O 30 31.49 -65.22 3.61
CA ALA O 30 30.28 -65.70 4.24
C ALA O 30 29.09 -65.90 3.29
N GLY O 31 29.21 -65.49 2.03
CA GLY O 31 28.07 -65.47 1.07
C GLY O 31 27.44 -64.10 0.74
N LEU O 32 27.79 -63.08 1.51
CA LEU O 32 27.32 -61.72 1.24
C LEU O 32 28.07 -61.05 0.05
N LYS O 33 27.42 -60.09 -0.59
CA LYS O 33 27.97 -59.44 -1.79
C LYS O 33 27.81 -57.97 -1.62
N ILE O 34 28.88 -57.23 -1.87
CA ILE O 34 28.83 -55.78 -1.82
C ILE O 34 28.16 -55.33 -3.12
N VAL O 35 26.99 -54.70 -3.00
CA VAL O 35 26.24 -54.24 -4.16
C VAL O 35 26.17 -52.72 -4.29
N ALA O 36 26.57 -52.03 -3.23
CA ALA O 36 26.78 -50.60 -3.35
C ALA O 36 27.79 -50.24 -2.28
N ALA O 37 28.53 -49.16 -2.49
CA ALA O 37 29.52 -48.74 -1.54
C ALA O 37 30.14 -47.43 -1.93
N LYS O 38 30.39 -46.60 -0.94
CA LYS O 38 31.10 -45.35 -1.16
C LYS O 38 31.72 -44.87 0.14
N MET O 39 32.94 -44.36 0.01
CA MET O 39 33.65 -43.88 1.17
C MET O 39 33.36 -42.41 1.31
N LEU O 40 32.89 -41.97 2.46
CA LEU O 40 32.68 -40.56 2.64
C LEU O 40 32.95 -40.11 4.07
N GLN O 41 33.15 -38.81 4.22
CA GLN O 41 33.26 -38.22 5.56
C GLN O 41 31.90 -37.69 6.03
N LEU O 42 31.31 -38.30 7.05
CA LEU O 42 30.05 -37.76 7.56
C LEU O 42 30.12 -36.31 8.09
N SER O 43 28.98 -35.63 7.98
CA SER O 43 28.83 -34.22 8.33
C SER O 43 27.88 -34.21 9.49
N GLN O 44 27.93 -33.13 10.27
CA GLN O 44 27.17 -33.02 11.51
C GLN O 44 25.69 -33.42 11.31
N GLU O 45 25.04 -32.77 10.34
CA GLU O 45 23.64 -33.05 9.98
C GLU O 45 23.39 -34.50 9.52
N GLN O 46 24.16 -34.97 8.54
CA GLN O 46 24.04 -36.35 8.06
C GLN O 46 24.15 -37.31 9.22
N ALA O 47 25.21 -37.14 10.03
CA ALA O 47 25.43 -37.96 11.23
C ALA O 47 24.16 -37.98 12.06
N GLU O 48 23.69 -36.77 12.40
CA GLU O 48 22.45 -36.59 13.17
C GLU O 48 21.17 -37.11 12.49
N GLY O 49 21.07 -36.92 11.16
CA GLY O 49 19.93 -37.41 10.42
C GLY O 49 19.89 -38.93 10.36
N PHE O 50 21.07 -39.57 10.45
CA PHE O 50 21.13 -41.03 10.35
C PHE O 50 20.78 -41.73 11.67
N TYR O 51 21.24 -41.17 12.79
CA TYR O 51 20.99 -41.75 14.11
C TYR O 51 19.93 -40.95 14.88
N ALA O 52 18.81 -40.63 14.23
CA ALA O 52 17.76 -39.80 14.83
C ALA O 52 16.90 -40.61 15.79
N GLU O 53 16.64 -41.86 15.45
CA GLU O 53 15.82 -42.70 16.31
C GLU O 53 16.34 -42.72 17.74
N HIS O 54 17.59 -42.28 17.89
CA HIS O 54 18.32 -42.24 19.16
C HIS O 54 18.78 -40.81 19.49
N LYS O 55 18.06 -39.80 18.97
CA LYS O 55 18.47 -38.37 19.07
C LYS O 55 18.33 -37.85 20.50
N GLU O 56 17.34 -38.39 21.20
CA GLU O 56 17.11 -38.07 22.60
C GLU O 56 17.34 -39.37 23.40
N ARG O 57 18.61 -39.70 23.56
CA ARG O 57 19.06 -40.81 24.39
C ARG O 57 20.42 -40.41 24.95
N PRO O 58 20.74 -40.84 26.18
CA PRO O 58 22.05 -40.58 26.79
C PRO O 58 23.24 -41.00 25.91
N GLY O 61 24.57 -38.52 21.37
CA GLY O 61 25.43 -37.34 21.46
C GLY O 61 26.88 -37.67 21.19
N ASP O 62 27.53 -38.30 22.16
CA ASP O 62 28.95 -38.72 22.04
C ASP O 62 29.15 -39.75 20.89
N LEU O 63 28.05 -40.16 20.27
CA LEU O 63 28.10 -41.06 19.13
C LEU O 63 28.18 -40.33 17.75
N VAL O 64 27.88 -39.05 17.74
CA VAL O 64 27.88 -38.29 16.49
C VAL O 64 29.28 -37.75 16.32
N GLY O 65 29.96 -37.60 17.45
CA GLY O 65 31.36 -37.17 17.50
C GLY O 65 32.25 -38.19 16.82
N PHE O 66 31.84 -39.46 16.92
CA PHE O 66 32.59 -40.62 16.45
C PHE O 66 32.34 -41.04 14.99
N MET O 67 31.24 -40.59 14.43
CA MET O 67 30.94 -40.88 13.02
C MET O 67 31.44 -39.74 12.10
N THR O 68 31.81 -38.64 12.74
CA THR O 68 32.30 -37.46 12.04
C THR O 68 33.76 -37.29 12.33
N SER O 69 34.29 -38.19 13.15
CA SER O 69 35.71 -38.16 13.56
C SER O 69 36.65 -38.30 12.37
N GLY O 70 36.38 -39.32 11.53
CA GLY O 70 37.10 -39.56 10.27
C GLY O 70 36.29 -40.26 9.17
N PRO O 71 36.86 -40.40 7.96
CA PRO O 71 36.20 -41.10 6.84
C PRO O 71 35.47 -42.40 7.25
N VAL O 72 34.48 -42.80 6.47
CA VAL O 72 33.81 -44.07 6.67
C VAL O 72 33.49 -44.71 5.31
N VAL O 73 32.91 -45.90 5.35
CA VAL O 73 32.55 -46.60 4.15
C VAL O 73 31.17 -47.11 4.41
N VAL O 74 30.19 -46.44 3.81
CA VAL O 74 28.82 -46.91 3.85
C VAL O 74 28.67 -47.79 2.65
N GLN O 75 27.91 -48.87 2.76
CA GLN O 75 27.72 -49.83 1.69
C GLN O 75 26.48 -50.74 1.88
N VAL O 76 26.25 -51.59 0.89
CA VAL O 76 25.08 -52.44 0.90
C VAL O 76 25.50 -53.89 0.67
N LEU O 77 25.15 -54.73 1.62
CA LEU O 77 25.45 -56.11 1.51
C LEU O 77 24.14 -56.76 1.12
N GLU O 78 24.18 -57.62 0.12
CA GLU O 78 22.99 -58.26 -0.42
C GLU O 78 23.29 -59.74 -0.47
N GLY O 79 22.36 -60.55 0.01
CA GLY O 79 22.51 -62.00 -0.05
C GLY O 79 21.48 -62.71 0.79
N GLU O 80 21.63 -64.02 0.88
CA GLU O 80 20.79 -64.85 1.73
C GLU O 80 20.87 -64.41 3.20
N ASN O 81 19.74 -63.94 3.72
CA ASN O 81 19.65 -63.49 5.10
C ASN O 81 20.68 -62.43 5.40
N ALA O 82 20.96 -61.58 4.42
CA ALA O 82 21.99 -60.58 4.59
C ALA O 82 21.83 -59.82 5.89
N ILE O 83 20.60 -59.67 6.34
CA ILE O 83 20.32 -58.82 7.49
C ILE O 83 20.89 -59.45 8.76
N ALA O 84 20.44 -60.68 9.01
CA ALA O 84 20.90 -61.50 10.13
C ALA O 84 22.38 -61.92 10.03
N ALA O 85 22.80 -62.41 8.85
CA ALA O 85 24.21 -62.74 8.63
C ALA O 85 25.14 -61.56 8.93
N ASN O 86 24.77 -60.36 8.49
CA ASN O 86 25.59 -59.19 8.85
C ASN O 86 25.70 -59.07 10.38
N ARG O 87 24.62 -59.41 11.08
CA ARG O 87 24.59 -59.34 12.54
C ARG O 87 25.37 -60.49 13.16
N ASP O 88 25.17 -61.69 12.62
CA ASP O 88 26.05 -62.82 12.88
C ASP O 88 27.52 -62.44 12.59
N LEU O 89 27.76 -61.70 11.50
CA LEU O 89 29.12 -61.35 11.08
C LEU O 89 29.78 -60.33 11.96
N MET O 90 28.98 -59.44 12.54
CA MET O 90 29.52 -58.35 13.31
C MET O 90 29.78 -58.70 14.78
N GLY O 91 28.94 -59.60 15.30
CA GLY O 91 28.85 -59.86 16.76
C GLY O 91 28.24 -58.71 17.56
N ALA O 92 28.02 -58.96 18.85
CA ALA O 92 27.54 -57.95 19.80
C ALA O 92 28.11 -56.56 19.57
N THR O 93 27.26 -55.57 19.76
CA THR O 93 27.67 -54.17 19.68
C THR O 93 28.96 -53.91 20.47
N ASN O 94 28.94 -54.34 21.74
CA ASN O 94 30.11 -54.29 22.61
C ASN O 94 31.20 -55.29 22.20
N PRO O 95 32.40 -54.78 21.91
CA PRO O 95 33.50 -55.67 21.49
C PRO O 95 33.85 -56.70 22.60
N LYS O 96 33.92 -56.23 23.84
CA LYS O 96 34.25 -57.08 24.97
C LYS O 96 33.20 -58.17 25.14
N GLU O 97 31.97 -57.88 24.74
CA GLU O 97 30.90 -58.86 24.83
C GLU O 97 30.77 -59.77 23.62
N ALA O 98 31.36 -59.36 22.49
CA ALA O 98 31.32 -60.09 21.22
C ALA O 98 32.14 -61.38 21.21
N GLU O 99 31.60 -62.42 20.59
CA GLU O 99 32.30 -63.67 20.29
C GLU O 99 33.62 -63.38 19.53
N ALA O 100 34.66 -64.16 19.81
CA ALA O 100 35.92 -64.05 19.08
C ALA O 100 35.73 -64.52 17.62
N GLY O 101 36.39 -63.83 16.69
CA GLY O 101 36.27 -64.16 15.27
C GLY O 101 35.27 -63.25 14.58
N THR O 102 34.60 -62.42 15.37
CA THR O 102 33.61 -61.47 14.87
C THR O 102 34.31 -60.14 14.75
N ILE O 103 33.88 -59.32 13.81
CA ILE O 103 34.54 -58.05 13.50
C ILE O 103 34.65 -57.18 14.74
N ARG O 104 33.56 -57.16 15.51
CA ARG O 104 33.45 -56.29 16.68
C ARG O 104 34.51 -56.64 17.71
N ALA O 105 34.74 -57.93 17.88
CA ALA O 105 35.78 -58.41 18.79
C ALA O 105 37.16 -58.12 18.20
N ASP O 106 37.47 -58.84 17.13
CA ASP O 106 38.72 -58.83 16.40
C ASP O 106 39.28 -57.46 16.08
N TYR O 107 38.42 -56.48 15.78
CA TYR O 107 38.94 -55.19 15.34
C TYR O 107 38.58 -53.99 16.19
N ALA O 108 37.64 -54.16 17.12
CA ALA O 108 37.32 -53.02 17.97
C ALA O 108 37.69 -53.23 19.45
N GLN O 109 37.89 -52.12 20.17
CA GLN O 109 38.13 -52.18 21.62
C GLN O 109 36.99 -51.50 22.42
N SER O 110 36.72 -50.22 22.12
CA SER O 110 35.68 -49.46 22.81
C SER O 110 34.27 -49.90 22.37
N ILE O 111 33.28 -49.53 23.17
CA ILE O 111 31.89 -49.63 22.77
C ILE O 111 31.61 -48.59 21.69
N ASP O 112 32.13 -47.39 21.87
CA ASP O 112 31.95 -46.35 20.88
C ASP O 112 32.70 -46.59 19.58
N ALA O 113 34.00 -46.92 19.69
CA ALA O 113 34.79 -47.32 18.53
C ALA O 113 34.60 -48.80 18.26
N ASN O 114 33.51 -49.19 17.61
CA ASN O 114 33.26 -50.63 17.45
C ASN O 114 33.31 -51.12 16.01
N ALA O 115 34.11 -50.41 15.22
CA ALA O 115 34.48 -50.78 13.83
C ALA O 115 33.37 -50.71 12.80
N VAL O 116 32.32 -51.47 13.00
CA VAL O 116 31.23 -51.42 12.08
C VAL O 116 29.83 -51.00 12.60
N HIS O 117 28.89 -51.02 11.66
CA HIS O 117 27.49 -50.77 11.91
C HIS O 117 26.71 -51.68 10.97
N GLY O 118 25.63 -52.26 11.46
CA GLY O 118 24.71 -53.02 10.62
C GLY O 118 23.28 -52.53 10.75
N SER O 119 22.37 -53.27 10.14
CA SER O 119 20.95 -52.96 10.18
C SER O 119 20.32 -53.98 11.08
N ASP O 120 19.45 -53.52 11.98
CA ASP O 120 18.86 -54.40 12.99
C ASP O 120 17.62 -55.17 12.51
N SER O 121 16.94 -54.61 11.50
CA SER O 121 15.61 -55.08 11.11
C SER O 121 15.29 -54.77 9.64
N PRO O 122 14.51 -55.65 8.95
CA PRO O 122 14.08 -55.46 7.56
C PRO O 122 13.60 -54.04 7.27
N GLU O 123 12.83 -53.47 8.18
CA GLU O 123 12.40 -52.08 8.07
C GLU O 123 13.54 -51.08 8.24
N SER O 124 14.39 -51.35 9.23
CA SER O 124 15.53 -50.47 9.53
C SER O 124 16.52 -50.41 8.36
N ALA O 125 16.68 -51.57 7.71
CA ALA O 125 17.58 -51.71 6.58
C ALA O 125 17.13 -50.79 5.46
N ALA O 126 15.87 -50.95 5.07
CA ALA O 126 15.23 -50.13 4.05
C ALA O 126 15.41 -48.63 4.22
N ARG O 127 15.19 -48.11 5.43
CA ARG O 127 15.38 -46.67 5.67
C ARG O 127 16.85 -46.28 5.66
N GLU O 128 17.73 -47.19 6.12
CA GLU O 128 19.18 -46.93 6.21
C GLU O 128 19.81 -46.92 4.82
N ILE O 129 19.53 -47.98 4.07
CA ILE O 129 19.96 -48.06 2.69
C ILE O 129 19.46 -46.83 1.94
N ALA O 130 18.16 -46.56 2.07
CA ALA O 130 17.54 -45.41 1.42
C ALA O 130 18.13 -44.10 1.86
N TYR O 131 18.55 -44.03 3.11
CA TYR O 131 19.16 -42.83 3.67
C TYR O 131 20.46 -42.40 2.95
N PHE O 132 21.25 -43.39 2.50
CA PHE O 132 22.63 -43.12 2.01
C PHE O 132 22.80 -43.32 0.52
N PHE O 133 21.95 -44.16 -0.06
CA PHE O 133 22.07 -44.58 -1.45
C PHE O 133 20.78 -44.39 -2.27
N ALA O 134 20.91 -43.94 -3.51
CA ALA O 134 19.74 -43.84 -4.39
C ALA O 134 19.58 -45.20 -4.99
N GLU O 135 18.36 -45.57 -5.34
CA GLU O 135 18.20 -46.92 -5.84
C GLU O 135 19.09 -47.22 -7.02
N SER O 136 19.46 -46.19 -7.78
CA SER O 136 20.19 -46.38 -9.04
C SER O 136 21.72 -46.50 -8.82
N GLU O 137 22.16 -46.24 -7.58
CA GLU O 137 23.57 -46.42 -7.17
C GLU O 137 23.79 -47.82 -6.66
N ILE O 138 22.72 -48.59 -6.48
CA ILE O 138 22.84 -49.96 -6.03
C ILE O 138 22.90 -50.90 -7.23
N CYS O 139 24.12 -51.30 -7.56
CA CYS O 139 24.39 -52.09 -8.75
C CYS O 139 24.27 -53.55 -8.35
N SER O 140 23.03 -53.96 -8.14
CA SER O 140 22.72 -55.28 -7.65
C SER O 140 23.22 -56.37 -8.60
N ARG O 141 23.54 -57.56 -8.04
CA ARG O 141 24.17 -58.69 -8.79
C ARG O 141 24.18 -60.03 -8.02
N ALA P 2 58.09 -38.42 -2.45
CA ALA P 2 57.16 -38.05 -1.33
C ALA P 2 55.82 -38.79 -1.48
N THR P 3 54.88 -38.42 -0.64
CA THR P 3 53.54 -38.97 -0.71
C THR P 3 52.81 -38.59 -2.01
N GLU P 4 52.19 -39.59 -2.63
CA GLU P 4 51.43 -39.40 -3.87
C GLU P 4 50.14 -40.25 -3.96
N ARG P 5 49.31 -39.94 -4.95
CA ARG P 5 47.99 -40.55 -5.11
C ARG P 5 47.94 -41.19 -6.47
N THR P 6 47.13 -42.22 -6.64
CA THR P 6 47.05 -42.93 -7.90
C THR P 6 45.62 -43.40 -7.96
N LEU P 7 45.12 -43.70 -9.15
CA LEU P 7 43.79 -44.24 -9.25
C LEU P 7 43.86 -45.74 -9.43
N SER P 8 43.08 -46.46 -8.67
CA SER P 8 42.99 -47.89 -8.77
C SER P 8 41.55 -48.21 -9.19
N ILE P 9 41.32 -49.40 -9.74
CA ILE P 9 39.98 -49.82 -10.06
C ILE P 9 39.95 -51.31 -9.90
N ILE P 10 38.92 -51.80 -9.24
CA ILE P 10 38.72 -53.24 -9.08
C ILE P 10 37.71 -53.58 -10.15
N LYS P 11 38.18 -54.31 -11.15
CA LYS P 11 37.40 -54.56 -12.36
C LYS P 11 36.23 -55.57 -12.16
N PRO P 12 35.33 -55.69 -13.16
CA PRO P 12 34.12 -56.47 -12.96
C PRO P 12 34.37 -57.95 -12.76
N ASP P 13 35.57 -58.43 -13.04
CA ASP P 13 35.85 -59.86 -12.92
C ASP P 13 36.14 -60.19 -11.48
N ALA P 14 36.92 -59.34 -10.83
CA ALA P 14 37.21 -59.48 -9.40
C ALA P 14 35.95 -59.23 -8.61
N VAL P 15 35.24 -58.17 -8.93
CA VAL P 15 34.02 -57.82 -8.21
C VAL P 15 33.00 -58.98 -8.34
N ALA P 16 32.91 -59.54 -9.52
CA ALA P 16 31.99 -60.66 -9.72
C ALA P 16 32.30 -61.86 -8.82
N LYS P 17 33.56 -62.10 -8.54
CA LYS P 17 33.96 -63.28 -7.75
C LYS P 17 34.12 -62.90 -6.29
N ASN P 18 33.50 -61.80 -5.89
CA ASN P 18 33.57 -61.33 -4.52
C ASN P 18 34.96 -61.43 -3.86
N VAL P 19 35.95 -60.77 -4.46
CA VAL P 19 37.31 -60.75 -3.89
C VAL P 19 37.78 -59.31 -3.66
N ILE P 20 36.84 -58.38 -3.62
CA ILE P 20 37.13 -56.97 -3.32
C ILE P 20 37.93 -56.85 -2.05
N GLY P 21 37.58 -57.65 -1.04
CA GLY P 21 38.25 -57.57 0.26
C GLY P 21 39.72 -57.95 0.17
N GLU P 22 40.00 -59.13 -0.40
CA GLU P 22 41.37 -59.60 -0.53
C GLU P 22 42.23 -58.58 -1.27
N ILE P 23 41.81 -58.24 -2.50
CA ILE P 23 42.47 -57.18 -3.29
C ILE P 23 42.68 -55.93 -2.45
N GLU P 24 41.64 -55.55 -1.73
CA GLU P 24 41.70 -54.36 -0.92
C GLU P 24 42.75 -54.50 0.20
N SER P 25 42.84 -55.69 0.79
CA SER P 25 43.87 -55.98 1.78
C SER P 25 45.33 -55.82 1.27
N ARG P 26 45.59 -56.37 0.09
CA ARG P 26 46.88 -56.24 -0.54
C ARG P 26 47.34 -54.81 -0.68
N PHE P 27 46.43 -53.89 -0.97
CA PHE P 27 46.79 -52.50 -1.01
C PHE P 27 47.11 -52.01 0.39
N GLU P 28 46.25 -52.35 1.33
CA GLU P 28 46.44 -51.91 2.71
C GLU P 28 47.74 -52.47 3.36
N LYS P 29 47.88 -53.79 3.39
CA LYS P 29 49.10 -54.37 3.96
C LYS P 29 50.36 -53.84 3.28
N ALA P 30 50.26 -53.28 2.07
CA ALA P 30 51.44 -52.77 1.36
C ALA P 30 51.70 -51.30 1.69
N GLY P 31 50.98 -50.77 2.68
CA GLY P 31 51.14 -49.36 3.08
C GLY P 31 50.33 -48.31 2.34
N LEU P 32 49.51 -48.72 1.38
CA LEU P 32 48.70 -47.72 0.68
C LEU P 32 47.37 -47.54 1.41
N LYS P 33 46.86 -46.33 1.43
CA LYS P 33 45.54 -46.02 2.04
C LYS P 33 44.45 -45.75 0.99
N ILE P 34 43.35 -46.46 1.10
CA ILE P 34 42.17 -46.11 0.31
C ILE P 34 41.60 -44.78 0.80
N VAL P 35 41.76 -43.71 0.04
CA VAL P 35 41.28 -42.40 0.48
C VAL P 35 40.01 -41.88 -0.28
N ALA P 36 39.34 -42.77 -1.01
CA ALA P 36 38.18 -42.41 -1.82
C ALA P 36 37.82 -43.67 -2.53
N ALA P 37 36.56 -44.09 -2.44
CA ALA P 37 36.08 -45.25 -3.23
C ALA P 37 34.58 -45.15 -3.51
N LYS P 38 34.15 -45.85 -4.56
CA LYS P 38 32.72 -45.91 -4.89
C LYS P 38 32.51 -47.02 -5.87
N MET P 39 31.66 -47.97 -5.50
CA MET P 39 31.20 -49.00 -6.43
C MET P 39 30.17 -48.40 -7.37
N LEU P 40 30.48 -48.40 -8.65
CA LEU P 40 29.52 -47.91 -9.63
C LEU P 40 29.59 -48.72 -10.93
N GLN P 41 28.53 -48.63 -11.72
CA GLN P 41 28.47 -49.33 -12.98
C GLN P 41 28.74 -48.29 -14.02
N LEU P 42 29.78 -48.52 -14.81
CA LEU P 42 30.17 -47.59 -15.83
C LEU P 42 29.21 -47.68 -17.02
N SER P 43 29.05 -46.56 -17.69
CA SER P 43 28.23 -46.44 -18.88
C SER P 43 29.15 -46.35 -20.07
N GLN P 44 28.67 -46.72 -21.27
CA GLN P 44 29.52 -46.67 -22.48
C GLN P 44 30.23 -45.31 -22.61
N GLU P 45 29.53 -44.21 -22.36
CA GLU P 45 30.16 -42.90 -22.33
C GLU P 45 31.29 -42.78 -21.29
N GLN P 46 31.07 -43.33 -20.11
CA GLN P 46 31.97 -43.13 -19.00
C GLN P 46 33.26 -43.86 -19.30
N ALA P 47 33.11 -45.14 -19.64
CA ALA P 47 34.23 -46.00 -20.08
C ALA P 47 35.02 -45.39 -21.23
N GLU P 48 34.34 -45.11 -22.36
CA GLU P 48 34.96 -44.45 -23.54
C GLU P 48 35.72 -43.19 -23.19
N GLY P 49 35.21 -42.41 -22.24
CA GLY P 49 35.88 -41.17 -21.93
C GLY P 49 37.14 -41.44 -21.14
N PHE P 50 37.08 -42.47 -20.27
CA PHE P 50 38.18 -42.80 -19.39
C PHE P 50 39.31 -43.38 -20.18
N TYR P 51 39.01 -44.26 -21.11
CA TYR P 51 40.02 -44.92 -21.95
C TYR P 51 40.10 -44.30 -23.35
N ALA P 52 39.76 -43.01 -23.39
CA ALA P 52 39.68 -42.27 -24.66
C ALA P 52 41.02 -42.35 -25.37
N GLU P 53 42.06 -42.46 -24.56
CA GLU P 53 43.39 -42.74 -25.03
C GLU P 53 43.47 -43.94 -26.01
N HIS P 54 42.79 -45.03 -25.72
CA HIS P 54 42.90 -46.20 -26.59
C HIS P 54 41.82 -46.26 -27.66
N LYS P 55 41.19 -45.12 -27.91
CA LYS P 55 40.04 -45.02 -28.80
C LYS P 55 40.26 -45.56 -30.19
N GLU P 56 41.50 -45.58 -30.66
CA GLU P 56 41.75 -46.11 -32.00
C GLU P 56 42.37 -47.50 -32.05
N ARG P 57 42.54 -48.12 -30.89
CA ARG P 57 43.14 -49.46 -30.78
C ARG P 57 42.14 -50.57 -31.10
N PRO P 58 42.64 -51.74 -31.51
CA PRO P 58 41.75 -52.85 -31.87
C PRO P 58 41.05 -53.52 -30.68
N PHE P 59 41.53 -53.22 -29.46
CA PHE P 59 40.91 -53.70 -28.21
C PHE P 59 39.94 -52.69 -27.55
N PHE P 60 39.77 -51.51 -28.11
CA PHE P 60 39.05 -50.48 -27.43
C PHE P 60 37.62 -50.92 -27.15
N GLY P 61 36.99 -51.53 -28.16
CA GLY P 61 35.61 -51.97 -28.06
C GLY P 61 35.37 -53.04 -27.00
N ASP P 62 36.21 -54.07 -26.97
CA ASP P 62 36.13 -55.12 -25.93
C ASP P 62 36.45 -54.58 -24.54
N LEU P 63 37.56 -53.82 -24.44
CA LEU P 63 37.92 -53.03 -23.26
C LEU P 63 36.75 -52.27 -22.68
N VAL P 64 36.06 -51.49 -23.52
CA VAL P 64 34.91 -50.72 -23.06
C VAL P 64 33.80 -51.69 -22.68
N GLY P 65 33.69 -52.75 -23.47
CA GLY P 65 32.70 -53.80 -23.21
C GLY P 65 32.85 -54.46 -21.85
N PHE P 66 34.05 -54.93 -21.55
CA PHE P 66 34.30 -55.59 -20.29
C PHE P 66 34.24 -54.63 -19.12
N MET P 67 34.88 -53.47 -19.25
CA MET P 67 34.84 -52.44 -18.20
C MET P 67 33.42 -51.93 -17.96
N THR P 68 32.48 -52.43 -18.75
CA THR P 68 31.13 -51.90 -18.69
C THR P 68 30.18 -53.04 -18.37
N SER P 69 30.71 -54.25 -18.49
CA SER P 69 29.96 -55.49 -18.38
C SER P 69 29.45 -55.86 -16.95
N GLY P 70 29.75 -55.01 -15.97
CA GLY P 70 29.42 -55.27 -14.57
C GLY P 70 30.00 -54.17 -13.66
N PRO P 71 29.60 -54.15 -12.39
CA PRO P 71 29.97 -53.06 -11.50
C PRO P 71 31.46 -53.17 -11.23
N VAL P 72 32.04 -52.06 -10.82
CA VAL P 72 33.44 -51.98 -10.45
C VAL P 72 33.60 -51.09 -9.22
N VAL P 73 34.79 -51.06 -8.65
CA VAL P 73 35.03 -50.18 -7.52
C VAL P 73 36.15 -49.24 -7.93
N VAL P 74 35.83 -47.99 -8.17
CA VAL P 74 36.84 -46.98 -8.43
C VAL P 74 37.31 -46.40 -7.11
N GLN P 75 38.57 -45.98 -7.03
CA GLN P 75 39.15 -45.51 -5.76
C GLN P 75 40.47 -44.77 -5.96
N VAL P 76 40.96 -44.13 -4.89
CA VAL P 76 42.21 -43.41 -4.85
C VAL P 76 43.13 -43.92 -3.72
N LEU P 77 44.29 -44.47 -4.11
CA LEU P 77 45.25 -45.04 -3.17
C LEU P 77 46.29 -43.99 -2.86
N GLU P 78 46.35 -43.62 -1.58
CA GLU P 78 47.33 -42.65 -1.10
C GLU P 78 48.45 -43.35 -0.34
N GLY P 79 49.66 -42.81 -0.44
CA GLY P 79 50.77 -43.45 0.23
C GLY P 79 52.12 -43.09 -0.33
N GLU P 80 53.13 -43.81 0.17
CA GLU P 80 54.49 -43.45 -0.12
C GLU P 80 54.81 -43.97 -1.49
N ASN P 81 54.99 -43.07 -2.44
CA ASN P 81 55.25 -43.44 -3.83
C ASN P 81 54.19 -44.45 -4.37
N ALA P 82 52.93 -44.10 -4.24
CA ALA P 82 51.81 -44.97 -4.55
C ALA P 82 51.70 -45.35 -6.03
N ILE P 83 51.96 -44.41 -6.94
CA ILE P 83 51.84 -44.73 -8.37
C ILE P 83 52.65 -46.00 -8.75
N ALA P 84 53.96 -45.94 -8.56
CA ALA P 84 54.85 -47.07 -8.81
C ALA P 84 54.62 -48.26 -7.86
N ALA P 85 54.25 -47.99 -6.60
CA ALA P 85 53.92 -49.04 -5.65
C ALA P 85 52.78 -49.90 -6.17
N ASN P 86 51.76 -49.24 -6.74
CA ASN P 86 50.52 -49.90 -7.11
C ASN P 86 50.77 -50.74 -8.33
N ARG P 87 51.71 -50.30 -9.16
CA ARG P 87 52.09 -51.06 -10.35
C ARG P 87 52.78 -52.36 -9.96
N ASP P 88 53.76 -52.27 -9.06
CA ASP P 88 54.43 -53.48 -8.54
C ASP P 88 53.41 -54.44 -7.95
N LEU P 89 52.47 -53.90 -7.20
CA LEU P 89 51.44 -54.73 -6.64
C LEU P 89 50.60 -55.40 -7.70
N MET P 90 50.10 -54.63 -8.65
CA MET P 90 49.11 -55.19 -9.53
C MET P 90 49.81 -56.23 -10.35
N GLY P 91 51.04 -55.90 -10.75
CA GLY P 91 51.80 -56.74 -11.65
C GLY P 91 51.62 -56.36 -13.10
N ALA P 92 52.36 -57.07 -13.95
CA ALA P 92 52.42 -56.83 -15.38
C ALA P 92 51.02 -56.99 -15.93
N THR P 93 50.67 -56.12 -16.89
CA THR P 93 49.32 -56.08 -17.45
C THR P 93 48.81 -57.45 -17.80
N ASN P 94 49.62 -58.20 -18.55
CA ASN P 94 49.26 -59.55 -18.90
C ASN P 94 49.55 -60.53 -17.76
N PRO P 95 48.51 -61.16 -17.21
CA PRO P 95 48.70 -62.03 -16.06
C PRO P 95 49.80 -63.05 -16.24
N LYS P 96 49.88 -63.62 -17.45
CA LYS P 96 50.83 -64.70 -17.75
C LYS P 96 52.29 -64.25 -17.72
N GLU P 97 52.50 -62.93 -17.76
CA GLU P 97 53.83 -62.34 -17.64
C GLU P 97 54.02 -61.69 -16.30
N ALA P 98 53.03 -61.80 -15.41
CA ALA P 98 53.07 -61.13 -14.11
C ALA P 98 53.87 -61.99 -13.16
N GLU P 99 54.68 -61.39 -12.27
CA GLU P 99 55.39 -62.15 -11.24
C GLU P 99 54.36 -62.82 -10.33
N ALA P 100 54.71 -64.02 -9.87
CA ALA P 100 53.93 -64.76 -8.87
C ALA P 100 53.76 -63.87 -7.63
N GLY P 101 52.65 -64.06 -6.94
CA GLY P 101 52.33 -63.21 -5.79
C GLY P 101 51.61 -61.91 -6.08
N THR P 102 51.69 -61.43 -7.32
CA THR P 102 50.99 -60.20 -7.70
C THR P 102 49.48 -60.37 -7.82
N ILE P 103 48.79 -59.24 -7.73
CA ILE P 103 47.36 -59.29 -7.83
C ILE P 103 46.89 -59.93 -9.14
N ARG P 104 47.46 -59.47 -10.26
CA ARG P 104 47.06 -59.98 -11.54
C ARG P 104 47.37 -61.45 -11.68
N ALA P 105 48.53 -61.85 -11.14
CA ALA P 105 49.00 -63.24 -11.20
C ALA P 105 48.05 -64.14 -10.43
N ASP P 106 47.46 -63.59 -9.36
CA ASP P 106 46.60 -64.37 -8.47
C ASP P 106 45.11 -64.40 -8.85
N TYR P 107 44.66 -63.32 -9.50
CA TYR P 107 43.24 -63.11 -9.72
C TYR P 107 42.80 -62.95 -11.17
N ALA P 108 43.73 -62.61 -12.06
CA ALA P 108 43.42 -62.40 -13.46
C ALA P 108 42.94 -63.68 -14.09
N GLN P 109 42.11 -63.53 -15.12
CA GLN P 109 41.57 -64.70 -15.83
C GLN P 109 41.98 -64.70 -17.28
N SER P 110 42.27 -63.49 -17.80
CA SER P 110 42.83 -63.29 -19.16
C SER P 110 43.48 -61.95 -19.28
N ILE P 111 43.93 -61.63 -20.49
CA ILE P 111 44.61 -60.35 -20.76
C ILE P 111 43.72 -59.17 -20.45
N ASP P 112 42.43 -59.30 -20.74
CA ASP P 112 41.49 -58.21 -20.57
C ASP P 112 41.04 -58.17 -19.12
N ALA P 113 40.53 -59.31 -18.63
CA ALA P 113 40.01 -59.42 -17.26
C ALA P 113 41.15 -59.62 -16.26
N ASN P 114 41.99 -58.61 -16.12
CA ASN P 114 43.16 -58.70 -15.29
C ASN P 114 42.88 -58.11 -13.92
N ALA P 115 41.59 -58.09 -13.55
CA ALA P 115 41.11 -57.76 -12.18
C ALA P 115 41.33 -56.32 -11.65
N VAL P 116 42.48 -55.70 -11.92
CA VAL P 116 42.73 -54.34 -11.39
C VAL P 116 43.31 -53.37 -12.41
N HIS P 117 43.02 -52.10 -12.23
CA HIS P 117 43.60 -51.06 -13.05
C HIS P 117 44.36 -50.14 -12.13
N GLY P 118 45.41 -49.50 -12.63
CA GLY P 118 46.11 -48.53 -11.80
C GLY P 118 46.80 -47.53 -12.68
N SER P 119 46.87 -46.30 -12.22
CA SER P 119 47.45 -45.24 -13.01
C SER P 119 48.90 -45.61 -13.26
N ASP P 120 49.40 -45.34 -14.46
CA ASP P 120 50.73 -45.77 -14.89
C ASP P 120 51.81 -44.65 -14.86
N SER P 121 51.39 -43.42 -14.57
CA SER P 121 52.30 -42.30 -14.53
C SER P 121 51.66 -41.13 -13.81
N PRO P 122 52.50 -40.20 -13.28
CA PRO P 122 51.98 -39.09 -12.48
C PRO P 122 51.09 -38.24 -13.35
N GLU P 123 51.55 -38.02 -14.57
CA GLU P 123 50.76 -37.42 -15.58
C GLU P 123 49.36 -38.02 -15.46
N SER P 124 49.25 -39.30 -15.84
CA SER P 124 47.94 -39.94 -16.03
C SER P 124 47.23 -40.21 -14.69
N ALA P 125 48.00 -40.24 -13.61
CA ALA P 125 47.44 -40.35 -12.26
C ALA P 125 46.43 -39.23 -12.04
N ALA P 126 46.85 -38.02 -12.38
CA ALA P 126 46.08 -36.82 -12.13
C ALA P 126 44.82 -36.79 -12.99
N ARG P 127 44.96 -37.29 -14.21
CA ARG P 127 43.85 -37.31 -15.15
C ARG P 127 42.82 -38.31 -14.67
N GLU P 128 43.29 -39.53 -14.37
CA GLU P 128 42.39 -40.59 -13.97
C GLU P 128 41.66 -40.29 -12.64
N ILE P 129 42.34 -39.64 -11.71
CA ILE P 129 41.67 -39.29 -10.46
C ILE P 129 40.60 -38.23 -10.68
N ALA P 130 40.98 -37.13 -11.33
CA ALA P 130 40.07 -36.02 -11.66
C ALA P 130 38.85 -36.44 -12.44
N TYR P 131 38.94 -37.55 -13.16
CA TYR P 131 37.88 -38.01 -14.02
C TYR P 131 36.81 -38.62 -13.18
N PHE P 132 37.23 -39.44 -12.22
CA PHE P 132 36.29 -40.22 -11.46
C PHE P 132 35.85 -39.55 -10.17
N PHE P 133 36.68 -38.67 -9.65
CA PHE P 133 36.47 -38.15 -8.32
C PHE P 133 36.57 -36.63 -8.31
N ALA P 134 35.79 -35.99 -7.46
CA ALA P 134 35.98 -34.56 -7.21
C ALA P 134 36.95 -34.48 -6.07
N GLU P 135 37.86 -33.51 -6.12
CA GLU P 135 38.80 -33.29 -5.04
C GLU P 135 38.18 -33.34 -3.64
N SER P 136 36.86 -33.26 -3.53
CA SER P 136 36.20 -33.17 -2.25
C SER P 136 35.69 -34.51 -1.75
N GLU P 137 35.72 -35.53 -2.60
CA GLU P 137 35.32 -36.89 -2.17
C GLU P 137 36.56 -37.70 -1.80
N ILE P 138 37.70 -37.00 -1.77
CA ILE P 138 39.01 -37.54 -1.44
C ILE P 138 39.43 -37.03 -0.06
N CYS P 139 39.26 -37.90 0.94
CA CYS P 139 39.60 -37.59 2.32
C CYS P 139 40.90 -38.27 2.74
N SER P 140 41.98 -37.49 2.81
CA SER P 140 43.29 -38.01 3.28
C SER P 140 43.33 -38.38 4.79
N ARG P 141 44.33 -39.16 5.19
CA ARG P 141 44.46 -39.63 6.58
C ARG P 141 45.93 -39.67 7.09
#